data_2EGD
# 
_entry.id   2EGD 
# 
_audit_conform.dict_name       mmcif_pdbx.dic 
_audit_conform.dict_version    5.380 
_audit_conform.dict_location   http://mmcif.pdb.org/dictionaries/ascii/mmcif_pdbx.dic 
# 
loop_
_database_2.database_id 
_database_2.database_code 
_database_2.pdbx_database_accession 
_database_2.pdbx_DOI 
PDB   2EGD         pdb_00002egd 10.2210/pdb2egd/pdb 
RCSB  RCSB026631   ?            ?                   
WWPDB D_1000026631 ?            ?                   
# 
_pdbx_database_status.status_code                     REL 
_pdbx_database_status.entry_id                        2EGD 
_pdbx_database_status.recvd_initial_deposition_date   2007-02-28 
_pdbx_database_status.deposit_site                    PDBJ 
_pdbx_database_status.process_site                    PDBJ 
_pdbx_database_status.status_code_sf                  REL 
_pdbx_database_status.status_code_mr                  ? 
_pdbx_database_status.SG_entry                        ? 
_pdbx_database_status.pdb_format_compatible           Y 
_pdbx_database_status.status_code_cs                  ? 
_pdbx_database_status.status_code_nmr_data            ? 
_pdbx_database_status.methods_development_category    ? 
# 
loop_
_audit_author.name 
_audit_author.pdbx_ordinal 
'Imai, F.L.'   1 
'Nagata, K.'   2 
'Yonezawa, N.' 3 
'Nakano, M.'   4 
'Tanokura, M.' 5 
# 
loop_
_citation.id 
_citation.title 
_citation.journal_abbrev 
_citation.journal_volume 
_citation.page_first 
_citation.page_last 
_citation.year 
_citation.journal_id_ASTM 
_citation.country 
_citation.journal_id_ISSN 
_citation.journal_id_CSD 
_citation.book_publisher 
_citation.pdbx_database_id_PubMed 
_citation.pdbx_database_id_DOI 
primary 'Crystal structure of human S100A13 in the Ca2+-bound state'      'Acta Crystallogr.,Sect.F' 64 70   76   2008 ? DK 
1744-3091 ? ? 18259052 10.1107/S1744309107068236 
1       'Crystallization and preliminary X-ray analysis of human S100A13' 'Acta Crystallogr.,Sect.F' 62 1144 1146 2006 ? DK 
1744-3091 ? ? 17077500 10.1107/S1744309106042473 
# 
loop_
_citation_author.citation_id 
_citation_author.name 
_citation_author.ordinal 
_citation_author.identifier_ORCID 
primary 'Imai, F.L.'   1  ? 
primary 'Nagata, K.'   2  ? 
primary 'Yonezawa, N.' 3  ? 
primary 'Nakano, M.'   4  ? 
primary 'Tanokura, M.' 5  ? 
1       'Imai, F.L.'   6  ? 
1       'Nagata, K.'   7  ? 
1       'Yonezawa, N.' 8  ? 
1       'Yu, J.'       9  ? 
1       'Ito, E.'      10 ? 
1       'Kanai, S.'    11 ? 
1       'Tanokura, M.' 12 ? 
1       'Nakano, M.'   13 ? 
# 
_cell.entry_id           2EGD 
_cell.length_a           39.774 
_cell.length_b           59.287 
_cell.length_c           77.624 
_cell.angle_alpha        90.00 
_cell.angle_beta         90.00 
_cell.angle_gamma        90.00 
_cell.Z_PDB              8 
_cell.pdbx_unique_axis   ? 
_cell.length_a_esd       ? 
_cell.length_b_esd       ? 
_cell.length_c_esd       ? 
_cell.angle_alpha_esd    ? 
_cell.angle_beta_esd     ? 
_cell.angle_gamma_esd    ? 
# 
_symmetry.entry_id                         2EGD 
_symmetry.space_group_name_H-M             'P 21 21 21' 
_symmetry.pdbx_full_space_group_name_H-M   ? 
_symmetry.cell_setting                     ? 
_symmetry.Int_Tables_number                19 
_symmetry.space_group_name_Hall            ? 
# 
loop_
_entity.id 
_entity.type 
_entity.src_method 
_entity.pdbx_description 
_entity.formula_weight 
_entity.pdbx_number_of_molecules 
_entity.pdbx_ec 
_entity.pdbx_mutation 
_entity.pdbx_fragment 
_entity.details 
1 polymer     man 'Protein S100-A13' 11490.193 2  ? ? ? ? 
2 non-polymer syn 'CALCIUM ION'      40.078    4  ? ? ? ? 
3 water       nat water              18.015    34 ? ? ? ? 
# 
_entity_name_com.entity_id   1 
_entity_name_com.name        'S100 calcium-binding protein A13' 
# 
_entity_poly.entity_id                      1 
_entity_poly.type                           'polypeptide(L)' 
_entity_poly.nstd_linkage                   no 
_entity_poly.nstd_monomer                   no 
_entity_poly.pdbx_seq_one_letter_code       
;MAAEPLTELEESIETVVTTFFTFARQEGRKDSLSVNEFKELVTQQLPHLLKDVGSLDEKMKSLDVNQDSELKFNEYWRLI
GELAKEIRKKKDLKIRKK
;
_entity_poly.pdbx_seq_one_letter_code_can   
;MAAEPLTELEESIETVVTTFFTFARQEGRKDSLSVNEFKELVTQQLPHLLKDVGSLDEKMKSLDVNQDSELKFNEYWRLI
GELAKEIRKKKDLKIRKK
;
_entity_poly.pdbx_strand_id                 A,B 
_entity_poly.pdbx_target_identifier         ? 
# 
loop_
_entity_poly_seq.entity_id 
_entity_poly_seq.num 
_entity_poly_seq.mon_id 
_entity_poly_seq.hetero 
1 1  MET n 
1 2  ALA n 
1 3  ALA n 
1 4  GLU n 
1 5  PRO n 
1 6  LEU n 
1 7  THR n 
1 8  GLU n 
1 9  LEU n 
1 10 GLU n 
1 11 GLU n 
1 12 SER n 
1 13 ILE n 
1 14 GLU n 
1 15 THR n 
1 16 VAL n 
1 17 VAL n 
1 18 THR n 
1 19 THR n 
1 20 PHE n 
1 21 PHE n 
1 22 THR n 
1 23 PHE n 
1 24 ALA n 
1 25 ARG n 
1 26 GLN n 
1 27 GLU n 
1 28 GLY n 
1 29 ARG n 
1 30 LYS n 
1 31 ASP n 
1 32 SER n 
1 33 LEU n 
1 34 SER n 
1 35 VAL n 
1 36 ASN n 
1 37 GLU n 
1 38 PHE n 
1 39 LYS n 
1 40 GLU n 
1 41 LEU n 
1 42 VAL n 
1 43 THR n 
1 44 GLN n 
1 45 GLN n 
1 46 LEU n 
1 47 PRO n 
1 48 HIS n 
1 49 LEU n 
1 50 LEU n 
1 51 LYS n 
1 52 ASP n 
1 53 VAL n 
1 54 GLY n 
1 55 SER n 
1 56 LEU n 
1 57 ASP n 
1 58 GLU n 
1 59 LYS n 
1 60 MET n 
1 61 LYS n 
1 62 SER n 
1 63 LEU n 
1 64 ASP n 
1 65 VAL n 
1 66 ASN n 
1 67 GLN n 
1 68 ASP n 
1 69 SER n 
1 70 GLU n 
1 71 LEU n 
1 72 LYS n 
1 73 PHE n 
1 74 ASN n 
1 75 GLU n 
1 76 TYR n 
1 77 TRP n 
1 78 ARG n 
1 79 LEU n 
1 80 ILE n 
1 81 GLY n 
1 82 GLU n 
1 83 LEU n 
1 84 ALA n 
1 85 LYS n 
1 86 GLU n 
1 87 ILE n 
1 88 ARG n 
1 89 LYS n 
1 90 LYS n 
1 91 LYS n 
1 92 ASP n 
1 93 LEU n 
1 94 LYS n 
1 95 ILE n 
1 96 ARG n 
1 97 LYS n 
1 98 LYS n 
# 
_entity_src_gen.entity_id                          1 
_entity_src_gen.pdbx_src_id                        1 
_entity_src_gen.pdbx_alt_source_flag               sample 
_entity_src_gen.pdbx_seq_type                      ? 
_entity_src_gen.pdbx_beg_seq_num                   ? 
_entity_src_gen.pdbx_end_seq_num                   ? 
_entity_src_gen.gene_src_common_name               human 
_entity_src_gen.gene_src_genus                     Homo 
_entity_src_gen.pdbx_gene_src_gene                 S100A13 
_entity_src_gen.gene_src_species                   ? 
_entity_src_gen.gene_src_strain                    ? 
_entity_src_gen.gene_src_tissue                    ? 
_entity_src_gen.gene_src_tissue_fraction           ? 
_entity_src_gen.gene_src_details                   ? 
_entity_src_gen.pdbx_gene_src_fragment             ? 
_entity_src_gen.pdbx_gene_src_scientific_name      'Homo sapiens' 
_entity_src_gen.pdbx_gene_src_ncbi_taxonomy_id     9606 
_entity_src_gen.pdbx_gene_src_variant              ? 
_entity_src_gen.pdbx_gene_src_cell_line            ? 
_entity_src_gen.pdbx_gene_src_atcc                 ? 
_entity_src_gen.pdbx_gene_src_organ                ? 
_entity_src_gen.pdbx_gene_src_organelle            ? 
_entity_src_gen.pdbx_gene_src_cell                 ? 
_entity_src_gen.pdbx_gene_src_cellular_location    ? 
_entity_src_gen.host_org_common_name               ? 
_entity_src_gen.pdbx_host_org_scientific_name      'Escherichia coli BL21(DE3)' 
_entity_src_gen.pdbx_host_org_ncbi_taxonomy_id     469008 
_entity_src_gen.host_org_genus                     Escherichia 
_entity_src_gen.pdbx_host_org_gene                 ? 
_entity_src_gen.pdbx_host_org_organ                ? 
_entity_src_gen.host_org_species                   'Escherichia coli' 
_entity_src_gen.pdbx_host_org_tissue               ? 
_entity_src_gen.pdbx_host_org_tissue_fraction      ? 
_entity_src_gen.pdbx_host_org_strain               'BL21(DE3)' 
_entity_src_gen.pdbx_host_org_variant              ? 
_entity_src_gen.pdbx_host_org_cell_line            ? 
_entity_src_gen.pdbx_host_org_atcc                 ? 
_entity_src_gen.pdbx_host_org_culture_collection   ? 
_entity_src_gen.pdbx_host_org_cell                 ? 
_entity_src_gen.pdbx_host_org_organelle            ? 
_entity_src_gen.pdbx_host_org_cellular_location    ? 
_entity_src_gen.pdbx_host_org_vector_type          PLASMID 
_entity_src_gen.pdbx_host_org_vector               ? 
_entity_src_gen.host_org_details                   ? 
_entity_src_gen.expression_system_id               ? 
_entity_src_gen.plasmid_name                       pET-16b 
_entity_src_gen.plasmid_details                    ? 
_entity_src_gen.pdbx_description                   ? 
# 
_struct_ref.id                         1 
_struct_ref.db_name                    UNP 
_struct_ref.db_code                    S10AD_HUMAN 
_struct_ref.pdbx_db_accession          Q99584 
_struct_ref.entity_id                  1 
_struct_ref.pdbx_seq_one_letter_code   
;MAAEPLTELEESIETVVTTFFTFARQEGRKDSLSVNEFKELVTQQLPHLLKDVGSLDEKMKSLDVNQDSELKFNEYWRLI
GELAKEIRKKKDLKIRKK
;
_struct_ref.pdbx_align_begin           1 
_struct_ref.pdbx_db_isoform            ? 
# 
loop_
_struct_ref_seq.align_id 
_struct_ref_seq.ref_id 
_struct_ref_seq.pdbx_PDB_id_code 
_struct_ref_seq.pdbx_strand_id 
_struct_ref_seq.seq_align_beg 
_struct_ref_seq.pdbx_seq_align_beg_ins_code 
_struct_ref_seq.seq_align_end 
_struct_ref_seq.pdbx_seq_align_end_ins_code 
_struct_ref_seq.pdbx_db_accession 
_struct_ref_seq.db_align_beg 
_struct_ref_seq.pdbx_db_align_beg_ins_code 
_struct_ref_seq.db_align_end 
_struct_ref_seq.pdbx_db_align_end_ins_code 
_struct_ref_seq.pdbx_auth_seq_align_beg 
_struct_ref_seq.pdbx_auth_seq_align_end 
1 1 2EGD A 1 ? 98 ? Q99584 1 ? 98 ? 1 98 
2 1 2EGD B 1 ? 98 ? Q99584 1 ? 98 ? 1 98 
# 
loop_
_chem_comp.id 
_chem_comp.type 
_chem_comp.mon_nstd_flag 
_chem_comp.name 
_chem_comp.pdbx_synonyms 
_chem_comp.formula 
_chem_comp.formula_weight 
ALA 'L-peptide linking' y ALANINE         ? 'C3 H7 N O2'     89.093  
ARG 'L-peptide linking' y ARGININE        ? 'C6 H15 N4 O2 1' 175.209 
ASN 'L-peptide linking' y ASPARAGINE      ? 'C4 H8 N2 O3'    132.118 
ASP 'L-peptide linking' y 'ASPARTIC ACID' ? 'C4 H7 N O4'     133.103 
CA  non-polymer         . 'CALCIUM ION'   ? 'Ca 2'           40.078  
GLN 'L-peptide linking' y GLUTAMINE       ? 'C5 H10 N2 O3'   146.144 
GLU 'L-peptide linking' y 'GLUTAMIC ACID' ? 'C5 H9 N O4'     147.129 
GLY 'peptide linking'   y GLYCINE         ? 'C2 H5 N O2'     75.067  
HIS 'L-peptide linking' y HISTIDINE       ? 'C6 H10 N3 O2 1' 156.162 
HOH non-polymer         . WATER           ? 'H2 O'           18.015  
ILE 'L-peptide linking' y ISOLEUCINE      ? 'C6 H13 N O2'    131.173 
LEU 'L-peptide linking' y LEUCINE         ? 'C6 H13 N O2'    131.173 
LYS 'L-peptide linking' y LYSINE          ? 'C6 H15 N2 O2 1' 147.195 
MET 'L-peptide linking' y METHIONINE      ? 'C5 H11 N O2 S'  149.211 
PHE 'L-peptide linking' y PHENYLALANINE   ? 'C9 H11 N O2'    165.189 
PRO 'L-peptide linking' y PROLINE         ? 'C5 H9 N O2'     115.130 
SER 'L-peptide linking' y SERINE          ? 'C3 H7 N O3'     105.093 
THR 'L-peptide linking' y THREONINE       ? 'C4 H9 N O3'     119.119 
TRP 'L-peptide linking' y TRYPTOPHAN      ? 'C11 H12 N2 O2'  204.225 
TYR 'L-peptide linking' y TYROSINE        ? 'C9 H11 N O3'    181.189 
VAL 'L-peptide linking' y VALINE          ? 'C5 H11 N O2'    117.146 
# 
_exptl.entry_id          2EGD 
_exptl.method            'X-RAY DIFFRACTION' 
_exptl.crystals_number   1 
# 
_exptl_crystal.id                    1 
_exptl_crystal.density_meas          ? 
_exptl_crystal.density_Matthews      1.99 
_exptl_crystal.density_percent_sol   38.22 
_exptl_crystal.description           ? 
_exptl_crystal.F_000                 ? 
_exptl_crystal.preparation           ? 
# 
_exptl_crystal_grow.crystal_id      1 
_exptl_crystal_grow.method          'VAPOR DIFFUSION, HANGING DROP' 
_exptl_crystal_grow.temp            293 
_exptl_crystal_grow.temp_details    ? 
_exptl_crystal_grow.pH              7.5 
_exptl_crystal_grow.pdbx_details    
'22% PEG 3350, 0.1M HEPES-NaOH (pH 7.5), 0.2M NaCl, 1.5% 1,2,3-heptanetriol, VAPOR DIFFUSION, HANGING DROP, temperature 293K' 
_exptl_crystal_grow.pdbx_pH_range   . 
# 
_diffrn.id                     1 
_diffrn.ambient_temp           100 
_diffrn.ambient_temp_details   ? 
_diffrn.crystal_id             1 
# 
_diffrn_detector.diffrn_id              1 
_diffrn_detector.detector               CCD 
_diffrn_detector.type                   'ADSC QUANTUM 315' 
_diffrn_detector.pdbx_collection_date   2006-06-30 
_diffrn_detector.details                'Rotated-inclined double-crystal monochromator, rhodium-coated horizontal mirror' 
# 
_diffrn_radiation.diffrn_id                        1 
_diffrn_radiation.wavelength_id                    1 
_diffrn_radiation.pdbx_monochromatic_or_laue_m_l   M 
_diffrn_radiation.monochromator                    
'Rotated-inclined double-crystal monochromator, rhodium-coated horizontal mirror.' 
_diffrn_radiation.pdbx_diffrn_protocol             'SINGLE WAVELENGTH' 
_diffrn_radiation.pdbx_scattering_type             x-ray 
# 
_diffrn_radiation_wavelength.id           1 
_diffrn_radiation_wavelength.wavelength   1.0000 
_diffrn_radiation_wavelength.wt           1.0 
# 
_diffrn_source.diffrn_id                   1 
_diffrn_source.source                      SYNCHROTRON 
_diffrn_source.type                        'SPRING-8 BEAMLINE BL41XU' 
_diffrn_source.pdbx_synchrotron_site       SPring-8 
_diffrn_source.pdbx_synchrotron_beamline   BL41XU 
_diffrn_source.pdbx_wavelength             ? 
_diffrn_source.pdbx_wavelength_list        1.0000 
# 
_reflns.entry_id                     2EGD 
_reflns.observed_criterion_sigma_F   ? 
_reflns.observed_criterion_sigma_I   3.4 
_reflns.d_resolution_high            1.80 
_reflns.d_resolution_low             50.0 
_reflns.number_all                   ? 
_reflns.number_obs                   17786 
_reflns.percent_possible_obs         99.1 
_reflns.pdbx_Rmerge_I_obs            ? 
_reflns.pdbx_Rsym_value              0.066 
_reflns.pdbx_netI_over_sigmaI        31.5 
_reflns.B_iso_Wilson_estimate        ? 
_reflns.pdbx_redundancy              6.9 
_reflns.R_free_details               ? 
_reflns.limit_h_max                  ? 
_reflns.limit_h_min                  ? 
_reflns.limit_k_max                  ? 
_reflns.limit_k_min                  ? 
_reflns.limit_l_max                  ? 
_reflns.limit_l_min                  ? 
_reflns.observed_criterion_F_max     ? 
_reflns.observed_criterion_F_min     ? 
_reflns.pdbx_chi_squared             ? 
_reflns.pdbx_scaling_rejects         ? 
_reflns.pdbx_ordinal                 1 
_reflns.pdbx_diffrn_id               1 
# 
_reflns_shell.d_res_high             1.80 
_reflns_shell.d_res_low              1.86 
_reflns_shell.percent_possible_all   93.0 
_reflns_shell.Rmerge_I_obs           ? 
_reflns_shell.pdbx_Rsym_value        0.335 
_reflns_shell.meanI_over_sigI_obs    3.4 
_reflns_shell.pdbx_redundancy        6.3 
_reflns_shell.percent_possible_obs   ? 
_reflns_shell.number_unique_all      ? 
_reflns_shell.number_measured_all    ? 
_reflns_shell.number_measured_obs    ? 
_reflns_shell.number_unique_obs      ? 
_reflns_shell.pdbx_chi_squared       ? 
_reflns_shell.pdbx_ordinal           1 
_reflns_shell.pdbx_diffrn_id         1 
# 
_refine.entry_id                                 2EGD 
_refine.ls_number_reflns_obs                     16683 
_refine.ls_number_reflns_all                     ? 
_refine.pdbx_ls_sigma_I                          ? 
_refine.pdbx_ls_sigma_F                          ? 
_refine.pdbx_data_cutoff_high_absF               ? 
_refine.pdbx_data_cutoff_low_absF                ? 
_refine.pdbx_data_cutoff_high_rms_absF           ? 
_refine.ls_d_res_low                             47.14 
_refine.ls_d_res_high                            1.80 
_refine.ls_percent_reflns_obs                    99.17 
_refine.ls_R_factor_obs                          0.19732 
_refine.ls_R_factor_all                          ? 
_refine.ls_R_factor_R_work                       0.19541 
_refine.ls_R_factor_R_free                       0.23418 
_refine.ls_R_factor_R_free_error                 ? 
_refine.ls_R_factor_R_free_error_details         ? 
_refine.ls_percent_reflns_R_free                 5.1 
_refine.ls_number_reflns_R_free                  897 
_refine.ls_number_parameters                     ? 
_refine.ls_number_restraints                     ? 
_refine.occupancy_min                            ? 
_refine.occupancy_max                            ? 
_refine.correlation_coeff_Fo_to_Fc               0.952 
_refine.correlation_coeff_Fo_to_Fc_free          0.936 
_refine.B_iso_mean                               24.001 
_refine.aniso_B[1][1]                            0.00 
_refine.aniso_B[2][2]                            0.00 
_refine.aniso_B[3][3]                            0.00 
_refine.aniso_B[1][2]                            0.00 
_refine.aniso_B[1][3]                            0.00 
_refine.aniso_B[2][3]                            0.00 
_refine.solvent_model_details                    MASK 
_refine.solvent_model_param_ksol                 ? 
_refine.solvent_model_param_bsol                 ? 
_refine.pdbx_solvent_vdw_probe_radii             1.20 
_refine.pdbx_solvent_ion_probe_radii             0.80 
_refine.pdbx_solvent_shrinkage_radii             0.80 
_refine.pdbx_ls_cross_valid_method               THROUGHOUT 
_refine.details                                  'HYDROGENS HAVE BEEN ADDED IN THE RIDING POSITIONS' 
_refine.pdbx_starting_model                      'PDB ENTRY 1XK4' 
_refine.pdbx_method_to_determine_struct          'MOLECULAR REPLACEMENT' 
_refine.pdbx_isotropic_thermal_model             Isotropic 
_refine.pdbx_stereochemistry_target_values       'MAXIMUM LIKELIHOOD' 
_refine.pdbx_stereochem_target_val_spec_case     ? 
_refine.pdbx_R_Free_selection_details            RANDOM 
_refine.pdbx_overall_ESU_R                       0.129 
_refine.pdbx_overall_ESU_R_Free                  0.125 
_refine.overall_SU_ML                            0.081 
_refine.overall_SU_B                             4.972 
_refine.ls_redundancy_reflns_obs                 ? 
_refine.B_iso_min                                ? 
_refine.B_iso_max                                ? 
_refine.overall_SU_R_Cruickshank_DPI             ? 
_refine.overall_SU_R_free                        ? 
_refine.ls_wR_factor_R_free                      ? 
_refine.ls_wR_factor_R_work                      ? 
_refine.overall_FOM_free_R_set                   ? 
_refine.overall_FOM_work_R_set                   ? 
_refine.pdbx_overall_phase_error                 ? 
_refine.pdbx_refine_id                           'X-RAY DIFFRACTION' 
_refine.pdbx_TLS_residual_ADP_flag               'LIKELY RESIDUAL' 
_refine.pdbx_diffrn_id                           1 
_refine.pdbx_overall_SU_R_free_Cruickshank_DPI   ? 
_refine.pdbx_overall_SU_R_Blow_DPI               ? 
_refine.pdbx_overall_SU_R_free_Blow_DPI          ? 
# 
_refine_hist.pdbx_refine_id                   'X-RAY DIFFRACTION' 
_refine_hist.cycle_id                         LAST 
_refine_hist.pdbx_number_atoms_protein        1383 
_refine_hist.pdbx_number_atoms_nucleic_acid   0 
_refine_hist.pdbx_number_atoms_ligand         4 
_refine_hist.number_atoms_solvent             34 
_refine_hist.number_atoms_total               1421 
_refine_hist.d_res_high                       1.80 
_refine_hist.d_res_low                        47.14 
# 
loop_
_refine_ls_restr.type 
_refine_ls_restr.dev_ideal 
_refine_ls_restr.dev_ideal_target 
_refine_ls_restr.weight 
_refine_ls_restr.number 
_refine_ls_restr.pdbx_refine_id 
_refine_ls_restr.pdbx_restraint_function 
r_bond_refined_d             0.018  0.022  ? 1402 'X-RAY DIFFRACTION' ? 
r_bond_other_d               ?      ?      ? ?    'X-RAY DIFFRACTION' ? 
r_angle_refined_deg          1.467  1.970  ? 1889 'X-RAY DIFFRACTION' ? 
r_angle_other_deg            ?      ?      ? ?    'X-RAY DIFFRACTION' ? 
r_dihedral_angle_1_deg       5.232  5.000  ? 175  'X-RAY DIFFRACTION' ? 
r_dihedral_angle_2_deg       29.698 26.000 ? 60   'X-RAY DIFFRACTION' ? 
r_dihedral_angle_3_deg       12.271 15.000 ? 266  'X-RAY DIFFRACTION' ? 
r_dihedral_angle_4_deg       15.278 15.000 ? 4    'X-RAY DIFFRACTION' ? 
r_chiral_restr               0.114  0.200  ? 225  'X-RAY DIFFRACTION' ? 
r_gen_planes_refined         0.007  0.020  ? 1006 'X-RAY DIFFRACTION' ? 
r_gen_planes_other           ?      ?      ? ?    'X-RAY DIFFRACTION' ? 
r_nbd_refined                0.214  0.200  ? 697  'X-RAY DIFFRACTION' ? 
r_nbd_other                  ?      ?      ? ?    'X-RAY DIFFRACTION' ? 
r_nbtor_refined              0.308  0.200  ? 1017 'X-RAY DIFFRACTION' ? 
r_nbtor_other                ?      ?      ? ?    'X-RAY DIFFRACTION' ? 
r_xyhbond_nbd_refined        0.143  0.200  ? 55   'X-RAY DIFFRACTION' ? 
r_xyhbond_nbd_other          ?      ?      ? ?    'X-RAY DIFFRACTION' ? 
r_metal_ion_refined          0.083  0.200  ? 18   'X-RAY DIFFRACTION' ? 
r_metal_ion_other            ?      ?      ? ?    'X-RAY DIFFRACTION' ? 
r_symmetry_vdw_refined       0.152  0.200  ? 24   'X-RAY DIFFRACTION' ? 
r_symmetry_vdw_other         ?      ?      ? ?    'X-RAY DIFFRACTION' ? 
r_symmetry_hbond_refined     0.213  0.200  ? 4    'X-RAY DIFFRACTION' ? 
r_symmetry_hbond_other       ?      ?      ? ?    'X-RAY DIFFRACTION' ? 
r_symmetry_metal_ion_refined ?      ?      ? ?    'X-RAY DIFFRACTION' ? 
r_symmetry_metal_ion_other   ?      ?      ? ?    'X-RAY DIFFRACTION' ? 
r_mcbond_it                  0.859  1.500  ? 908  'X-RAY DIFFRACTION' ? 
r_mcbond_other               ?      ?      ? ?    'X-RAY DIFFRACTION' ? 
r_mcangle_it                 1.146  2.000  ? 1417 'X-RAY DIFFRACTION' ? 
r_scbond_it                  2.064  3.000  ? 557  'X-RAY DIFFRACTION' ? 
r_scangle_it                 2.993  4.500  ? 472  'X-RAY DIFFRACTION' ? 
r_rigid_bond_restr           ?      ?      ? ?    'X-RAY DIFFRACTION' ? 
r_sphericity_free            ?      ?      ? ?    'X-RAY DIFFRACTION' ? 
r_sphericity_bonded          ?      ?      ? ?    'X-RAY DIFFRACTION' ? 
# 
_refine_ls_shell.pdbx_total_number_of_bins_used   20 
_refine_ls_shell.d_res_high                       1.796 
_refine_ls_shell.d_res_low                        1.843 
_refine_ls_shell.number_reflns_R_work             1104 
_refine_ls_shell.R_factor_R_work                  0.199 
_refine_ls_shell.percent_reflns_obs               91.86 
_refine_ls_shell.R_factor_R_free                  0.285 
_refine_ls_shell.R_factor_R_free_error            ? 
_refine_ls_shell.percent_reflns_R_free            ? 
_refine_ls_shell.number_reflns_R_free             70 
_refine_ls_shell.number_reflns_all                ? 
_refine_ls_shell.R_factor_all                     ? 
_refine_ls_shell.number_reflns_obs                ? 
_refine_ls_shell.redundancy_reflns_obs            ? 
_refine_ls_shell.pdbx_refine_id                   'X-RAY DIFFRACTION' 
# 
_struct.entry_id                  2EGD 
_struct.title                     'Crystal structure of human S100A13 in the Ca2+-bound state' 
_struct.pdbx_model_details        ? 
_struct.pdbx_CASP_flag            ? 
_struct.pdbx_model_type_details   ? 
# 
_struct_keywords.entry_id        2EGD 
_struct_keywords.pdbx_keywords   'METAL BINDING PROTEIN' 
_struct_keywords.text            'EF-HAND, METAL BINDING PROTEIN' 
# 
loop_
_struct_asym.id 
_struct_asym.pdbx_blank_PDB_chainid_flag 
_struct_asym.pdbx_modified 
_struct_asym.entity_id 
_struct_asym.details 
A N N 1 ? 
B N N 1 ? 
C N N 2 ? 
D N N 2 ? 
E N N 2 ? 
F N N 2 ? 
G N N 3 ? 
H N N 3 ? 
# 
_struct_biol.id        1 
_struct_biol.details   ? 
# 
loop_
_struct_conf.conf_type_id 
_struct_conf.id 
_struct_conf.pdbx_PDB_helix_id 
_struct_conf.beg_label_comp_id 
_struct_conf.beg_label_asym_id 
_struct_conf.beg_label_seq_id 
_struct_conf.pdbx_beg_PDB_ins_code 
_struct_conf.end_label_comp_id 
_struct_conf.end_label_asym_id 
_struct_conf.end_label_seq_id 
_struct_conf.pdbx_end_PDB_ins_code 
_struct_conf.beg_auth_comp_id 
_struct_conf.beg_auth_asym_id 
_struct_conf.beg_auth_seq_id 
_struct_conf.end_auth_comp_id 
_struct_conf.end_auth_asym_id 
_struct_conf.end_auth_seq_id 
_struct_conf.pdbx_PDB_helix_class 
_struct_conf.details 
_struct_conf.pdbx_PDB_helix_length 
HELX_P HELX_P1 1 THR A 7  ? ARG A 25 ? THR A 7  ARG A 25 1 ? 19 
HELX_P HELX_P2 2 SER A 34 ? LEU A 46 ? SER A 34 LEU A 46 1 ? 13 
HELX_P HELX_P3 3 SER A 55 ? ASP A 64 ? SER A 55 ASP A 64 1 ? 10 
HELX_P HELX_P4 4 PHE A 73 ? LYS A 89 ? PHE A 73 LYS A 89 1 ? 17 
HELX_P HELX_P5 5 THR B 7  ? ARG B 25 ? THR B 7  ARG B 25 1 ? 19 
HELX_P HELX_P6 6 SER B 34 ? LEU B 46 ? SER B 34 LEU B 46 1 ? 13 
HELX_P HELX_P7 7 SER B 55 ? ASP B 64 ? SER B 55 ASP B 64 1 ? 10 
HELX_P HELX_P8 8 LYS B 72 ? ASP B 92 ? LYS B 72 ASP B 92 1 ? 21 
# 
_struct_conf_type.id          HELX_P 
_struct_conf_type.criteria    ? 
_struct_conf_type.reference   ? 
# 
loop_
_struct_conn.id 
_struct_conn.conn_type_id 
_struct_conn.pdbx_leaving_atom_flag 
_struct_conn.pdbx_PDB_id 
_struct_conn.ptnr1_label_asym_id 
_struct_conn.ptnr1_label_comp_id 
_struct_conn.ptnr1_label_seq_id 
_struct_conn.ptnr1_label_atom_id 
_struct_conn.pdbx_ptnr1_label_alt_id 
_struct_conn.pdbx_ptnr1_PDB_ins_code 
_struct_conn.pdbx_ptnr1_standard_comp_id 
_struct_conn.ptnr1_symmetry 
_struct_conn.ptnr2_label_asym_id 
_struct_conn.ptnr2_label_comp_id 
_struct_conn.ptnr2_label_seq_id 
_struct_conn.ptnr2_label_atom_id 
_struct_conn.pdbx_ptnr2_label_alt_id 
_struct_conn.pdbx_ptnr2_PDB_ins_code 
_struct_conn.ptnr1_auth_asym_id 
_struct_conn.ptnr1_auth_comp_id 
_struct_conn.ptnr1_auth_seq_id 
_struct_conn.ptnr2_auth_asym_id 
_struct_conn.ptnr2_auth_comp_id 
_struct_conn.ptnr2_auth_seq_id 
_struct_conn.ptnr2_symmetry 
_struct_conn.pdbx_ptnr3_label_atom_id 
_struct_conn.pdbx_ptnr3_label_seq_id 
_struct_conn.pdbx_ptnr3_label_comp_id 
_struct_conn.pdbx_ptnr3_label_asym_id 
_struct_conn.pdbx_ptnr3_label_alt_id 
_struct_conn.pdbx_ptnr3_PDB_ins_code 
_struct_conn.details 
_struct_conn.pdbx_dist_value 
_struct_conn.pdbx_value_order 
_struct_conn.pdbx_role 
metalc1  metalc ? ? A ALA 24 O   ? ? ? 1_555 C CA  . CA ? ? A ALA 24  A CA  301 1_555 ? ? ? ? ? ? ? 2.339 ? ? 
metalc2  metalc ? ? A GLU 27 O   ? ? ? 1_555 C CA  . CA ? ? A GLU 27  A CA  301 1_555 ? ? ? ? ? ? ? 2.404 ? ? 
metalc3  metalc ? ? A ARG 29 O   ? ? ? 1_555 C CA  . CA ? ? A ARG 29  A CA  301 1_555 ? ? ? ? ? ? ? 2.469 ? ? 
metalc4  metalc ? ? A SER 32 O   ? ? ? 1_555 C CA  . CA ? ? A SER 32  A CA  301 1_555 ? ? ? ? ? ? ? 2.337 ? ? 
metalc5  metalc ? ? A GLU 37 OE1 ? ? ? 1_555 C CA  . CA ? ? A GLU 37  A CA  301 1_555 ? ? ? ? ? ? ? 2.388 ? ? 
metalc6  metalc ? ? A GLU 37 OE2 ? ? ? 1_555 C CA  . CA ? ? A GLU 37  A CA  301 1_555 ? ? ? ? ? ? ? 2.686 ? ? 
metalc7  metalc ? ? A ASP 64 OD1 ? ? ? 1_555 D CA  . CA ? ? A ASP 64  A CA  302 1_555 ? ? ? ? ? ? ? 2.326 ? ? 
metalc8  metalc ? ? A ASN 66 OD1 ? ? ? 1_555 D CA  . CA ? ? A ASN 66  A CA  302 1_555 ? ? ? ? ? ? ? 2.403 ? ? 
metalc9  metalc ? ? A ASP 68 OD1 ? ? ? 1_555 D CA  . CA ? ? A ASP 68  A CA  302 1_555 ? ? ? ? ? ? ? 2.377 ? ? 
metalc10 metalc ? ? A GLU 70 O   ? ? ? 1_555 D CA  . CA ? ? A GLU 70  A CA  302 1_555 ? ? ? ? ? ? ? 2.315 ? ? 
metalc11 metalc ? ? A GLU 75 OE1 ? ? ? 1_555 D CA  . CA ? ? A GLU 75  A CA  302 1_555 ? ? ? ? ? ? ? 2.445 ? ? 
metalc12 metalc ? ? A GLU 75 OE2 ? ? ? 1_555 D CA  . CA ? ? A GLU 75  A CA  302 1_555 ? ? ? ? ? ? ? 2.569 ? ? 
metalc13 metalc ? ? C CA  .  CA  ? ? ? 1_555 G HOH . O  ? ? A CA  301 A HOH 313 1_555 ? ? ? ? ? ? ? 2.428 ? ? 
metalc14 metalc ? ? D CA  .  CA  ? ? ? 1_555 G HOH . O  ? ? A CA  302 A HOH 319 1_555 ? ? ? ? ? ? ? 2.301 ? ? 
metalc15 metalc ? ? B ALA 24 O   ? ? ? 1_555 E CA  . CA ? ? B ALA 24  B CA  303 1_555 ? ? ? ? ? ? ? 2.400 ? ? 
metalc16 metalc ? ? B GLU 27 O   ? ? ? 1_555 E CA  . CA ? ? B GLU 27  B CA  303 1_555 ? ? ? ? ? ? ? 2.388 ? ? 
metalc17 metalc ? ? B ARG 29 O   ? ? ? 1_555 E CA  . CA ? ? B ARG 29  B CA  303 1_555 ? ? ? ? ? ? ? 2.427 ? ? 
metalc18 metalc ? ? B SER 32 O   ? ? ? 1_555 E CA  . CA ? ? B SER 32  B CA  303 1_555 ? ? ? ? ? ? ? 2.361 ? ? 
metalc19 metalc ? ? B GLU 37 OE1 ? ? ? 1_555 E CA  . CA ? ? B GLU 37  B CA  303 1_555 ? ? ? ? ? ? ? 2.414 ? ? 
metalc20 metalc ? ? B GLU 37 OE2 ? ? ? 1_555 E CA  . CA ? ? B GLU 37  B CA  303 1_555 ? ? ? ? ? ? ? 2.666 ? ? 
metalc21 metalc ? ? B ASP 64 OD1 ? ? ? 1_555 F CA  . CA ? ? B ASP 64  B CA  304 1_555 ? ? ? ? ? ? ? 2.196 ? ? 
metalc22 metalc ? ? B ASN 66 OD1 ? ? ? 1_555 F CA  . CA ? ? B ASN 66  B CA  304 1_555 ? ? ? ? ? ? ? 2.429 ? ? 
metalc23 metalc ? ? B ASP 68 OD1 ? ? ? 1_555 F CA  . CA ? ? B ASP 68  B CA  304 1_555 ? ? ? ? ? ? ? 2.430 ? ? 
metalc24 metalc ? ? B GLU 70 O   ? ? ? 1_555 F CA  . CA ? ? B GLU 70  B CA  304 1_555 ? ? ? ? ? ? ? 2.354 ? ? 
metalc25 metalc ? ? B GLU 75 OE1 ? ? ? 1_555 F CA  . CA ? ? B GLU 75  B CA  304 1_555 ? ? ? ? ? ? ? 2.352 ? ? 
metalc26 metalc ? ? B GLU 75 OE2 ? ? ? 1_555 F CA  . CA ? ? B GLU 75  B CA  304 1_555 ? ? ? ? ? ? ? 2.579 ? ? 
metalc27 metalc ? ? E CA  .  CA  ? ? ? 1_555 H HOH . O  ? ? B CA  303 B HOH 311 1_555 ? ? ? ? ? ? ? 2.360 ? ? 
metalc28 metalc ? ? F CA  .  CA  ? ? ? 1_555 H HOH . O  ? ? B CA  304 B HOH 320 1_555 ? ? ? ? ? ? ? 2.347 ? ? 
# 
_struct_conn_type.id          metalc 
_struct_conn_type.criteria    ? 
_struct_conn_type.reference   ? 
# 
_struct_sheet.id               A 
_struct_sheet.type             ? 
_struct_sheet.number_strands   2 
_struct_sheet.details          ? 
# 
_struct_sheet_order.sheet_id     A 
_struct_sheet_order.range_id_1   1 
_struct_sheet_order.range_id_2   2 
_struct_sheet_order.offset       ? 
_struct_sheet_order.sense        anti-parallel 
# 
loop_
_struct_sheet_range.sheet_id 
_struct_sheet_range.id 
_struct_sheet_range.beg_label_comp_id 
_struct_sheet_range.beg_label_asym_id 
_struct_sheet_range.beg_label_seq_id 
_struct_sheet_range.pdbx_beg_PDB_ins_code 
_struct_sheet_range.end_label_comp_id 
_struct_sheet_range.end_label_asym_id 
_struct_sheet_range.end_label_seq_id 
_struct_sheet_range.pdbx_end_PDB_ins_code 
_struct_sheet_range.beg_auth_comp_id 
_struct_sheet_range.beg_auth_asym_id 
_struct_sheet_range.beg_auth_seq_id 
_struct_sheet_range.end_auth_comp_id 
_struct_sheet_range.end_auth_asym_id 
_struct_sheet_range.end_auth_seq_id 
A 1 SER A 32 ? LEU A 33 ? SER A 32 LEU A 33 
A 2 LEU A 71 ? LYS A 72 ? LEU A 71 LYS A 72 
# 
_pdbx_struct_sheet_hbond.sheet_id                A 
_pdbx_struct_sheet_hbond.range_id_1              1 
_pdbx_struct_sheet_hbond.range_id_2              2 
_pdbx_struct_sheet_hbond.range_1_label_atom_id   N 
_pdbx_struct_sheet_hbond.range_1_label_comp_id   LEU 
_pdbx_struct_sheet_hbond.range_1_label_asym_id   A 
_pdbx_struct_sheet_hbond.range_1_label_seq_id    33 
_pdbx_struct_sheet_hbond.range_1_PDB_ins_code    ? 
_pdbx_struct_sheet_hbond.range_1_auth_atom_id    N 
_pdbx_struct_sheet_hbond.range_1_auth_comp_id    LEU 
_pdbx_struct_sheet_hbond.range_1_auth_asym_id    A 
_pdbx_struct_sheet_hbond.range_1_auth_seq_id     33 
_pdbx_struct_sheet_hbond.range_2_label_atom_id   O 
_pdbx_struct_sheet_hbond.range_2_label_comp_id   LEU 
_pdbx_struct_sheet_hbond.range_2_label_asym_id   A 
_pdbx_struct_sheet_hbond.range_2_label_seq_id    71 
_pdbx_struct_sheet_hbond.range_2_PDB_ins_code    ? 
_pdbx_struct_sheet_hbond.range_2_auth_atom_id    O 
_pdbx_struct_sheet_hbond.range_2_auth_comp_id    LEU 
_pdbx_struct_sheet_hbond.range_2_auth_asym_id    A 
_pdbx_struct_sheet_hbond.range_2_auth_seq_id     71 
# 
loop_
_struct_site.id 
_struct_site.pdbx_evidence_code 
_struct_site.pdbx_auth_asym_id 
_struct_site.pdbx_auth_comp_id 
_struct_site.pdbx_auth_seq_id 
_struct_site.pdbx_auth_ins_code 
_struct_site.pdbx_num_residues 
_struct_site.details 
AC1 Software A CA 301 ? 6 'BINDING SITE FOR RESIDUE CA A 301' 
AC2 Software A CA 302 ? 6 'BINDING SITE FOR RESIDUE CA A 302' 
AC3 Software B CA 303 ? 6 'BINDING SITE FOR RESIDUE CA B 303' 
AC4 Software B CA 304 ? 6 'BINDING SITE FOR RESIDUE CA B 304' 
# 
loop_
_struct_site_gen.id 
_struct_site_gen.site_id 
_struct_site_gen.pdbx_num_res 
_struct_site_gen.label_comp_id 
_struct_site_gen.label_asym_id 
_struct_site_gen.label_seq_id 
_struct_site_gen.pdbx_auth_ins_code 
_struct_site_gen.auth_comp_id 
_struct_site_gen.auth_asym_id 
_struct_site_gen.auth_seq_id 
_struct_site_gen.label_atom_id 
_struct_site_gen.label_alt_id 
_struct_site_gen.symmetry 
_struct_site_gen.details 
1  AC1 6 ALA A 24 ? ALA A 24  . ? 1_555 ? 
2  AC1 6 GLU A 27 ? GLU A 27  . ? 1_555 ? 
3  AC1 6 ARG A 29 ? ARG A 29  . ? 1_555 ? 
4  AC1 6 SER A 32 ? SER A 32  . ? 1_555 ? 
5  AC1 6 GLU A 37 ? GLU A 37  . ? 1_555 ? 
6  AC1 6 HOH G .  ? HOH A 313 . ? 1_555 ? 
7  AC2 6 ASP A 64 ? ASP A 64  . ? 1_555 ? 
8  AC2 6 ASN A 66 ? ASN A 66  . ? 1_555 ? 
9  AC2 6 ASP A 68 ? ASP A 68  . ? 1_555 ? 
10 AC2 6 GLU A 70 ? GLU A 70  . ? 1_555 ? 
11 AC2 6 GLU A 75 ? GLU A 75  . ? 1_555 ? 
12 AC2 6 HOH G .  ? HOH A 319 . ? 1_555 ? 
13 AC3 6 ALA B 24 ? ALA B 24  . ? 1_555 ? 
14 AC3 6 GLU B 27 ? GLU B 27  . ? 1_555 ? 
15 AC3 6 ARG B 29 ? ARG B 29  . ? 1_555 ? 
16 AC3 6 SER B 32 ? SER B 32  . ? 1_555 ? 
17 AC3 6 GLU B 37 ? GLU B 37  . ? 1_555 ? 
18 AC3 6 HOH H .  ? HOH B 311 . ? 1_555 ? 
19 AC4 6 ASP B 64 ? ASP B 64  . ? 1_555 ? 
20 AC4 6 ASN B 66 ? ASN B 66  . ? 1_555 ? 
21 AC4 6 ASP B 68 ? ASP B 68  . ? 1_555 ? 
22 AC4 6 GLU B 70 ? GLU B 70  . ? 1_555 ? 
23 AC4 6 GLU B 75 ? GLU B 75  . ? 1_555 ? 
24 AC4 6 HOH H .  ? HOH B 320 . ? 1_555 ? 
# 
_atom_sites.entry_id                    2EGD 
_atom_sites.fract_transf_matrix[1][1]   -0.00731287 
_atom_sites.fract_transf_matrix[1][2]   -0.01593389 
_atom_sites.fract_transf_matrix[1][3]   0.01802091 
_atom_sites.fract_transf_matrix[2][1]   0.00096371 
_atom_sites.fract_transf_matrix[2][2]   -0.01280751 
_atom_sites.fract_transf_matrix[2][3]   -0.01093319 
_atom_sites.fract_transf_matrix[3][1]   0.01230400 
_atom_sites.fract_transf_matrix[3][2]   -0.00190133 
_atom_sites.fract_transf_matrix[3][3]   0.00331182 
_atom_sites.fract_transf_vector[1]      0.183177 
_atom_sites.fract_transf_vector[2]      0.302426 
_atom_sites.fract_transf_vector[3]      0.290224 
# 
loop_
_atom_type.symbol 
C  
CA 
N  
O  
S  
# 
loop_
_atom_site.group_PDB 
_atom_site.id 
_atom_site.type_symbol 
_atom_site.label_atom_id 
_atom_site.label_alt_id 
_atom_site.label_comp_id 
_atom_site.label_asym_id 
_atom_site.label_entity_id 
_atom_site.label_seq_id 
_atom_site.pdbx_PDB_ins_code 
_atom_site.Cartn_x 
_atom_site.Cartn_y 
_atom_site.Cartn_z 
_atom_site.occupancy 
_atom_site.B_iso_or_equiv 
_atom_site.pdbx_formal_charge 
_atom_site.auth_seq_id 
_atom_site.auth_comp_id 
_atom_site.auth_asym_id 
_atom_site.auth_atom_id 
_atom_site.pdbx_PDB_model_num 
ATOM   1    N  N   . PRO A 1 5  ? 4.969   19.293  5.216   1.00 26.76 ? 5   PRO A N   1 
ATOM   2    C  CA  . PRO A 1 5  ? 5.221   17.855  5.273   1.00 26.24 ? 5   PRO A CA  1 
ATOM   3    C  C   . PRO A 1 5  ? 4.065   17.032  4.679   1.00 26.26 ? 5   PRO A C   1 
ATOM   4    O  O   . PRO A 1 5  ? 3.274   17.543  3.908   1.00 27.40 ? 5   PRO A O   1 
ATOM   5    C  CB  . PRO A 1 5  ? 5.359   17.582  6.770   1.00 26.02 ? 5   PRO A CB  1 
ATOM   6    C  CG  . PRO A 1 5  ? 4.366   18.513  7.394   1.00 26.63 ? 5   PRO A CG  1 
ATOM   7    C  CD  . PRO A 1 5  ? 4.481   19.850  6.550   1.00 26.26 ? 5   PRO A CD  1 
ATOM   8    N  N   . LEU A 1 6  ? 3.959   15.773  5.056   1.00 25.62 ? 6   LEU A N   1 
ATOM   9    C  CA  . LEU A 1 6  ? 3.030   14.865  4.369   1.00 26.15 ? 6   LEU A CA  1 
ATOM   10   C  C   . LEU A 1 6  ? 1.758   14.751  5.175   1.00 26.31 ? 6   LEU A C   1 
ATOM   11   O  O   . LEU A 1 6  ? 1.808   14.975  6.374   1.00 26.06 ? 6   LEU A O   1 
ATOM   12   C  CB  . LEU A 1 6  ? 3.670   13.489  4.201   1.00 26.83 ? 6   LEU A CB  1 
ATOM   13   C  CG  . LEU A 1 6  ? 4.792   13.379  3.148   1.00 28.53 ? 6   LEU A CG  1 
ATOM   14   C  CD1 . LEU A 1 6  ? 5.402   11.948  3.158   1.00 31.97 ? 6   LEU A CD1 1 
ATOM   15   C  CD2 . LEU A 1 6  ? 4.370   13.789  1.715   1.00 25.80 ? 6   LEU A CD2 1 
ATOM   16   N  N   . THR A 1 7  ? 0.628   14.426  4.526   1.00 25.19 ? 7   THR A N   1 
ATOM   17   C  CA  . THR A 1 7  ? -0.629  14.204  5.246   1.00 25.23 ? 7   THR A CA  1 
ATOM   18   C  C   . THR A 1 7  ? -0.563  12.850  5.966   1.00 25.45 ? 7   THR A C   1 
ATOM   19   O  O   . THR A 1 7  ? 0.422   12.125  5.829   1.00 24.68 ? 7   THR A O   1 
ATOM   20   C  CB  . THR A 1 7  ? -1.822  14.172  4.317   1.00 25.40 ? 7   THR A CB  1 
ATOM   21   O  OG1 . THR A 1 7  ? -1.665  13.052  3.430   1.00 24.17 ? 7   THR A OG1 1 
ATOM   22   C  CG2 . THR A 1 7  ? -1.981  15.498  3.551   1.00 23.95 ? 7   THR A CG2 1 
ATOM   23   N  N   . GLU A 1 8  ? -1.582  12.542  6.772   1.00 25.42 ? 8   GLU A N   1 
ATOM   24   C  CA  . GLU A 1 8  ? -1.625  11.259  7.479   1.00 25.30 ? 8   GLU A CA  1 
ATOM   25   C  C   . GLU A 1 8  ? -1.604  10.132  6.471   1.00 25.32 ? 8   GLU A C   1 
ATOM   26   O  O   . GLU A 1 8  ? -0.875  9.134   6.663   1.00 25.00 ? 8   GLU A O   1 
ATOM   27   C  CB  . GLU A 1 8  ? -2.840  11.164  8.422   1.00 26.60 ? 8   GLU A CB  1 
ATOM   28   N  N   . LEU A 1 9  ? -2.372  10.272  5.389   1.00 24.82 ? 9   LEU A N   1 
ATOM   29   C  CA  . LEU A 1 9  ? -2.397  9.191   4.371   1.00 24.64 ? 9   LEU A CA  1 
ATOM   30   C  C   . LEU A 1 9  ? -1.046  9.139   3.681   1.00 24.96 ? 9   LEU A C   1 
ATOM   31   O  O   . LEU A 1 9  ? -0.470  8.073   3.501   1.00 25.10 ? 9   LEU A O   1 
ATOM   32   C  CB  . LEU A 1 9  ? -3.538  9.393   3.383   1.00 23.73 ? 9   LEU A CB  1 
ATOM   33   C  CG  . LEU A 1 9  ? -3.592  8.458   2.188   1.00 25.92 ? 9   LEU A CG  1 
ATOM   34   C  CD1 . LEU A 1 9  ? -3.682  7.023   2.717   1.00 23.23 ? 9   LEU A CD1 1 
ATOM   35   C  CD2 . LEU A 1 9  ? -4.816  8.826   1.271   1.00 24.81 ? 9   LEU A CD2 1 
ATOM   36   N  N   . GLU A 1 10 ? -0.495  10.286  3.312   1.00 24.51 ? 10  GLU A N   1 
ATOM   37   C  CA  . GLU A 1 10 ? 0.746   10.246  2.548   1.00 23.84 ? 10  GLU A CA  1 
ATOM   38   C  C   . GLU A 1 10 ? 1.892   9.644   3.381   1.00 23.37 ? 10  GLU A C   1 
ATOM   39   O  O   . GLU A 1 10 ? 2.727   8.845   2.874   1.00 24.32 ? 10  GLU A O   1 
ATOM   40   C  CB  . GLU A 1 10 ? 1.128   11.643  2.053   1.00 24.06 ? 10  GLU A CB  1 
ATOM   41   C  CG  . GLU A 1 10 ? 0.154   12.205  0.952   1.00 22.31 ? 10  GLU A CG  1 
ATOM   42   C  CD  . GLU A 1 10 ? 0.404   13.664  0.673   1.00 23.84 ? 10  GLU A CD  1 
ATOM   43   O  OE1 . GLU A 1 10 ? 0.878   14.408  1.569   1.00 26.74 ? 10  GLU A OE1 1 
ATOM   44   O  OE2 . GLU A 1 10 ? 0.102   14.093  -0.480  1.00 24.20 ? 10  GLU A OE2 1 
ATOM   45   N  N   . GLU A 1 11 ? 1.936   10.017  4.658   1.00 22.55 ? 11  GLU A N   1 
ATOM   46   C  CA  . GLU A 1 11 ? 3.007   9.557   5.532   1.00 24.16 ? 11  GLU A CA  1 
ATOM   47   C  C   . GLU A 1 11 ? 2.843   8.071   5.747   1.00 24.50 ? 11  GLU A C   1 
ATOM   48   O  O   . GLU A 1 11 ? 3.848   7.329   5.819   1.00 25.88 ? 11  GLU A O   1 
ATOM   49   C  CB  . GLU A 1 11 ? 2.992   10.324  6.851   1.00 24.34 ? 11  GLU A CB  1 
ATOM   50   C  CG  . GLU A 1 11 ? 4.320   10.273  7.612   1.00 26.76 ? 11  GLU A CG  1 
ATOM   51   C  CD  . GLU A 1 11 ? 4.279   11.133  8.841   1.00 32.33 ? 11  GLU A CD  1 
ATOM   52   O  OE1 . GLU A 1 11 ? 5.040   12.135  8.901   1.00 37.93 ? 11  GLU A OE1 1 
ATOM   53   O  OE2 . GLU A 1 11 ? 3.462   10.826  9.744   1.00 34.63 ? 11  GLU A OE2 1 
ATOM   54   N  N   . SER A 1 12 ? 1.594   7.598   5.810   1.00 24.66 ? 12  SER A N   1 
ATOM   55   C  CA  . SER A 1 12 ? 1.365   6.138   5.970   1.00 24.31 ? 12  SER A CA  1 
ATOM   56   C  C   . SER A 1 12 ? 1.828   5.337   4.776   1.00 25.56 ? 12  SER A C   1 
ATOM   57   O  O   . SER A 1 12 ? 2.443   4.287   4.959   1.00 25.45 ? 12  SER A O   1 
ATOM   58   C  CB  . SER A 1 12 ? -0.111  5.797   6.278   1.00 24.31 ? 12  SER A CB  1 
ATOM   59   O  OG  . SER A 1 12 ? -0.460  6.288   7.553   1.00 27.10 ? 12  SER A OG  1 
ATOM   60   N  N   . ILE A 1 13 ? 1.580   5.835   3.565   1.00 24.99 ? 13  ILE A N   1 
ATOM   61   C  CA  . ILE A 1 13 ? 2.070   5.135   2.366   1.00 25.24 ? 13  ILE A CA  1 
ATOM   62   C  C   . ILE A 1 13 ? 3.608   5.130   2.417   1.00 25.32 ? 13  ILE A C   1 
ATOM   63   O  O   . ILE A 1 13 ? 4.241   4.058   2.206   1.00 26.25 ? 13  ILE A O   1 
ATOM   64   C  CB  . ILE A 1 13 ? 1.581   5.734   1.052   1.00 23.85 ? 13  ILE A CB  1 
ATOM   65   C  CG1 . ILE A 1 13 ? 0.031   5.835   1.070   1.00 23.25 ? 13  ILE A CG1 1 
ATOM   66   C  CG2 . ILE A 1 13 ? 2.142   4.886   -0.157  1.00 22.82 ? 13  ILE A CG2 1 
ATOM   67   C  CD1 . ILE A 1 13 ? -0.620  6.772   -0.067  1.00 23.63 ? 13  ILE A CD1 1 
ATOM   68   N  N   . GLU A 1 14 ? 4.202   6.272   2.780   1.00 24.86 ? 14  GLU A N   1 
ATOM   69   C  CA  . GLU A 1 14 ? 5.646   6.347   2.827   1.00 24.67 ? 14  GLU A CA  1 
ATOM   70   C  C   . GLU A 1 14 ? 6.222   5.351   3.843   1.00 25.30 ? 14  GLU A C   1 
ATOM   71   O  O   . GLU A 1 14 ? 7.270   4.733   3.574   1.00 25.64 ? 14  GLU A O   1 
ATOM   72   C  CB  . GLU A 1 14 ? 6.119   7.757   3.185   1.00 25.07 ? 14  GLU A CB  1 
ATOM   73   C  CG  . GLU A 1 14 ? 7.625   7.910   3.277   1.00 26.73 ? 14  GLU A CG  1 
ATOM   74   C  CD  . GLU A 1 14 ? 8.021   9.291   3.799   1.00 28.15 ? 14  GLU A CD  1 
ATOM   75   O  OE1 . GLU A 1 14 ? 7.594   9.638   4.936   1.00 30.20 ? 14  GLU A OE1 1 
ATOM   76   O  OE2 . GLU A 1 14 ? 8.729   10.026  3.071   1.00 30.38 ? 14  GLU A OE2 1 
ATOM   77   N  N   . THR A 1 15 ? 5.586   5.233   5.009   1.00 24.52 ? 15  THR A N   1 
ATOM   78   C  CA  . THR A 1 15 ? 6.016   4.265   6.051   1.00 24.77 ? 15  THR A CA  1 
ATOM   79   C  C   . THR A 1 15 ? 5.958   2.805   5.490   1.00 24.90 ? 15  THR A C   1 
ATOM   80   O  O   . THR A 1 15 ? 6.881   2.012   5.737   1.00 24.80 ? 15  THR A O   1 
ATOM   81   C  CB  . THR A 1 15 ? 5.188   4.434   7.325   1.00 23.92 ? 15  THR A CB  1 
ATOM   82   O  OG1 . THR A 1 15 ? 5.482   5.740   7.868   1.00 23.17 ? 15  THR A OG1 1 
ATOM   83   C  CG2 . THR A 1 15 ? 5.525   3.326   8.417   1.00 24.64 ? 15  THR A CG2 1 
ATOM   84   N  N   . VAL A 1 16 ? 4.890   2.471   4.778   1.00 25.52 ? 16  VAL A N   1 
ATOM   85   C  CA  . VAL A 1 16 ? 4.777   1.105   4.210   1.00 24.08 ? 16  VAL A CA  1 
ATOM   86   C  C   . VAL A 1 16 ? 5.984   0.840   3.303   1.00 23.76 ? 16  VAL A C   1 
ATOM   87   O  O   . VAL A 1 16 ? 6.615   -0.224  3.365   1.00 24.59 ? 16  VAL A O   1 
ATOM   88   C  CB  . VAL A 1 16 ? 3.432   0.898   3.444   1.00 24.27 ? 16  VAL A CB  1 
ATOM   89   C  CG1 . VAL A 1 16 ? 3.451   -0.402  2.617   1.00 23.27 ? 16  VAL A CG1 1 
ATOM   90   C  CG2 . VAL A 1 16 ? 2.247   0.922   4.428   1.00 23.85 ? 16  VAL A CG2 1 
ATOM   91   N  N   . VAL A 1 17 ? 6.315   1.826   2.472   1.00 24.11 ? 17  VAL A N   1 
ATOM   92   C  CA  . VAL A 1 17 ? 7.429   1.636   1.540   1.00 25.49 ? 17  VAL A CA  1 
ATOM   93   C  C   . VAL A 1 17 ? 8.759   1.638   2.310   1.00 25.42 ? 17  VAL A C   1 
ATOM   94   O  O   . VAL A 1 17 ? 9.632   0.797   2.060   1.00 24.66 ? 17  VAL A O   1 
ATOM   95   C  CB  . VAL A 1 17 ? 7.465   2.705   0.414   1.00 26.41 ? 17  VAL A CB  1 
ATOM   96   C  CG1 . VAL A 1 17 ? 8.621   2.395   -0.536  1.00 26.12 ? 17  VAL A CG1 1 
ATOM   97   C  CG2 . VAL A 1 17 ? 6.172   2.662   -0.426  1.00 22.63 ? 17  VAL A CG2 1 
ATOM   98   N  N   . THR A 1 18 ? 8.965   2.607   3.210   1.00 24.15 ? 18  THR A N   1 
ATOM   99   C  CA  . THR A 1 18 ? 10.203  2.632   3.960   1.00 25.41 ? 18  THR A CA  1 
ATOM   100  C  C   . THR A 1 18 ? 10.499  1.328   4.734   1.00 26.26 ? 18  THR A C   1 
ATOM   101  O  O   . THR A 1 18 ? 11.665  0.999   4.955   1.00 26.75 ? 18  THR A O   1 
ATOM   102  C  CB  . THR A 1 18 ? 10.177  3.815   4.974   1.00 23.88 ? 18  THR A CB  1 
ATOM   103  N  N   . THR A 1 19 ? 9.464   0.649   5.224   1.00 24.67 ? 19  THR A N   1 
ATOM   104  C  CA  . THR A 1 19 ? 9.650   -0.533  6.061   1.00 23.70 ? 19  THR A CA  1 
ATOM   105  C  C   . THR A 1 19 ? 10.278  -1.622  5.207   1.00 25.03 ? 19  THR A C   1 
ATOM   106  O  O   . THR A 1 19 ? 11.168  -2.345  5.671   1.00 24.52 ? 19  THR A O   1 
ATOM   107  C  CB  . THR A 1 19 ? 8.314   -0.983  6.685   1.00 24.50 ? 19  THR A CB  1 
ATOM   108  O  OG1 . THR A 1 19 ? 7.859   0.078   7.571   1.00 24.99 ? 19  THR A OG1 1 
ATOM   109  C  CG2 . THR A 1 19 ? 8.492   -2.302  7.529   1.00 26.84 ? 19  THR A CG2 1 
ATOM   110  N  N   . PHE A 1 20 ? 9.858   -1.729  3.941   1.00 24.08 ? 20  PHE A N   1 
ATOM   111  C  CA  . PHE A 1 20 ? 10.508  -2.737  3.048   1.00 24.43 ? 20  PHE A CA  1 
ATOM   112  C  C   . PHE A 1 20 ? 12.025  -2.506  2.995   1.00 24.57 ? 20  PHE A C   1 
ATOM   113  O  O   . PHE A 1 20 ? 12.806  -3.423  3.244   1.00 24.47 ? 20  PHE A O   1 
ATOM   114  C  CB  . PHE A 1 20 ? 9.951   -2.640  1.633   1.00 24.18 ? 20  PHE A CB  1 
ATOM   115  C  CG  . PHE A 1 20 ? 10.610  -3.564  0.661   1.00 24.80 ? 20  PHE A CG  1 
ATOM   116  C  CD1 . PHE A 1 20 ? 10.226  -4.905  0.582   1.00 24.09 ? 20  PHE A CD1 1 
ATOM   117  C  CD2 . PHE A 1 20 ? 11.640  -3.096  -0.179  1.00 24.85 ? 20  PHE A CD2 1 
ATOM   118  C  CE1 . PHE A 1 20 ? 10.852  -5.758  -0.376  1.00 22.64 ? 20  PHE A CE1 1 
ATOM   119  C  CE2 . PHE A 1 20 ? 12.295  -3.916  -1.093  1.00 25.40 ? 20  PHE A CE2 1 
ATOM   120  C  CZ  . PHE A 1 20 ? 11.915  -5.268  -1.213  1.00 23.50 ? 20  PHE A CZ  1 
ATOM   121  N  N   . PHE A 1 21 ? 12.443  -1.272  2.711   1.00 24.01 ? 21  PHE A N   1 
ATOM   122  C  CA  . PHE A 1 21 ? 13.862  -1.001  2.525   1.00 24.05 ? 21  PHE A CA  1 
ATOM   123  C  C   . PHE A 1 21 ? 14.646  -1.098  3.823   1.00 24.75 ? 21  PHE A C   1 
ATOM   124  O  O   . PHE A 1 21 ? 15.807  -1.524  3.825   1.00 24.20 ? 21  PHE A O   1 
ATOM   125  C  CB  . PHE A 1 21 ? 14.039  0.332   1.790   1.00 25.37 ? 21  PHE A CB  1 
ATOM   126  C  CG  . PHE A 1 21 ? 13.593  0.229   0.360   1.00 22.40 ? 21  PHE A CG  1 
ATOM   127  C  CD1 . PHE A 1 21 ? 14.365  -0.499  -0.552  1.00 26.19 ? 21  PHE A CD1 1 
ATOM   128  C  CD2 . PHE A 1 21 ? 12.378  0.734   -0.038  1.00 24.46 ? 21  PHE A CD2 1 
ATOM   129  C  CE1 . PHE A 1 21 ? 13.989  -0.602  -1.873  1.00 25.98 ? 21  PHE A CE1 1 
ATOM   130  C  CE2 . PHE A 1 21 ? 11.959  0.609   -1.356  1.00 26.47 ? 21  PHE A CE2 1 
ATOM   131  C  CZ  . PHE A 1 21 ? 12.768  -0.064  -2.264  1.00 23.70 ? 21  PHE A CZ  1 
ATOM   132  N  N   . THR A 1 22 ? 14.012  -0.724  4.926   1.00 24.07 ? 22  THR A N   1 
ATOM   133  C  CA  . THR A 1 22 ? 14.623  -0.918  6.239   1.00 23.84 ? 22  THR A CA  1 
ATOM   134  C  C   . THR A 1 22 ? 14.995  -2.341  6.511   1.00 23.64 ? 22  THR A C   1 
ATOM   135  O  O   . THR A 1 22 ? 16.128  -2.610  6.943   1.00 22.47 ? 22  THR A O   1 
ATOM   136  C  CB  . THR A 1 22 ? 13.739  -0.373  7.393   1.00 23.46 ? 22  THR A CB  1 
ATOM   137  O  OG1 . THR A 1 22 ? 13.645  1.038   7.234   1.00 25.02 ? 22  THR A OG1 1 
ATOM   138  C  CG2 . THR A 1 22 ? 14.379  -0.621  8.819   1.00 22.77 ? 22  THR A CG2 1 
ATOM   139  N  N   . PHE A 1 23 ? 14.058  -3.257  6.241   1.00 24.52 ? 23  PHE A N   1 
ATOM   140  C  CA  . PHE A 1 23 ? 14.369  -4.683  6.366   1.00 25.86 ? 23  PHE A CA  1 
ATOM   141  C  C   . PHE A 1 23 ? 15.245  -5.302  5.260   1.00 26.41 ? 23  PHE A C   1 
ATOM   142  O  O   . PHE A 1 23 ? 16.061  -6.155  5.564   1.00 25.71 ? 23  PHE A O   1 
ATOM   143  C  CB  . PHE A 1 23 ? 13.092  -5.487  6.624   1.00 25.24 ? 23  PHE A CB  1 
ATOM   144  C  CG  . PHE A 1 23 ? 12.576  -5.261  8.025   1.00 26.01 ? 23  PHE A CG  1 
ATOM   145  C  CD1 . PHE A 1 23 ? 12.950  -6.109  9.063   1.00 23.77 ? 23  PHE A CD1 1 
ATOM   146  C  CD2 . PHE A 1 23 ? 11.756  -4.166  8.300   1.00 23.85 ? 23  PHE A CD2 1 
ATOM   147  C  CE1 . PHE A 1 23 ? 12.492  -5.889  10.408  1.00 24.96 ? 23  PHE A CE1 1 
ATOM   148  C  CE2 . PHE A 1 23 ? 11.315  -3.903  9.635   1.00 24.46 ? 23  PHE A CE2 1 
ATOM   149  C  CZ  . PHE A 1 23 ? 11.690  -4.782  10.721  1.00 25.24 ? 23  PHE A CZ  1 
ATOM   150  N  N   . ALA A 1 24 ? 15.136  -4.800  4.032   1.00 25.03 ? 24  ALA A N   1 
ATOM   151  C  CA  . ALA A 1 24 ? 15.792  -5.391  2.879   1.00 25.10 ? 24  ALA A CA  1 
ATOM   152  C  C   . ALA A 1 24 ? 17.278  -5.072  2.856   1.00 24.11 ? 24  ALA A C   1 
ATOM   153  O  O   . ALA A 1 24 ? 18.045  -5.720  2.173   1.00 24.02 ? 24  ALA A O   1 
ATOM   154  C  CB  . ALA A 1 24 ? 15.120  -4.918  1.554   1.00 24.17 ? 24  ALA A CB  1 
ATOM   155  N  N   . ARG A 1 25 ? 17.703  -4.066  3.608   1.00 24.16 ? 25  ARG A N   1 
ATOM   156  C  CA  . ARG A 1 25 ? 19.139  -3.683  3.516   1.00 24.75 ? 25  ARG A CA  1 
ATOM   157  C  C   . ARG A 1 25 ? 20.015  -4.411  4.525   1.00 24.12 ? 25  ARG A C   1 
ATOM   158  O  O   . ARG A 1 25 ? 21.213  -4.137  4.629   1.00 23.95 ? 25  ARG A O   1 
ATOM   159  C  CB  . ARG A 1 25 ? 19.293  -2.162  3.650   1.00 24.14 ? 25  ARG A CB  1 
ATOM   160  C  CG  . ARG A 1 25 ? 19.012  -1.628  5.037   1.00 23.66 ? 25  ARG A CG  1 
ATOM   161  C  CD  . ARG A 1 25 ? 19.384  -0.152  5.137   1.00 27.99 ? 25  ARG A CD  1 
ATOM   162  N  NE  . ARG A 1 25 ? 18.852  0.611   4.015   1.00 29.59 ? 25  ARG A NE  1 
ATOM   163  C  CZ  . ARG A 1 25 ? 17.760  1.382   4.063   1.00 29.65 ? 25  ARG A CZ  1 
ATOM   164  N  NH1 . ARG A 1 25 ? 17.083  1.527   5.206   1.00 25.34 ? 25  ARG A NH1 1 
ATOM   165  N  NH2 . ARG A 1 25 ? 17.382  2.059   2.970   1.00 32.05 ? 25  ARG A NH2 1 
ATOM   166  N  N   . GLN A 1 26 ? 19.429  -5.357  5.252   1.00 24.29 ? 26  GLN A N   1 
ATOM   167  C  CA  . GLN A 1 26 ? 20.167  -5.990  6.349   1.00 24.55 ? 26  GLN A CA  1 
ATOM   168  C  C   . GLN A 1 26 ? 21.215  -6.995  5.857   1.00 23.73 ? 26  GLN A C   1 
ATOM   169  O  O   . GLN A 1 26 ? 22.294  -7.150  6.467   1.00 23.07 ? 26  GLN A O   1 
ATOM   170  C  CB  . GLN A 1 26 ? 19.211  -6.586  7.390   1.00 25.47 ? 26  GLN A CB  1 
ATOM   171  C  CG  . GLN A 1 26 ? 18.271  -5.564  8.123   1.00 24.92 ? 26  GLN A CG  1 
ATOM   172  C  CD  . GLN A 1 26 ? 19.012  -4.394  8.792   1.00 25.78 ? 26  GLN A CD  1 
ATOM   173  O  OE1 . GLN A 1 26 ? 19.939  -4.595  9.567   1.00 27.43 ? 26  GLN A OE1 1 
ATOM   174  N  NE2 . GLN A 1 26 ? 18.577  -3.154  8.492   1.00 25.28 ? 26  GLN A NE2 1 
ATOM   175  N  N   . GLU A 1 27 ? 20.930  -7.650  4.746   1.00 23.20 ? 27  GLU A N   1 
ATOM   176  C  CA  . GLU A 1 27 ? 21.864  -8.635  4.175   1.00 24.07 ? 27  GLU A CA  1 
ATOM   177  C  C   . GLU A 1 27 ? 21.613  -8.805  2.674   1.00 23.82 ? 27  GLU A C   1 
ATOM   178  O  O   . GLU A 1 27 ? 20.510  -8.540  2.191   1.00 22.41 ? 27  GLU A O   1 
ATOM   179  C  CB  . GLU A 1 27 ? 21.715  -9.983  4.902   1.00 23.84 ? 27  GLU A CB  1 
ATOM   180  C  CG  . GLU A 1 27 ? 20.341  -10.630 4.747   1.00 26.63 ? 27  GLU A CG  1 
ATOM   181  C  CD  . GLU A 1 27 ? 20.202  -11.939 5.493   1.00 25.97 ? 27  GLU A CD  1 
ATOM   182  O  OE1 . GLU A 1 27 ? 20.833  -12.090 6.561   1.00 30.70 ? 27  GLU A OE1 1 
ATOM   183  O  OE2 . GLU A 1 27 ? 19.472  -12.824 5.007   1.00 27.72 ? 27  GLU A OE2 1 
ATOM   184  N  N   . GLY A 1 28 ? 22.626  -9.278  1.953   1.00 23.88 ? 28  GLY A N   1 
ATOM   185  C  CA  . GLY A 1 28 ? 22.532  -9.495  0.497   1.00 25.33 ? 28  GLY A CA  1 
ATOM   186  C  C   . GLY A 1 28 ? 22.106  -8.236  -0.225  1.00 26.08 ? 28  GLY A C   1 
ATOM   187  O  O   . GLY A 1 28 ? 22.522  -7.152  0.179   1.00 25.52 ? 28  GLY A O   1 
ATOM   188  N  N   . ARG A 1 29 ? 21.273  -8.379  -1.266  1.00 26.12 ? 29  ARG A N   1 
ATOM   189  C  CA  . ARG A 1 29 ? 20.847  -7.251  -2.100  1.00 26.39 ? 29  ARG A CA  1 
ATOM   190  C  C   . ARG A 1 29 ? 20.017  -6.304  -1.266  1.00 26.21 ? 29  ARG A C   1 
ATOM   191  O  O   . ARG A 1 29 ? 19.154  -6.736  -0.520  1.00 25.80 ? 29  ARG A O   1 
ATOM   192  C  CB  . ARG A 1 29 ? 20.017  -7.739  -3.298  1.00 27.54 ? 29  ARG A CB  1 
ATOM   193  C  CG  . ARG A 1 29 ? 20.814  -8.230  -4.495  1.00 28.09 ? 29  ARG A CG  1 
ATOM   194  C  CD  . ARG A 1 29 ? 21.013  -7.115  -5.541  1.00 31.55 ? 29  ARG A CD  1 
ATOM   195  N  N   . LYS A 1 30 ? 20.263  -5.015  -1.392  1.00 26.08 ? 30  LYS A N   1 
ATOM   196  C  CA  . LYS A 1 30 ? 19.582  -4.067  -0.515  1.00 26.21 ? 30  LYS A CA  1 
ATOM   197  C  C   . LYS A 1 30 ? 18.159  -3.757  -0.981  1.00 26.24 ? 30  LYS A C   1 
ATOM   198  O  O   . LYS A 1 30 ? 17.397  -3.067  -0.252  1.00 25.27 ? 30  LYS A O   1 
ATOM   199  C  CB  . LYS A 1 30 ? 20.410  -2.785  -0.371  1.00 26.13 ? 30  LYS A CB  1 
ATOM   200  C  CG  . LYS A 1 30 ? 20.151  -1.767  -1.481  1.00 28.89 ? 30  LYS A CG  1 
ATOM   201  N  N   . ASP A 1 31 ? 17.788  -4.261  -2.169  1.00 24.50 ? 31  ASP A N   1 
ATOM   202  C  CA  . ASP A 1 31 ? 16.465  -3.995  -2.761  1.00 24.34 ? 31  ASP A CA  1 
ATOM   203  C  C   . ASP A 1 31 ? 15.576  -5.238  -2.718  1.00 24.40 ? 31  ASP A C   1 
ATOM   204  O  O   . ASP A 1 31 ? 14.524  -5.308  -3.383  1.00 23.41 ? 31  ASP A O   1 
ATOM   205  C  CB  . ASP A 1 31 ? 16.577  -3.440  -4.205  1.00 23.84 ? 31  ASP A CB  1 
ATOM   206  C  CG  . ASP A 1 31 ? 17.175  -4.437  -5.192  1.00 26.87 ? 31  ASP A CG  1 
ATOM   207  O  OD1 . ASP A 1 31 ? 17.714  -5.506  -4.805  1.00 27.79 ? 31  ASP A OD1 1 
ATOM   208  O  OD2 . ASP A 1 31 ? 17.139  -4.133  -6.378  1.00 26.50 ? 31  ASP A OD2 1 
ATOM   209  N  N   . SER A 1 32 ? 15.978  -6.222  -1.933  1.00 25.38 ? 32  SER A N   1 
ATOM   210  C  CA  . SER A 1 32 ? 15.118  -7.400  -1.751  1.00 24.43 ? 32  SER A CA  1 
ATOM   211  C  C   . SER A 1 32 ? 15.248  -8.029  -0.377  1.00 24.42 ? 32  SER A C   1 
ATOM   212  O  O   . SER A 1 32 ? 16.283  -7.899  0.284   1.00 24.44 ? 32  SER A O   1 
ATOM   213  C  CB  . SER A 1 32 ? 15.288  -8.415  -2.873  1.00 25.02 ? 32  SER A CB  1 
ATOM   214  O  OG  . SER A 1 32 ? 16.496  -9.101  -2.724  1.00 25.93 ? 32  SER A OG  1 
ATOM   215  N  N   . LEU A 1 33 ? 14.164  -8.670  0.048   1.00 24.05 ? 33  LEU A N   1 
ATOM   216  C  CA  . LEU A 1 33 ? 14.100  -9.397  1.323   1.00 24.13 ? 33  LEU A CA  1 
ATOM   217  C  C   . LEU A 1 33 ? 14.518  -10.860 1.120   1.00 24.74 ? 33  LEU A C   1 
ATOM   218  O  O   . LEU A 1 33 ? 13.884  -11.583 0.329   1.00 25.45 ? 33  LEU A O   1 
ATOM   219  C  CB  . LEU A 1 33 ? 12.638  -9.385  1.848   1.00 24.96 ? 33  LEU A CB  1 
ATOM   220  C  CG  . LEU A 1 33 ? 12.122  -8.009  2.226   1.00 24.74 ? 33  LEU A CG  1 
ATOM   221  C  CD1 . LEU A 1 33 ? 10.614  -8.131  2.461   1.00 26.82 ? 33  LEU A CD1 1 
ATOM   222  C  CD2 . LEU A 1 33 ? 12.774  -7.404  3.433   1.00 25.38 ? 33  LEU A CD2 1 
ATOM   223  N  N   . SER A 1 34 ? 15.578  -11.305 1.816   1.00 23.74 ? 34  SER A N   1 
ATOM   224  C  CA  . SER A 1 34 ? 15.857  -12.748 1.928   1.00 24.85 ? 34  SER A CA  1 
ATOM   225  C  C   . SER A 1 34 ? 14.829  -13.341 2.873   1.00 24.82 ? 34  SER A C   1 
ATOM   226  O  O   . SER A 1 34 ? 14.065  -12.606 3.516   1.00 24.21 ? 34  SER A O   1 
ATOM   227  C  CB  . SER A 1 34 ? 17.244  -12.948 2.534   1.00 25.72 ? 34  SER A CB  1 
ATOM   228  O  OG  . SER A 1 34 ? 17.169  -12.457 3.882   1.00 24.87 ? 34  SER A OG  1 
ATOM   229  N  N   . VAL A 1 35 ? 14.817  -14.653 3.002   1.00 24.18 ? 35  VAL A N   1 
ATOM   230  C  CA  . VAL A 1 35 ? 13.910  -15.280 3.995   1.00 24.34 ? 35  VAL A CA  1 
ATOM   231  C  C   . VAL A 1 35 ? 14.132  -14.770 5.413   1.00 24.79 ? 35  VAL A C   1 
ATOM   232  O  O   . VAL A 1 35 ? 13.161  -14.557 6.152   1.00 25.23 ? 35  VAL A O   1 
ATOM   233  C  CB  . VAL A 1 35 ? 14.006  -16.811 3.975   1.00 24.33 ? 35  VAL A CB  1 
ATOM   234  C  CG1 . VAL A 1 35 ? 15.376  -17.280 4.454   1.00 25.69 ? 35  VAL A CG1 1 
ATOM   235  C  CG2 . VAL A 1 35 ? 12.885  -17.426 4.851   1.00 23.82 ? 35  VAL A CG2 1 
ATOM   236  N  N   . ASN A 1 36 ? 15.388  -14.570 5.818   1.00 24.67 ? 36  ASN A N   1 
ATOM   237  C  CA  . ASN A 1 36 ? 15.664  -14.047 7.168   1.00 25.33 ? 36  ASN A CA  1 
ATOM   238  C  C   . ASN A 1 36 ? 15.132  -12.645 7.372   1.00 25.19 ? 36  ASN A C   1 
ATOM   239  O  O   . ASN A 1 36 ? 14.596  -12.342 8.431   1.00 25.66 ? 36  ASN A O   1 
ATOM   240  C  CB  . ASN A 1 36 ? 17.152  -14.059 7.495   1.00 25.15 ? 36  ASN A CB  1 
ATOM   241  C  CG  . ASN A 1 36 ? 17.736  -15.411 7.415   1.00 30.84 ? 36  ASN A CG  1 
ATOM   242  O  OD1 . ASN A 1 36 ? 17.159  -16.403 7.884   1.00 31.04 ? 36  ASN A OD1 1 
ATOM   243  N  ND2 . ASN A 1 36 ? 18.925  -15.482 6.821   1.00 34.08 ? 36  ASN A ND2 1 
ATOM   244  N  N   . GLU A 1 37 ? 15.306  -11.789 6.367   1.00 24.15 ? 37  GLU A N   1 
ATOM   245  C  CA  . GLU A 1 37 ? 14.787  -10.397 6.437   1.00 24.67 ? 37  GLU A CA  1 
ATOM   246  C  C   . GLU A 1 37 ? 13.245  -10.356 6.456   1.00 24.39 ? 37  GLU A C   1 
ATOM   247  O  O   . GLU A 1 37 ? 12.626  -9.526  7.136   1.00 25.40 ? 37  GLU A O   1 
ATOM   248  C  CB  . GLU A 1 37 ? 15.322  -9.588  5.253   1.00 24.16 ? 37  GLU A CB  1 
ATOM   249  C  CG  . GLU A 1 37 ? 16.836  -9.382  5.315   1.00 24.42 ? 37  GLU A CG  1 
ATOM   250  C  CD  . GLU A 1 37 ? 17.391  -8.771  4.051   1.00 24.19 ? 37  GLU A CD  1 
ATOM   251  O  OE1 . GLU A 1 37 ? 16.875  -9.118  2.969   1.00 25.29 ? 37  GLU A OE1 1 
ATOM   252  O  OE2 . GLU A 1 37 ? 18.292  -7.906  4.149   1.00 25.82 ? 37  GLU A OE2 1 
ATOM   253  N  N   . PHE A 1 38 ? 12.639  -11.250 5.683   1.00 25.41 ? 38  PHE A N   1 
ATOM   254  C  CA  . PHE A 1 38 ? 11.174  -11.358 5.615   1.00 24.87 ? 38  PHE A CA  1 
ATOM   255  C  C   . PHE A 1 38 ? 10.692  -11.798 6.963   1.00 24.61 ? 38  PHE A C   1 
ATOM   256  O  O   . PHE A 1 38 ? 9.736   -11.260 7.492   1.00 23.99 ? 38  PHE A O   1 
ATOM   257  C  CB  . PHE A 1 38 ? 10.788  -12.419 4.570   1.00 24.71 ? 38  PHE A CB  1 
ATOM   258  C  CG  . PHE A 1 38 ? 9.350   -12.806 4.633   1.00 24.85 ? 38  PHE A CG  1 
ATOM   259  C  CD1 . PHE A 1 38 ? 8.346   -11.867 4.290   1.00 23.83 ? 38  PHE A CD1 1 
ATOM   260  C  CD2 . PHE A 1 38 ? 8.970   -14.076 5.064   1.00 24.69 ? 38  PHE A CD2 1 
ATOM   261  C  CE1 . PHE A 1 38 ? 6.964   -12.234 4.341   1.00 20.53 ? 38  PHE A CE1 1 
ATOM   262  C  CE2 . PHE A 1 38 ? 7.617   -14.430 5.135   1.00 26.53 ? 38  PHE A CE2 1 
ATOM   263  C  CZ  . PHE A 1 38 ? 6.610   -13.503 4.779   1.00 23.96 ? 38  PHE A CZ  1 
ATOM   264  N  N   . LYS A 1 39 ? 11.374  -12.798 7.545   1.00 23.81 ? 39  LYS A N   1 
ATOM   265  C  CA  . LYS A 1 39 ? 10.968  -13.281 8.880   1.00 24.11 ? 39  LYS A CA  1 
ATOM   266  C  C   . LYS A 1 39 ? 11.091  -12.187 9.939   1.00 24.77 ? 39  LYS A C   1 
ATOM   267  O  O   . LYS A 1 39 ? 10.220  -12.063 10.803  1.00 23.94 ? 39  LYS A O   1 
ATOM   268  C  CB  . LYS A 1 39 ? 11.743  -14.538 9.269   1.00 23.97 ? 39  LYS A CB  1 
ATOM   269  C  CG  . LYS A 1 39 ? 11.375  -15.790 8.435   1.00 23.87 ? 39  LYS A CG  1 
ATOM   270  C  CD  . LYS A 1 39 ? 12.196  -16.955 8.928   1.00 22.67 ? 39  LYS A CD  1 
ATOM   271  C  CE  . LYS A 1 39 ? 11.770  -18.223 8.307   1.00 23.87 ? 39  LYS A CE  1 
ATOM   272  N  NZ  . LYS A 1 39 ? 12.702  -19.261 8.800   1.00 23.83 ? 39  LYS A NZ  1 
ATOM   273  N  N   . GLU A 1 40 ? 12.143  -11.376 9.853   1.00 23.88 ? 40  GLU A N   1 
ATOM   274  C  CA  . GLU A 1 40 ? 12.301  -10.235 10.742  1.00 24.56 ? 40  GLU A CA  1 
ATOM   275  C  C   . GLU A 1 40 ? 11.205  -9.205  10.564  1.00 23.82 ? 40  GLU A C   1 
ATOM   276  O  O   . GLU A 1 40 ? 10.620  -8.701  11.547  1.00 23.27 ? 40  GLU A O   1 
ATOM   277  C  CB  . GLU A 1 40 ? 13.702  -9.641  10.646  1.00 23.67 ? 40  GLU A CB  1 
ATOM   278  C  CG  . GLU A 1 40 ? 14.737  -10.546 11.356  1.00 24.34 ? 40  GLU A CG  1 
ATOM   279  C  CD  . GLU A 1 40 ? 14.506  -10.780 12.890  1.00 27.97 ? 40  GLU A CD  1 
ATOM   280  O  OE1 . GLU A 1 40 ? 13.829  -9.989  13.624  1.00 24.86 ? 40  GLU A OE1 1 
ATOM   281  O  OE2 . GLU A 1 40 ? 15.067  -11.787 13.388  1.00 31.49 ? 40  GLU A OE2 1 
ATOM   282  N  N   . LEU A 1 41 ? 10.877  -8.898  9.318   1.00 24.36 ? 41  LEU A N   1 
ATOM   283  C  CA  . LEU A 1 41 ? 9.830   -7.904  9.059   1.00 24.67 ? 41  LEU A CA  1 
ATOM   284  C  C   . LEU A 1 41 ? 8.510   -8.401  9.644   1.00 24.78 ? 41  LEU A C   1 
ATOM   285  O  O   . LEU A 1 41 ? 7.791   -7.640  10.288  1.00 25.19 ? 41  LEU A O   1 
ATOM   286  C  CB  . LEU A 1 41 ? 9.685   -7.645  7.563   1.00 25.14 ? 41  LEU A CB  1 
ATOM   287  C  CG  . LEU A 1 41 ? 8.799   -6.477  7.082   1.00 23.80 ? 41  LEU A CG  1 
ATOM   288  C  CD1 . LEU A 1 41 ? 9.331   -5.936  5.751   1.00 26.16 ? 41  LEU A CD1 1 
ATOM   289  C  CD2 . LEU A 1 41 ? 7.442   -7.091  6.897   1.00 27.82 ? 41  LEU A CD2 1 
ATOM   290  N  N   . VAL A 1 42 ? 8.189   -9.675  9.435   1.00 23.76 ? 42  VAL A N   1 
ATOM   291  C  CA  . VAL A 1 42 ? 6.896   -10.171 9.920   1.00 23.60 ? 42  VAL A CA  1 
ATOM   292  C  C   . VAL A 1 42 ? 6.855   -10.178 11.452  1.00 24.30 ? 42  VAL A C   1 
ATOM   293  O  O   . VAL A 1 42 ? 5.904   -9.689  12.081  1.00 23.33 ? 42  VAL A O   1 
ATOM   294  C  CB  . VAL A 1 42 ? 6.624   -11.581 9.374   1.00 23.56 ? 42  VAL A CB  1 
ATOM   295  C  CG1 . VAL A 1 42 ? 5.457   -12.170 10.102  1.00 24.37 ? 42  VAL A CG1 1 
ATOM   296  C  CG2 . VAL A 1 42 ? 6.349   -11.532 7.885   1.00 23.27 ? 42  VAL A CG2 1 
ATOM   297  N  N   . THR A 1 43 ? 7.921   -10.717 12.060  1.00 25.30 ? 43  THR A N   1 
ATOM   298  C  CA  . THR A 1 43 ? 7.921   -10.853 13.507  1.00 25.93 ? 43  THR A CA  1 
ATOM   299  C  C   . THR A 1 43 ? 7.958   -9.514  14.166  1.00 25.09 ? 43  THR A C   1 
ATOM   300  O  O   . THR A 1 43 ? 7.259   -9.341  15.165  1.00 24.70 ? 43  THR A O   1 
ATOM   301  C  CB  . THR A 1 43 ? 9.094   -11.723 14.046  1.00 28.34 ? 43  THR A CB  1 
ATOM   302  O  OG1 . THR A 1 43 ? 10.298  -10.992 13.841  1.00 31.15 ? 43  THR A OG1 1 
ATOM   303  C  CG2 . THR A 1 43 ? 9.169   -13.073 13.297  1.00 26.05 ? 43  THR A CG2 1 
ATOM   304  N  N   . GLN A 1 44 ? 8.735   -8.562  13.617  1.00 23.94 ? 44  GLN A N   1 
ATOM   305  C  CA  . GLN A 1 44 ? 8.840   -7.243  14.229  1.00 24.23 ? 44  GLN A CA  1 
ATOM   306  C  C   . GLN A 1 44 ? 7.677   -6.321  13.938  1.00 24.23 ? 44  GLN A C   1 
ATOM   307  O  O   . GLN A 1 44 ? 7.295   -5.547  14.810  1.00 24.42 ? 44  GLN A O   1 
ATOM   308  C  CB  . GLN A 1 44 ? 10.114  -6.509  13.798  1.00 23.29 ? 44  GLN A CB  1 
ATOM   309  C  CG  . GLN A 1 44 ? 11.329  -7.170  14.307  1.00 24.91 ? 44  GLN A CG  1 
ATOM   310  C  CD  . GLN A 1 44 ? 12.648  -6.408  14.010  1.00 25.71 ? 44  GLN A CD  1 
ATOM   311  O  OE1 . GLN A 1 44 ? 12.718  -5.177  14.088  1.00 24.55 ? 44  GLN A OE1 1 
ATOM   312  N  NE2 . GLN A 1 44 ? 13.681  -7.166  13.673  1.00 21.45 ? 44  GLN A NE2 1 
ATOM   313  N  N   . GLN A 1 45 ? 7.196   -6.339  12.703  1.00 23.97 ? 45  GLN A N   1 
ATOM   314  C  CA  . GLN A 1 45 ? 6.286   -5.282  12.230  1.00 25.05 ? 45  GLN A CA  1 
ATOM   315  C  C   . GLN A 1 45 ? 4.895   -5.740  11.837  1.00 25.44 ? 45  GLN A C   1 
ATOM   316  O  O   . GLN A 1 45 ? 4.014   -4.894  11.687  1.00 24.41 ? 45  GLN A O   1 
ATOM   317  C  CB  . GLN A 1 45 ? 6.925   -4.484  11.069  1.00 25.67 ? 45  GLN A CB  1 
ATOM   318  C  CG  . GLN A 1 45 ? 8.007   -3.555  11.562  1.00 26.38 ? 45  GLN A CG  1 
ATOM   319  C  CD  . GLN A 1 45 ? 7.498   -2.399  12.396  1.00 26.87 ? 45  GLN A CD  1 
ATOM   320  O  OE1 . GLN A 1 45 ? 6.412   -1.860  12.155  1.00 23.48 ? 45  GLN A OE1 1 
ATOM   321  N  NE2 . GLN A 1 45 ? 8.306   -1.971  13.363  1.00 26.06 ? 45  GLN A NE2 1 
ATOM   322  N  N   . LEU A 1 46 ? 4.685   -7.059  11.690  1.00 25.10 ? 46  LEU A N   1 
ATOM   323  C  CA  . LEU A 1 46 ? 3.334   -7.582  11.404  1.00 24.99 ? 46  LEU A CA  1 
ATOM   324  C  C   . LEU A 1 46 ? 2.876   -8.669  12.382  1.00 25.48 ? 46  LEU A C   1 
ATOM   325  O  O   . LEU A 1 46 ? 2.205   -9.607  11.973  1.00 26.81 ? 46  LEU A O   1 
ATOM   326  C  CB  . LEU A 1 46 ? 3.280   -8.119  9.961   1.00 25.53 ? 46  LEU A CB  1 
ATOM   327  C  CG  . LEU A 1 46 ? 3.542   -7.114  8.855   1.00 24.98 ? 46  LEU A CG  1 
ATOM   328  C  CD1 . LEU A 1 46 ? 3.729   -7.792  7.468   1.00 23.98 ? 46  LEU A CD1 1 
ATOM   329  C  CD2 . LEU A 1 46 ? 2.391   -6.090  8.758   1.00 24.20 ? 46  LEU A CD2 1 
ATOM   330  N  N   . PRO A 1 47 ? 3.212   -8.546  13.676  1.00 24.36 ? 47  PRO A N   1 
ATOM   331  C  CA  . PRO A 1 47 ? 2.925   -9.663  14.577  1.00 24.62 ? 47  PRO A CA  1 
ATOM   332  C  C   . PRO A 1 47 ? 1.431   -9.858  14.800  1.00 24.51 ? 47  PRO A C   1 
ATOM   333  O  O   . PRO A 1 47 ? 1.008   -10.964 15.150  1.00 25.22 ? 47  PRO A O   1 
ATOM   334  C  CB  . PRO A 1 47 ? 3.579   -9.223  15.913  1.00 25.61 ? 47  PRO A CB  1 
ATOM   335  C  CG  . PRO A 1 47 ? 3.501   -7.738  15.877  1.00 23.61 ? 47  PRO A CG  1 
ATOM   336  C  CD  . PRO A 1 47 ? 3.794   -7.404  14.412  1.00 25.68 ? 47  PRO A CD  1 
ATOM   337  N  N   . HIS A 1 48 ? 0.646   -8.798  14.615  1.00 23.02 ? 48  HIS A N   1 
ATOM   338  C  CA  . HIS A 1 48 ? -0.797  -8.822  14.792  1.00 24.42 ? 48  HIS A CA  1 
ATOM   339  C  C   . HIS A 1 48 ? -1.544  -9.187  13.497  1.00 25.35 ? 48  HIS A C   1 
ATOM   340  O  O   . HIS A 1 48 ? -2.362  -10.129 13.480  1.00 24.85 ? 48  HIS A O   1 
ATOM   341  C  CB  . HIS A 1 48 ? -1.265  -7.469  15.371  1.00 24.93 ? 48  HIS A CB  1 
ATOM   342  C  CG  . HIS A 1 48 ? -0.505  -7.067  16.600  1.00 28.37 ? 48  HIS A CG  1 
ATOM   343  N  ND1 . HIS A 1 48 ? 0.445   -6.055  16.607  1.00 30.22 ? 48  HIS A ND1 1 
ATOM   344  C  CD2 . HIS A 1 48 ? -0.477  -7.613  17.844  1.00 30.29 ? 48  HIS A CD2 1 
ATOM   345  C  CE1 . HIS A 1 48 ? 0.996   -5.979  17.803  1.00 31.46 ? 48  HIS A CE1 1 
ATOM   346  N  NE2 . HIS A 1 48 ? 0.445   -6.904  18.579  1.00 30.41 ? 48  HIS A NE2 1 
ATOM   347  N  N   . LEU A 1 49 ? -1.269  -8.454  12.415  1.00 24.66 ? 49  LEU A N   1 
ATOM   348  C  CA  . LEU A 1 49 ? -1.963  -8.697  11.143  1.00 25.12 ? 49  LEU A CA  1 
ATOM   349  C  C   . LEU A 1 49 ? -1.607  -10.063 10.564  1.00 25.30 ? 49  LEU A C   1 
ATOM   350  O  O   . LEU A 1 49 ? -2.426  -10.641 9.841   1.00 25.19 ? 49  LEU A O   1 
ATOM   351  C  CB  . LEU A 1 49 ? -1.665  -7.586  10.130  1.00 25.88 ? 49  LEU A CB  1 
ATOM   352  C  CG  . LEU A 1 49 ? -2.118  -6.165  10.465  1.00 26.66 ? 49  LEU A CG  1 
ATOM   353  C  CD1 . LEU A 1 49 ? -1.720  -5.222  9.305   1.00 25.81 ? 49  LEU A CD1 1 
ATOM   354  C  CD2 . LEU A 1 49 ? -3.625  -6.069  10.777  1.00 28.10 ? 49  LEU A CD2 1 
ATOM   355  N  N   . LEU A 1 50 ? -0.435  -10.610 10.923  1.00 24.81 ? 50  LEU A N   1 
ATOM   356  C  CA  . LEU A 1 50 ? -0.054  -11.960 10.456  1.00 24.36 ? 50  LEU A CA  1 
ATOM   357  C  C   . LEU A 1 50 ? -0.025  -13.015 11.583  1.00 25.13 ? 50  LEU A C   1 
ATOM   358  O  O   . LEU A 1 50 ? 0.617   -14.076 11.459  1.00 25.06 ? 50  LEU A O   1 
ATOM   359  C  CB  . LEU A 1 50 ? 1.281   -11.912 9.704   1.00 24.41 ? 50  LEU A CB  1 
ATOM   360  C  CG  . LEU A 1 50 ? 1.163   -11.414 8.260   1.00 25.63 ? 50  LEU A CG  1 
ATOM   361  C  CD1 . LEU A 1 50 ? 2.552   -11.297 7.667   1.00 25.90 ? 50  LEU A CD1 1 
ATOM   362  C  CD2 . LEU A 1 50 ? 0.274   -12.351 7.395   1.00 23.88 ? 50  LEU A CD2 1 
ATOM   363  N  N   . LYS A 1 51 ? -0.797  -12.773 12.638  1.00 24.43 ? 51  LYS A N   1 
ATOM   364  C  CA  . LYS A 1 51 ? -0.733  -13.695 13.795  1.00 25.00 ? 51  LYS A CA  1 
ATOM   365  C  C   . LYS A 1 51 ? -1.101  -15.143 13.408  1.00 24.75 ? 51  LYS A C   1 
ATOM   366  O  O   . LYS A 1 51 ? -0.579  -16.112 13.971  1.00 24.87 ? 51  LYS A O   1 
ATOM   367  C  CB  . LYS A 1 51 ? -1.597  -13.201 14.938  1.00 24.36 ? 51  LYS A CB  1 
ATOM   368  C  CG  . LYS A 1 51 ? -3.097  -13.154 14.640  1.00 26.79 ? 51  LYS A CG  1 
ATOM   369  N  N   . ASP A 1 52 ? -1.997  -15.286 12.436  1.00 24.57 ? 52  ASP A N   1 
ATOM   370  C  CA  . ASP A 1 52 ? -2.507  -16.601 12.067  1.00 24.12 ? 52  ASP A CA  1 
ATOM   371  C  C   . ASP A 1 52 ? -1.903  -17.151 10.796  1.00 23.90 ? 52  ASP A C   1 
ATOM   372  O  O   . ASP A 1 52 ? -2.494  -18.036 10.188  1.00 23.09 ? 52  ASP A O   1 
ATOM   373  C  CB  . ASP A 1 52 ? -4.029  -16.550 11.909  1.00 24.09 ? 52  ASP A CB  1 
ATOM   374  C  CG  . ASP A 1 52 ? -4.729  -16.314 13.208  1.00 26.44 ? 52  ASP A CG  1 
ATOM   375  O  OD1 . ASP A 1 52 ? -4.266  -16.864 14.225  1.00 28.78 ? 52  ASP A OD1 1 
ATOM   376  O  OD2 . ASP A 1 52 ? -5.740  -15.580 13.213  1.00 28.31 ? 52  ASP A OD2 1 
ATOM   377  N  N   . VAL A 1 53 ? -0.739  -16.635 10.395  1.00 23.25 ? 53  VAL A N   1 
ATOM   378  C  CA  . VAL A 1 53 ? -0.199  -16.969 9.077   1.00 26.05 ? 53  VAL A CA  1 
ATOM   379  C  C   . VAL A 1 53 ? 0.394   -18.378 8.953   1.00 26.29 ? 53  VAL A C   1 
ATOM   380  O  O   . VAL A 1 53 ? 0.551   -18.902 7.828   1.00 27.24 ? 53  VAL A O   1 
ATOM   381  C  CB  . VAL A 1 53 ? 0.855   -15.939 8.626   1.00 25.79 ? 53  VAL A CB  1 
ATOM   382  C  CG1 . VAL A 1 53 ? 2.126   -16.054 9.466   1.00 27.30 ? 53  VAL A CG1 1 
ATOM   383  C  CG2 . VAL A 1 53 ? 1.137   -16.053 7.119   1.00 28.35 ? 53  VAL A CG2 1 
ATOM   384  N  N   . GLY A 1 54 ? 0.745   -18.986 10.085  1.00 26.25 ? 54  GLY A N   1 
ATOM   385  C  CA  . GLY A 1 54 ? 1.416   -20.282 10.066  1.00 25.80 ? 54  GLY A CA  1 
ATOM   386  C  C   . GLY A 1 54 ? 2.868   -20.122 9.637   1.00 25.51 ? 54  GLY A C   1 
ATOM   387  O  O   . GLY A 1 54 ? 3.464   -19.054 9.825   1.00 26.63 ? 54  GLY A O   1 
ATOM   388  N  N   . SER A 1 55 ? 3.428   -21.180 9.052   1.00 24.69 ? 55  SER A N   1 
ATOM   389  C  CA  . SER A 1 55 ? 4.855   -21.250 8.665   1.00 24.07 ? 55  SER A CA  1 
ATOM   390  C  C   . SER A 1 55 ? 5.354   -20.101 7.822   1.00 23.68 ? 55  SER A C   1 
ATOM   391  O  O   . SER A 1 55 ? 4.862   -19.904 6.694   1.00 22.92 ? 55  SER A O   1 
ATOM   392  C  CB  . SER A 1 55 ? 5.146   -22.542 7.903   1.00 24.17 ? 55  SER A CB  1 
ATOM   393  O  OG  . SER A 1 55 ? 6.447   -22.482 7.338   1.00 23.73 ? 55  SER A OG  1 
ATOM   394  N  N   . LEU A 1 56 ? 6.306   -19.331 8.363   1.00 22.81 ? 56  LEU A N   1 
ATOM   395  C  CA  . LEU A 1 56 ? 6.876   -18.198 7.589   1.00 22.93 ? 56  LEU A CA  1 
ATOM   396  C  C   . LEU A 1 56 ? 7.673   -18.677 6.377   1.00 22.76 ? 56  LEU A C   1 
ATOM   397  O  O   . LEU A 1 56 ? 7.687   -18.047 5.324   1.00 22.97 ? 56  LEU A O   1 
ATOM   398  C  CB  . LEU A 1 56 ? 7.712   -17.270 8.492   1.00 22.50 ? 56  LEU A CB  1 
ATOM   399  C  CG  . LEU A 1 56 ? 6.906   -16.581 9.586   1.00 22.34 ? 56  LEU A CG  1 
ATOM   400  C  CD1 . LEU A 1 56 ? 7.767   -15.634 10.391  1.00 23.32 ? 56  LEU A CD1 1 
ATOM   401  C  CD2 . LEU A 1 56 ? 5.692   -15.816 9.029   1.00 23.16 ? 56  LEU A CD2 1 
ATOM   402  N  N   . ASP A 1 57 ? 8.358   -19.799 6.512   1.00 22.82 ? 57  ASP A N   1 
ATOM   403  C  CA  . ASP A 1 57 ? 9.099   -20.352 5.378   1.00 22.93 ? 57  ASP A CA  1 
ATOM   404  C  C   . ASP A 1 57 ? 8.149   -20.671 4.219   1.00 23.25 ? 57  ASP A C   1 
ATOM   405  O  O   . ASP A 1 57 ? 8.474   -20.400 3.074   1.00 23.41 ? 57  ASP A O   1 
ATOM   406  C  CB  . ASP A 1 57 ? 9.913   -21.588 5.794   1.00 23.67 ? 57  ASP A CB  1 
ATOM   407  C  CG  . ASP A 1 57 ? 11.127  -21.224 6.631   1.00 23.34 ? 57  ASP A CG  1 
ATOM   408  N  N   . GLU A 1 58 ? 6.962   -21.214 4.508   1.00 23.15 ? 58  GLU A N   1 
ATOM   409  C  CA  . GLU A 1 58 ? 5.949   -21.444 3.455   1.00 23.04 ? 58  GLU A CA  1 
ATOM   410  C  C   . GLU A 1 58 ? 5.341   -20.155 2.878   1.00 23.12 ? 58  GLU A C   1 
ATOM   411  O  O   . GLU A 1 58 ? 5.127   -20.018 1.664   1.00 22.58 ? 58  GLU A O   1 
ATOM   412  C  CB  . GLU A 1 58 ? 4.848   -22.401 3.950   1.00 22.37 ? 58  GLU A CB  1 
ATOM   413  C  CG  . GLU A 1 58 ? 5.382   -23.709 4.561   1.00 26.33 ? 58  GLU A CG  1 
ATOM   414  C  CD  . GLU A 1 58 ? 6.330   -24.490 3.637   1.00 30.56 ? 58  GLU A CD  1 
ATOM   415  O  OE1 . GLU A 1 58 ? 6.206   -24.372 2.386   1.00 32.01 ? 58  GLU A OE1 1 
ATOM   416  O  OE2 . GLU A 1 58 ? 7.189   -25.233 4.171   1.00 31.65 ? 58  GLU A OE2 1 
ATOM   417  N  N   . LYS A 1 59 ? 5.056   -19.201 3.747   1.00 23.72 ? 59  LYS A N   1 
ATOM   418  C  CA  . LYS A 1 59 ? 4.565   -17.908 3.291   1.00 23.68 ? 59  LYS A CA  1 
ATOM   419  C  C   . LYS A 1 59 ? 5.581   -17.200 2.377   1.00 24.36 ? 59  LYS A C   1 
ATOM   420  O  O   . LYS A 1 59 ? 5.223   -16.609 1.367   1.00 24.89 ? 59  LYS A O   1 
ATOM   421  C  CB  . LYS A 1 59 ? 4.251   -17.020 4.480   1.00 23.65 ? 59  LYS A CB  1 
ATOM   422  C  CG  . LYS A 1 59 ? 3.572   -15.681 4.099   1.00 22.62 ? 59  LYS A CG  1 
ATOM   423  C  CD  . LYS A 1 59 ? 2.209   -15.933 3.516   1.00 22.51 ? 59  LYS A CD  1 
ATOM   424  C  CE  . LYS A 1 59 ? 1.394   -14.658 3.405   1.00 26.15 ? 59  LYS A CE  1 
ATOM   425  N  NZ  . LYS A 1 59 ? 0.122   -14.888 2.647   1.00 27.48 ? 59  LYS A NZ  1 
ATOM   426  N  N   . MET A 1 60 ? 6.853   -17.244 2.728   1.00 25.01 ? 60  MET A N   1 
ATOM   427  C  CA  . MET A 1 60 ? 7.914   -16.721 1.836   1.00 25.88 ? 60  MET A CA  1 
ATOM   428  C  C   . MET A 1 60 ? 7.792   -17.354 0.419   1.00 26.45 ? 60  MET A C   1 
ATOM   429  O  O   . MET A 1 60 ? 7.735   -16.650 -0.608  1.00 26.71 ? 60  MET A O   1 
ATOM   430  C  CB  . MET A 1 60 ? 9.284   -17.048 2.448   1.00 23.87 ? 60  MET A CB  1 
ATOM   431  C  CG  . MET A 1 60 ? 10.499  -16.651 1.576   1.00 25.68 ? 60  MET A CG  1 
ATOM   432  S  SD  . MET A 1 60 ? 10.802  -14.861 1.676   1.00 25.46 ? 60  MET A SD  1 
ATOM   433  C  CE  . MET A 1 60 ? 12.226  -14.709 0.618   1.00 21.75 ? 60  MET A CE  1 
ATOM   434  N  N   . LYS A 1 61 ? 7.719   -18.660 0.389   1.00 25.55 ? 61  LYS A N   1 
ATOM   435  C  CA  . LYS A 1 61 ? 7.579   -19.423 -0.860  1.00 24.96 ? 61  LYS A CA  1 
ATOM   436  C  C   . LYS A 1 61 ? 6.350   -18.935 -1.631  1.00 24.33 ? 61  LYS A C   1 
ATOM   437  O  O   . LYS A 1 61 ? 6.441   -18.641 -2.776  1.00 21.65 ? 61  LYS A O   1 
ATOM   438  C  CB  . LYS A 1 61 ? 7.544   -20.937 -0.605  1.00 25.07 ? 61  LYS A CB  1 
ATOM   439  C  CG  . LYS A 1 61 ? 8.911   -21.542 -0.162  1.00 23.52 ? 61  LYS A CG  1 
ATOM   440  C  CD  . LYS A 1 61 ? 8.870   -23.072 0.072   1.00 27.05 ? 61  LYS A CD  1 
ATOM   441  N  N   . SER A 1 62 ? 5.233   -18.727 -0.939  1.00 24.78 ? 62  SER A N   1 
ATOM   442  C  CA  . SER A 1 62 ? 3.986   -18.321 -1.559  1.00 25.39 ? 62  SER A CA  1 
ATOM   443  C  C   . SER A 1 62 ? 4.102   -16.903 -2.196  1.00 25.00 ? 62  SER A C   1 
ATOM   444  O  O   . SER A 1 62 ? 3.594   -16.653 -3.311  1.00 24.27 ? 62  SER A O   1 
ATOM   445  C  CB  . SER A 1 62 ? 2.924   -18.282 -0.443  1.00 25.99 ? 62  SER A CB  1 
ATOM   446  O  OG  . SER A 1 62 ? 1.660   -17.996 -0.968  1.00 29.62 ? 62  SER A OG  1 
ATOM   447  N  N   . LEU A 1 63 ? 4.766   -16.002 -1.478  1.00 24.41 ? 63  LEU A N   1 
ATOM   448  C  CA  . LEU A 1 63 ? 4.956   -14.623 -1.958  1.00 24.76 ? 63  LEU A CA  1 
ATOM   449  C  C   . LEU A 1 63 ? 6.030   -14.498 -3.017  1.00 24.21 ? 63  LEU A C   1 
ATOM   450  O  O   . LEU A 1 63 ? 6.081   -13.490 -3.716  1.00 24.25 ? 63  LEU A O   1 
ATOM   451  C  CB  . LEU A 1 63 ? 5.329   -13.704 -0.781  1.00 23.38 ? 63  LEU A CB  1 
ATOM   452  C  CG  . LEU A 1 63 ? 4.240   -13.500 0.270   1.00 23.45 ? 63  LEU A CG  1 
ATOM   453  C  CD1 . LEU A 1 63 ? 4.805   -12.846 1.510   1.00 23.34 ? 63  LEU A CD1 1 
ATOM   454  C  CD2 . LEU A 1 63 ? 3.061   -12.631 -0.275  1.00 25.22 ? 63  LEU A CD2 1 
ATOM   455  N  N   . ASP A 1 64 ? 6.950   -15.452 -3.058  1.00 24.32 ? 64  ASP A N   1 
ATOM   456  C  CA  . ASP A 1 64 ? 8.071   -15.382 -3.989  1.00 23.86 ? 64  ASP A CA  1 
ATOM   457  C  C   . ASP A 1 64 ? 7.566   -15.882 -5.364  1.00 23.77 ? 64  ASP A C   1 
ATOM   458  O  O   . ASP A 1 64 ? 7.852   -17.019 -5.766  1.00 24.00 ? 64  ASP A O   1 
ATOM   459  C  CB  . ASP A 1 64 ? 9.272   -16.160 -3.430  1.00 23.69 ? 64  ASP A CB  1 
ATOM   460  C  CG  . ASP A 1 64 ? 10.426  -16.259 -4.439  1.00 24.94 ? 64  ASP A CG  1 
ATOM   461  O  OD1 . ASP A 1 64 ? 10.516  -15.352 -5.318  1.00 26.33 ? 64  ASP A OD1 1 
ATOM   462  O  OD2 . ASP A 1 64 ? 11.229  -17.217 -4.353  1.00 27.73 ? 64  ASP A OD2 1 
ATOM   463  N  N   . VAL A 1 65 ? 6.822   -15.032 -6.077  1.00 24.05 ? 65  VAL A N   1 
ATOM   464  C  CA  . VAL A 1 65 ? 6.092   -15.453 -7.272  1.00 23.73 ? 65  VAL A CA  1 
ATOM   465  C  C   . VAL A 1 65 ? 6.928   -15.805 -8.508  1.00 23.87 ? 65  VAL A C   1 
ATOM   466  O  O   . VAL A 1 65 ? 6.421   -16.418 -9.438  1.00 24.02 ? 65  VAL A O   1 
ATOM   467  C  CB  . VAL A 1 65 ? 5.032   -14.445 -7.678  1.00 24.26 ? 65  VAL A CB  1 
ATOM   468  C  CG1 . VAL A 1 65 ? 3.999   -14.305 -6.556  1.00 21.52 ? 65  VAL A CG1 1 
ATOM   469  C  CG2 . VAL A 1 65 ? 5.673   -13.086 -7.981  1.00 26.21 ? 65  VAL A CG2 1 
ATOM   470  N  N   . ASN A 1 66 ? 8.183   -15.381 -8.527  1.00 24.60 ? 66  ASN A N   1 
ATOM   471  C  CA  . ASN A 1 66 ? 9.119   -15.785 -9.604  1.00 24.33 ? 66  ASN A CA  1 
ATOM   472  C  C   . ASN A 1 66 ? 10.202  -16.747 -9.131  1.00 24.84 ? 66  ASN A C   1 
ATOM   473  O  O   . ASN A 1 66 ? 11.166  -16.994 -9.860  1.00 26.15 ? 66  ASN A O   1 
ATOM   474  C  CB  . ASN A 1 66 ? 9.775   -14.567 -10.206 1.00 23.58 ? 66  ASN A CB  1 
ATOM   475  C  CG  . ASN A 1 66 ? 10.108  -13.549 -9.169  1.00 26.55 ? 66  ASN A CG  1 
ATOM   476  O  OD1 . ASN A 1 66 ? 10.781  -13.841 -8.133  1.00 24.65 ? 66  ASN A OD1 1 
ATOM   477  N  ND2 . ASN A 1 66 ? 9.574   -12.352 -9.370  1.00 30.86 ? 66  ASN A ND2 1 
ATOM   478  N  N   . GLN A 1 67 ? 10.073  -17.263 -7.905  1.00 25.59 ? 67  GLN A N   1 
ATOM   479  C  CA  . GLN A 1 67 ? 10.874  -18.421 -7.488  1.00 24.54 ? 67  GLN A CA  1 
ATOM   480  C  C   . GLN A 1 67 ? 12.373  -18.119 -7.567  1.00 24.27 ? 67  GLN A C   1 
ATOM   481  O  O   . GLN A 1 67 ? 13.151  -18.922 -8.066  1.00 23.91 ? 67  GLN A O   1 
ATOM   482  C  CB  . GLN A 1 67 ? 10.488  -19.661 -8.320  1.00 25.62 ? 67  GLN A CB  1 
ATOM   483  C  CG  . GLN A 1 67 ? 8.999   -19.901 -8.238  1.00 26.61 ? 67  GLN A CG  1 
ATOM   484  C  CD  . GLN A 1 67 ? 8.342   -20.200 -9.576  1.00 27.00 ? 67  GLN A CD  1 
ATOM   485  O  OE1 . GLN A 1 67 ? 8.989   -20.294 -10.606 1.00 27.36 ? 67  GLN A OE1 1 
ATOM   486  N  NE2 . GLN A 1 67 ? 7.032   -20.336 -9.553  1.00 30.63 ? 67  GLN A NE2 1 
ATOM   487  N  N   . ASP A 1 68 ? 12.770  -16.957 -7.058  1.00 23.39 ? 68  ASP A N   1 
ATOM   488  C  CA  . ASP A 1 68 ? 14.180  -16.568 -6.964  1.00 24.62 ? 68  ASP A CA  1 
ATOM   489  C  C   . ASP A 1 68 ? 14.717  -16.434 -5.532  1.00 24.25 ? 68  ASP A C   1 
ATOM   490  O  O   . ASP A 1 68 ? 15.866  -16.044 -5.332  1.00 24.83 ? 68  ASP A O   1 
ATOM   491  C  CB  . ASP A 1 68 ? 14.477  -15.326 -7.808  1.00 24.87 ? 68  ASP A CB  1 
ATOM   492  C  CG  . ASP A 1 68 ? 13.844  -14.065 -7.245  1.00 25.59 ? 68  ASP A CG  1 
ATOM   493  O  OD1 . ASP A 1 68 ? 13.164  -14.149 -6.219  1.00 24.87 ? 68  ASP A OD1 1 
ATOM   494  O  OD2 . ASP A 1 68 ? 14.009  -13.002 -7.863  1.00 26.08 ? 68  ASP A OD2 1 
ATOM   495  N  N   . SER A 1 69 ? 13.877  -16.785 -4.560  1.00 24.07 ? 69  SER A N   1 
ATOM   496  C  CA  . SER A 1 69 ? 14.240  -16.951 -3.141  1.00 22.92 ? 69  SER A CA  1 
ATOM   497  C  C   . SER A 1 69 ? 14.383  -15.621 -2.415  1.00 23.29 ? 69  SER A C   1 
ATOM   498  O  O   . SER A 1 69 ? 14.932  -15.578 -1.308  1.00 24.54 ? 69  SER A O   1 
ATOM   499  C  CB  . SER A 1 69 ? 15.518  -17.800 -2.949  1.00 22.74 ? 69  SER A CB  1 
ATOM   500  O  OG  . SER A 1 69 ? 15.432  -19.012 -3.671  1.00 26.40 ? 69  SER A OG  1 
ATOM   501  N  N   . GLU A 1 70 ? 13.877  -14.558 -3.053  1.00 23.04 ? 70  GLU A N   1 
ATOM   502  C  CA  . GLU A 1 70 ? 13.894  -13.200 -2.500  1.00 23.99 ? 70  GLU A CA  1 
ATOM   503  C  C   . GLU A 1 70 ? 12.555  -12.522 -2.745  1.00 25.15 ? 70  GLU A C   1 
ATOM   504  O  O   . GLU A 1 70 ? 11.900  -12.830 -3.722  1.00 25.11 ? 70  GLU A O   1 
ATOM   505  C  CB  . GLU A 1 70 ? 14.998  -12.330 -3.150  1.00 25.26 ? 70  GLU A CB  1 
ATOM   506  C  CG  . GLU A 1 70 ? 16.396  -12.896 -3.044  1.00 28.41 ? 70  GLU A CG  1 
ATOM   507  C  CD  . GLU A 1 70 ? 17.262  -12.299 -1.931  1.00 32.10 ? 70  GLU A CD  1 
ATOM   508  O  OE1 . GLU A 1 70 ? 18.194  -12.986 -1.507  1.00 31.79 ? 70  GLU A OE1 1 
ATOM   509  O  OE2 . GLU A 1 70 ? 17.029  -11.156 -1.483  1.00 34.91 ? 70  GLU A OE2 1 
ATOM   510  N  N   . LEU A 1 71 ? 12.177  -11.578 -1.882  1.00 24.18 ? 71  LEU A N   1 
ATOM   511  C  CA  . LEU A 1 71 ? 10.982  -10.778 -2.181  1.00 25.90 ? 71  LEU A CA  1 
ATOM   512  C  C   . LEU A 1 71 ? 11.433  -9.381  -2.629  1.00 25.46 ? 71  LEU A C   1 
ATOM   513  O  O   . LEU A 1 71 ? 12.000  -8.646  -1.815  1.00 24.60 ? 71  LEU A O   1 
ATOM   514  C  CB  . LEU A 1 71 ? 10.087  -10.644 -0.935  1.00 24.41 ? 71  LEU A CB  1 
ATOM   515  C  CG  . LEU A 1 71 ? 9.629   -12.000 -0.361  1.00 27.34 ? 71  LEU A CG  1 
ATOM   516  C  CD1 . LEU A 1 71 ? 8.547   -11.799 0.662   1.00 24.60 ? 71  LEU A CD1 1 
ATOM   517  C  CD2 . LEU A 1 71 ? 9.162   -12.945 -1.508  1.00 25.34 ? 71  LEU A CD2 1 
ATOM   518  N  N   . LYS A 1 72 ? 11.168  -9.025  -3.901  1.00 23.77 ? 72  LYS A N   1 
ATOM   519  C  CA  . LYS A 1 72 ? 11.384  -7.663  -4.379  1.00 24.83 ? 72  LYS A CA  1 
ATOM   520  C  C   . LYS A 1 72 ? 10.202  -6.819  -3.930  1.00 25.30 ? 72  LYS A C   1 
ATOM   521  O  O   . LYS A 1 72 ? 9.233   -7.355  -3.360  1.00 25.93 ? 72  LYS A O   1 
ATOM   522  C  CB  . LYS A 1 72 ? 11.589  -7.607  -5.906  1.00 24.09 ? 72  LYS A CB  1 
ATOM   523  C  CG  . LYS A 1 72 ? 12.997  -8.144  -6.280  1.00 28.08 ? 72  LYS A CG  1 
ATOM   524  C  CD  . LYS A 1 72 ? 13.370  -7.925  -7.716  1.00 28.25 ? 72  LYS A CD  1 
ATOM   525  C  CE  . LYS A 1 72 ? 14.352  -8.993  -8.152  1.00 31.54 ? 72  LYS A CE  1 
ATOM   526  N  NZ  . LYS A 1 72 ? 14.539  -9.069  -9.655  1.00 29.92 ? 72  LYS A NZ  1 
ATOM   527  N  N   . PHE A 1 73 ? 10.286  -5.507  -4.135  1.00 24.86 ? 73  PHE A N   1 
ATOM   528  C  CA  . PHE A 1 73 ? 9.241   -4.626  -3.584  1.00 23.69 ? 73  PHE A CA  1 
ATOM   529  C  C   . PHE A 1 73 ? 7.864   -5.035  -4.136  1.00 23.39 ? 73  PHE A C   1 
ATOM   530  O  O   . PHE A 1 73 ? 6.857   -5.015  -3.413  1.00 22.94 ? 73  PHE A O   1 
ATOM   531  C  CB  . PHE A 1 73 ? 9.496   -3.170  -3.971  1.00 23.89 ? 73  PHE A CB  1 
ATOM   532  C  CG  . PHE A 1 73 ? 8.446   -2.261  -3.458  1.00 24.92 ? 73  PHE A CG  1 
ATOM   533  C  CD1 . PHE A 1 73 ? 8.433   -1.899  -2.114  1.00 22.31 ? 73  PHE A CD1 1 
ATOM   534  C  CD2 . PHE A 1 73 ? 7.400   -1.830  -4.302  1.00 24.79 ? 73  PHE A CD2 1 
ATOM   535  C  CE1 . PHE A 1 73 ? 7.398   -1.083  -1.604  1.00 24.87 ? 73  PHE A CE1 1 
ATOM   536  C  CE2 . PHE A 1 73 ? 6.377   -1.008  -3.804  1.00 25.90 ? 73  PHE A CE2 1 
ATOM   537  C  CZ  . PHE A 1 73 ? 6.377   -0.636  -2.461  1.00 24.38 ? 73  PHE A CZ  1 
ATOM   538  N  N   . ASN A 1 74 ? 7.799   -5.401  -5.406  1.00 23.73 ? 74  ASN A N   1 
ATOM   539  C  CA  . ASN A 1 74 ? 6.481   -5.788  -5.970  1.00 23.70 ? 74  ASN A CA  1 
ATOM   540  C  C   . ASN A 1 74 ? 5.825   -6.930  -5.208  1.00 25.46 ? 74  ASN A C   1 
ATOM   541  O  O   . ASN A 1 74 ? 4.591   -6.972  -5.041  1.00 24.78 ? 74  ASN A O   1 
ATOM   542  C  CB  . ASN A 1 74 ? 6.499   -6.007  -7.505  1.00 25.13 ? 74  ASN A CB  1 
ATOM   543  C  CG  . ASN A 1 74 ? 7.515   -7.095  -8.017  1.00 26.14 ? 74  ASN A CG  1 
ATOM   544  O  OD1 . ASN A 1 74 ? 8.225   -7.777  -7.259  1.00 27.65 ? 74  ASN A OD1 1 
ATOM   545  N  ND2 . ASN A 1 74 ? 7.611   -7.191  -9.360  1.00 29.40 ? 74  ASN A ND2 1 
ATOM   546  N  N   . GLU A 1 75 ? 6.665   -7.871  -4.757  1.00 24.86 ? 75  GLU A N   1 
ATOM   547  C  CA  . GLU A 1 75 ? 6.136   -9.071  -4.055  1.00 25.00 ? 75  GLU A CA  1 
ATOM   548  C  C   . GLU A 1 75 ? 5.681   -8.712  -2.650  1.00 25.33 ? 75  GLU A C   1 
ATOM   549  O  O   . GLU A 1 75 ? 4.667   -9.228  -2.156  1.00 26.24 ? 75  GLU A O   1 
ATOM   550  C  CB  . GLU A 1 75 ? 7.158   -10.221 -4.079  1.00 24.17 ? 75  GLU A CB  1 
ATOM   551  C  CG  . GLU A 1 75 ? 7.364   -10.829 -5.516  1.00 22.58 ? 75  GLU A CG  1 
ATOM   552  C  CD  . GLU A 1 75 ? 8.627   -11.615 -5.653  1.00 22.42 ? 75  GLU A CD  1 
ATOM   553  O  OE1 . GLU A 1 75 ? 9.694   -11.271 -5.046  1.00 23.42 ? 75  GLU A OE1 1 
ATOM   554  O  OE2 . GLU A 1 75 ? 8.569   -12.654 -6.344  1.00 24.97 ? 75  GLU A OE2 1 
ATOM   555  N  N   . TYR A 1 76 ? 6.449   -7.849  -1.983  1.00 24.63 ? 76  TYR A N   1 
ATOM   556  C  CA  . TYR A 1 76 ? 6.049   -7.313  -0.650  1.00 25.27 ? 76  TYR A CA  1 
ATOM   557  C  C   . TYR A 1 76 ? 4.769   -6.534  -0.800  1.00 24.40 ? 76  TYR A C   1 
ATOM   558  O  O   . TYR A 1 76 ? 3.870   -6.657  0.020   1.00 24.88 ? 76  TYR A O   1 
ATOM   559  C  CB  . TYR A 1 76 ? 7.150   -6.377  -0.202  1.00 25.11 ? 76  TYR A CB  1 
ATOM   560  C  CG  . TYR A 1 76 ? 6.813   -5.416  0.923   1.00 23.52 ? 76  TYR A CG  1 
ATOM   561  C  CD1 . TYR A 1 76 ? 6.809   -5.862  2.258   1.00 25.67 ? 76  TYR A CD1 1 
ATOM   562  C  CD2 . TYR A 1 76 ? 6.579   -4.085  0.665   1.00 25.20 ? 76  TYR A CD2 1 
ATOM   563  C  CE1 . TYR A 1 76 ? 6.538   -4.969  3.327   1.00 26.39 ? 76  TYR A CE1 1 
ATOM   564  C  CE2 . TYR A 1 76 ? 6.324   -3.185  1.701   1.00 23.12 ? 76  TYR A CE2 1 
ATOM   565  C  CZ  . TYR A 1 76 ? 6.309   -3.642  3.029   1.00 25.10 ? 76  TYR A CZ  1 
ATOM   566  O  OH  . TYR A 1 76 ? 6.072   -2.719  4.043   1.00 23.96 ? 76  TYR A OH  1 
ATOM   567  N  N   . TRP A 1 77 ? 4.662   -5.739  -1.867  1.00 24.03 ? 77  TRP A N   1 
ATOM   568  C  CA  . TRP A 1 77 ? 3.441   -4.945  -2.081  1.00 23.66 ? 77  TRP A CA  1 
ATOM   569  C  C   . TRP A 1 77 ? 2.187   -5.847  -2.192  1.00 24.42 ? 77  TRP A C   1 
ATOM   570  O  O   . TRP A 1 77 ? 1.097   -5.482  -1.701  1.00 24.64 ? 77  TRP A O   1 
ATOM   571  C  CB  . TRP A 1 77 ? 3.596   -4.046  -3.311  1.00 24.84 ? 77  TRP A CB  1 
ATOM   572  C  CG  . TRP A 1 77 ? 2.379   -3.073  -3.389  1.00 26.02 ? 77  TRP A CG  1 
ATOM   573  C  CD1 . TRP A 1 77 ? 1.316   -3.112  -4.279  1.00 25.10 ? 77  TRP A CD1 1 
ATOM   574  C  CD2 . TRP A 1 77 ? 2.115   -2.012  -2.483  1.00 23.14 ? 77  TRP A CD2 1 
ATOM   575  N  NE1 . TRP A 1 77 ? 0.427   -2.107  -3.965  1.00 25.29 ? 77  TRP A NE1 1 
ATOM   576  C  CE2 . TRP A 1 77 ? 0.896   -1.415  -2.876  1.00 22.31 ? 77  TRP A CE2 1 
ATOM   577  C  CE3 . TRP A 1 77 ? 2.800   -1.494  -1.371  1.00 25.33 ? 77  TRP A CE3 1 
ATOM   578  C  CZ2 . TRP A 1 77 ? 0.327   -0.344  -2.198  1.00 22.58 ? 77  TRP A CZ2 1 
ATOM   579  C  CZ3 . TRP A 1 77 ? 2.249   -0.361  -0.706  1.00 24.71 ? 77  TRP A CZ3 1 
ATOM   580  C  CH2 . TRP A 1 77 ? 1.030   0.189   -1.111  1.00 27.72 ? 77  TRP A CH2 1 
ATOM   581  N  N   . ARG A 1 78 ? 2.330   -7.009  -2.853  1.00 24.94 ? 78  ARG A N   1 
ATOM   582  C  CA  . ARG A 1 78 ? 1.253   -8.005  -2.944  1.00 24.61 ? 78  ARG A CA  1 
ATOM   583  C  C   . ARG A 1 78 ? 0.812   -8.438  -1.517  1.00 24.65 ? 78  ARG A C   1 
ATOM   584  O  O   . ARG A 1 78 ? -0.395  -8.559  -1.224  1.00 24.16 ? 78  ARG A O   1 
ATOM   585  C  CB  . ARG A 1 78 ? 1.651   -9.238  -3.761  1.00 25.34 ? 78  ARG A CB  1 
ATOM   586  C  CG  . ARG A 1 78 ? 1.790   -8.974  -5.280  1.00 26.15 ? 78  ARG A CG  1 
ATOM   587  C  CD  . ARG A 1 78 ? 1.760   -10.229 -6.199  1.00 25.80 ? 78  ARG A CD  1 
ATOM   588  N  N   . LEU A 1 79 ? 1.772   -8.715  -0.650  1.00 24.12 ? 79  LEU A N   1 
ATOM   589  C  CA  . LEU A 1 79 ? 1.453   -9.008  0.764   1.00 23.59 ? 79  LEU A CA  1 
ATOM   590  C  C   . LEU A 1 79 ? 0.699   -7.847  1.414   1.00 25.01 ? 79  LEU A C   1 
ATOM   591  O  O   . LEU A 1 79 ? -0.314  -8.068  2.116   1.00 24.49 ? 79  LEU A O   1 
ATOM   592  C  CB  . LEU A 1 79 ? 2.724   -9.278  1.553   1.00 23.51 ? 79  LEU A CB  1 
ATOM   593  C  CG  . LEU A 1 79 ? 2.536   -9.410  3.058   1.00 21.96 ? 79  LEU A CG  1 
ATOM   594  C  CD1 . LEU A 1 79 ? 1.715   -10.652 3.434   1.00 22.60 ? 79  LEU A CD1 1 
ATOM   595  C  CD2 . LEU A 1 79 ? 3.917   -9.541  3.731   1.00 22.06 ? 79  LEU A CD2 1 
ATOM   596  N  N   . ILE A 1 80 ? 1.184   -6.615  1.244   1.00 25.03 ? 80  ILE A N   1 
ATOM   597  C  CA  . ILE A 1 80 ? 0.476   -5.475  1.867   1.00 25.33 ? 80  ILE A CA  1 
ATOM   598  C  C   . ILE A 1 80 ? -0.980  -5.449  1.395   1.00 25.01 ? 80  ILE A C   1 
ATOM   599  O  O   . ILE A 1 80 ? -1.908  -5.184  2.173   1.00 25.30 ? 80  ILE A O   1 
ATOM   600  C  CB  . ILE A 1 80 ? 1.204   -4.110  1.583   1.00 24.25 ? 80  ILE A CB  1 
ATOM   601  C  CG1 . ILE A 1 80 ? 2.667   -4.183  2.053   1.00 22.92 ? 80  ILE A CG1 1 
ATOM   602  C  CG2 . ILE A 1 80 ? 0.482   -2.942  2.301   1.00 24.86 ? 80  ILE A CG2 1 
ATOM   603  C  CD1 . ILE A 1 80 ? 2.785   -4.627  3.528   1.00 25.29 ? 80  ILE A CD1 1 
ATOM   604  N  N   . GLY A 1 81 ? -1.179  -5.677  0.095   1.00 26.20 ? 81  GLY A N   1 
ATOM   605  C  CA  . GLY A 1 81 ? -2.530  -5.686  -0.487  1.00 24.77 ? 81  GLY A CA  1 
ATOM   606  C  C   . GLY A 1 81 ? -3.406  -6.763  0.105   1.00 25.33 ? 81  GLY A C   1 
ATOM   607  O  O   . GLY A 1 81 ? -4.600  -6.543  0.318   1.00 24.71 ? 81  GLY A O   1 
ATOM   608  N  N   . GLU A 1 82 ? -2.834  -7.936  0.363   1.00 24.55 ? 82  GLU A N   1 
ATOM   609  C  CA  . GLU A 1 82 ? -3.586  -9.003  0.997   1.00 25.84 ? 82  GLU A CA  1 
ATOM   610  C  C   . GLU A 1 82 ? -4.047  -8.609  2.410   1.00 24.05 ? 82  GLU A C   1 
ATOM   611  O  O   . GLU A 1 82 ? -5.207  -8.853  2.777   1.00 24.72 ? 82  GLU A O   1 
ATOM   612  C  CB  . GLU A 1 82 ? -2.776  -10.333 0.943   1.00 25.37 ? 82  GLU A CB  1 
ATOM   613  C  CG  . GLU A 1 82 ? -2.892  -11.232 2.158   1.00 30.30 ? 82  GLU A CG  1 
ATOM   614  C  CD  . GLU A 1 82 ? -1.794  -12.356 2.229   1.00 29.28 ? 82  GLU A CD  1 
ATOM   615  O  OE1 . GLU A 1 82 ? -1.123  -12.672 1.199   1.00 33.20 ? 82  GLU A OE1 1 
ATOM   616  O  OE2 . GLU A 1 82 ? -1.632  -12.929 3.340   1.00 34.48 ? 82  GLU A OE2 1 
ATOM   617  N  N   . LEU A 1 83 ? -3.125  -8.036  3.191   1.00 24.12 ? 83  LEU A N   1 
ATOM   618  C  CA  . LEU A 1 83 ? -3.414  -7.527  4.555   1.00 23.32 ? 83  LEU A CA  1 
ATOM   619  C  C   . LEU A 1 83 ? -4.454  -6.402  4.545   1.00 24.02 ? 83  LEU A C   1 
ATOM   620  O  O   . LEU A 1 83 ? -5.391  -6.410  5.377   1.00 23.80 ? 83  LEU A O   1 
ATOM   621  C  CB  . LEU A 1 83 ? -2.120  -7.019  5.194   1.00 22.95 ? 83  LEU A CB  1 
ATOM   622  C  CG  . LEU A 1 83 ? -1.099  -8.139  5.440   1.00 23.66 ? 83  LEU A CG  1 
ATOM   623  C  CD1 . LEU A 1 83 ? 0.123   -7.574  6.136   1.00 25.90 ? 83  LEU A CD1 1 
ATOM   624  C  CD2 . LEU A 1 83 ? -1.739  -9.287  6.204   1.00 21.19 ? 83  LEU A CD2 1 
ATOM   625  N  N   . ALA A 1 84 ? -4.285  -5.450  3.618   1.00 23.56 ? 84  ALA A N   1 
ATOM   626  C  CA  . ALA A 1 84 ? -5.279  -4.369  3.414   1.00 24.27 ? 84  ALA A CA  1 
ATOM   627  C  C   . ALA A 1 84 ? -6.683  -4.895  3.131   1.00 25.10 ? 84  ALA A C   1 
ATOM   628  O  O   . ALA A 1 84 ? -7.661  -4.385  3.668   1.00 26.69 ? 84  ALA A O   1 
ATOM   629  C  CB  . ALA A 1 84 ? -4.834  -3.335  2.305   1.00 25.12 ? 84  ALA A CB  1 
ATOM   630  N  N   . LYS A 1 85 ? -6.761  -5.934  2.306   1.00 24.89 ? 85  LYS A N   1 
ATOM   631  C  CA  . LYS A 1 85 ? -8.037  -6.414  1.823   1.00 25.27 ? 85  LYS A CA  1 
ATOM   632  C  C   . LYS A 1 85 ? -8.712  -7.179  2.958   1.00 24.87 ? 85  LYS A C   1 
ATOM   633  O  O   . LYS A 1 85 ? -9.937  -7.138  3.068   1.00 25.68 ? 85  LYS A O   1 
ATOM   634  C  CB  . LYS A 1 85 ? -7.873  -7.159  0.490   1.00 23.95 ? 85  LYS A CB  1 
ATOM   635  C  CG  . LYS A 1 85 ? -7.469  -6.151  -0.624  1.00 25.91 ? 85  LYS A CG  1 
ATOM   636  C  CD  . LYS A 1 85 ? -7.145  -6.734  -2.017  1.00 26.35 ? 85  LYS A CD  1 
ATOM   637  C  CE  . LYS A 1 85 ? -6.830  -5.616  -3.022  1.00 24.31 ? 85  LYS A CE  1 
ATOM   638  N  NZ  . LYS A 1 85 ? -6.194  -6.122  -4.265  1.00 25.78 ? 85  LYS A NZ  1 
ATOM   639  N  N   . GLU A 1 86 ? -7.919  -7.783  3.853   1.00 24.32 ? 86  GLU A N   1 
ATOM   640  C  CA  . GLU A 1 86 ? -8.464  -8.385  5.076   1.00 24.46 ? 86  GLU A CA  1 
ATOM   641  C  C   . GLU A 1 86 ? -9.014  -7.344  6.081   1.00 24.08 ? 86  GLU A C   1 
ATOM   642  O  O   . GLU A 1 86 ? -10.102 -7.529  6.636   1.00 24.85 ? 86  GLU A O   1 
ATOM   643  C  CB  . GLU A 1 86 ? -7.428  -9.282  5.758   1.00 24.20 ? 86  GLU A CB  1 
ATOM   644  C  CG  . GLU A 1 86 ? -7.507  -10.706 5.307   1.00 25.37 ? 86  GLU A CG  1 
ATOM   645  C  CD  . GLU A 1 86 ? -8.803  -11.392 5.763   1.00 25.61 ? 86  GLU A CD  1 
ATOM   646  N  N   . ILE A 1 87 ? -8.254  -6.279  6.319   1.00 23.04 ? 87  ILE A N   1 
ATOM   647  C  CA  . ILE A 1 87 ? -8.661  -5.149  7.168   1.00 23.69 ? 87  ILE A CA  1 
ATOM   648  C  C   . ILE A 1 87 ? -9.950  -4.502  6.661   1.00 22.64 ? 87  ILE A C   1 
ATOM   649  O  O   . ILE A 1 87 ? -10.825 -4.178  7.456   1.00 21.94 ? 87  ILE A O   1 
ATOM   650  C  CB  . ILE A 1 87 ? -7.552  -4.016  7.233   1.00 23.39 ? 87  ILE A CB  1 
ATOM   651  C  CG1 . ILE A 1 87 ? -6.357  -4.452  8.069   1.00 25.51 ? 87  ILE A CG1 1 
ATOM   652  C  CG2 . ILE A 1 87 ? -8.123  -2.712  7.828   1.00 24.23 ? 87  ILE A CG2 1 
ATOM   653  C  CD1 . ILE A 1 87 ? -5.123  -3.590  7.782   1.00 24.17 ? 87  ILE A CD1 1 
ATOM   654  N  N   . ARG A 1 88 ? -10.047 -4.321  5.341   1.00 22.65 ? 88  ARG A N   1 
ATOM   655  C  CA  . ARG A 1 88 ? -11.217 -3.724  4.677   1.00 23.71 ? 88  ARG A CA  1 
ATOM   656  C  C   . ARG A 1 88 ? -12.509 -4.440  5.059   1.00 24.25 ? 88  ARG A C   1 
ATOM   657  O  O   . ARG A 1 88 ? -13.576 -3.815  5.150   1.00 23.71 ? 88  ARG A O   1 
ATOM   658  C  CB  . ARG A 1 88 ? -11.030 -3.718  3.147   1.00 22.99 ? 88  ARG A CB  1 
ATOM   659  C  CG  . ARG A 1 88 ? -12.232 -3.350  2.333   1.00 26.59 ? 88  ARG A CG  1 
ATOM   660  C  CD  . ARG A 1 88 ? -12.211 -4.084  0.996   1.00 30.62 ? 88  ARG A CD  1 
ATOM   661  N  NE  . ARG A 1 88 ? -13.142 -5.208  0.981   1.00 32.27 ? 88  ARG A NE  1 
ATOM   662  N  N   . LYS A 1 89 ? -12.385 -5.754  5.272   1.00 25.10 ? 89  LYS A N   1 
ATOM   663  C  CA  . LYS A 1 89 ? -13.516 -6.641  5.530   1.00 26.79 ? 89  LYS A CA  1 
ATOM   664  C  C   . LYS A 1 89 ? -14.187 -6.365  6.883   1.00 27.17 ? 89  LYS A C   1 
ATOM   665  O  O   . LYS A 1 89 ? -15.310 -6.768  7.104   1.00 27.83 ? 89  LYS A O   1 
ATOM   666  C  CB  . LYS A 1 89 ? -13.066 -8.111  5.471   1.00 26.72 ? 89  LYS A CB  1 
ATOM   667  C  CG  . LYS A 1 89 ? -12.687 -8.624  4.092   1.00 27.81 ? 89  LYS A CG  1 
ATOM   668  N  N   . LYS A 1 90 ? -13.481 -5.680  7.778   1.00 28.23 ? 90  LYS A N   1 
ATOM   669  C  CA  . LYS A 1 90 ? -13.986 -5.358  9.110   1.00 28.38 ? 90  LYS A CA  1 
ATOM   670  C  C   . LYS A 1 90 ? -14.934 -4.135  9.134   1.00 28.83 ? 90  LYS A C   1 
ATOM   671  O  O   . LYS A 1 90 ? -14.646 -3.081  8.537   1.00 28.64 ? 90  LYS A O   1 
ATOM   672  C  CB  . LYS A 1 90 ? -12.801 -5.167  10.066  1.00 28.60 ? 90  LYS A CB  1 
ATOM   673  N  N   . LEU B 1 6  ? -0.744  -1.792  18.030  1.00 27.41 ? 6   LEU B N   1 
ATOM   674  C  CA  . LEU B 1 6  ? -0.237  -1.966  16.621  1.00 26.84 ? 6   LEU B CA  1 
ATOM   675  C  C   . LEU B 1 6  ? 1.156   -1.386  16.403  1.00 26.23 ? 6   LEU B C   1 
ATOM   676  O  O   . LEU B 1 6  ? 1.511   -0.351  16.977  1.00 26.03 ? 6   LEU B O   1 
ATOM   677  C  CB  . LEU B 1 6  ? -1.204  -1.349  15.579  1.00 28.26 ? 6   LEU B CB  1 
ATOM   678  C  CG  . LEU B 1 6  ? -2.604  -1.943  15.316  1.00 30.36 ? 6   LEU B CG  1 
ATOM   679  C  CD1 . LEU B 1 6  ? -3.214  -1.339  14.076  1.00 30.01 ? 6   LEU B CD1 1 
ATOM   680  C  CD2 . LEU B 1 6  ? -2.570  -3.494  15.210  1.00 33.62 ? 6   LEU B CD2 1 
ATOM   681  N  N   . THR B 1 7  ? 1.939   -2.044  15.556  1.00 24.92 ? 7   THR B N   1 
ATOM   682  C  CA  . THR B 1 7  ? 3.274   -1.559  15.196  1.00 24.30 ? 7   THR B CA  1 
ATOM   683  C  C   . THR B 1 7  ? 3.178   -0.380  14.222  1.00 24.58 ? 7   THR B C   1 
ATOM   684  O  O   . THR B 1 7  ? 2.106   -0.132  13.656  1.00 24.19 ? 7   THR B O   1 
ATOM   685  C  CB  . THR B 1 7  ? 4.071   -2.652  14.484  1.00 22.72 ? 7   THR B CB  1 
ATOM   686  O  OG1 . THR B 1 7  ? 3.424   -2.948  13.224  1.00 25.00 ? 7   THR B OG1 1 
ATOM   687  C  CG2 . THR B 1 7  ? 4.153   -3.883  15.288  1.00 21.92 ? 7   THR B CG2 1 
ATOM   688  N  N   . GLU B 1 8  ? 4.301   0.302   13.967  1.00 24.79 ? 8   GLU B N   1 
ATOM   689  C  CA  . GLU B 1 8  ? 4.305   1.411   12.975  1.00 25.10 ? 8   GLU B CA  1 
ATOM   690  C  C   . GLU B 1 8  ? 3.748   0.965   11.642  1.00 25.18 ? 8   GLU B C   1 
ATOM   691  O  O   . GLU B 1 8  ? 2.935   1.667   11.069  1.00 24.22 ? 8   GLU B O   1 
ATOM   692  C  CB  . GLU B 1 8  ? 5.715   2.020   12.781  1.00 25.69 ? 8   GLU B CB  1 
ATOM   693  N  N   . LEU B 1 9  ? 4.188   -0.212  11.164  1.00 24.25 ? 9   LEU B N   1 
ATOM   694  C  CA  . LEU B 1 9  ? 3.737   -0.701  9.871   1.00 25.06 ? 9   LEU B CA  1 
ATOM   695  C  C   . LEU B 1 9  ? 2.218   -0.977  9.898   1.00 25.69 ? 9   LEU B C   1 
ATOM   696  O  O   . LEU B 1 9  ? 1.490   -0.587  8.983   1.00 24.33 ? 9   LEU B O   1 
ATOM   697  C  CB  . LEU B 1 9  ? 4.517   -1.943  9.448   1.00 23.90 ? 9   LEU B CB  1 
ATOM   698  C  CG  . LEU B 1 9  ? 4.050   -2.455  8.080   1.00 24.05 ? 9   LEU B CG  1 
ATOM   699  C  CD1 . LEU B 1 9  ? 4.198   -1.368  6.960   1.00 23.62 ? 9   LEU B CD1 1 
ATOM   700  C  CD2 . LEU B 1 9  ? 4.817   -3.708  7.689   1.00 24.64 ? 9   LEU B CD2 1 
ATOM   701  N  N   . GLU B 1 10 ? 1.739   -1.618  10.972  1.00 24.35 ? 10  GLU B N   1 
ATOM   702  C  CA  . GLU B 1 10 ? 0.333   -1.999  11.040  1.00 24.55 ? 10  GLU B CA  1 
ATOM   703  C  C   . GLU B 1 10 ? -0.562  -0.768  11.127  1.00 24.57 ? 10  GLU B C   1 
ATOM   704  O  O   . GLU B 1 10 ? -1.628  -0.713  10.499  1.00 25.18 ? 10  GLU B O   1 
ATOM   705  C  CB  . GLU B 1 10 ? 0.108   -2.890  12.272  1.00 23.97 ? 10  GLU B CB  1 
ATOM   706  C  CG  . GLU B 1 10 ? 0.836   -4.255  12.144  1.00 23.31 ? 10  GLU B CG  1 
ATOM   707  C  CD  . GLU B 1 10 ? 0.745   -5.131  13.377  1.00 24.72 ? 10  GLU B CD  1 
ATOM   708  O  OE1 . GLU B 1 10 ? 0.710   -4.598  14.544  1.00 26.10 ? 10  GLU B OE1 1 
ATOM   709  O  OE2 . GLU B 1 10 ? 0.680   -6.386  13.186  1.00 26.31 ? 10  GLU B OE2 1 
ATOM   710  N  N   . GLU B 1 11 ? -0.129  0.219   11.910  1.00 24.98 ? 11  GLU B N   1 
ATOM   711  C  CA  . GLU B 1 11 ? -0.895  1.476   12.054  1.00 25.05 ? 11  GLU B CA  1 
ATOM   712  C  C   . GLU B 1 11 ? -1.026  2.118   10.690  1.00 24.54 ? 11  GLU B C   1 
ATOM   713  O  O   . GLU B 1 11 ? -2.086  2.658   10.352  1.00 23.81 ? 11  GLU B O   1 
ATOM   714  C  CB  . GLU B 1 11 ? -0.200  2.474   12.988  1.00 25.54 ? 11  GLU B CB  1 
ATOM   715  C  CG  . GLU B 1 11 ? -0.471  2.256   14.452  1.00 25.69 ? 11  GLU B CG  1 
ATOM   716  C  CD  . GLU B 1 11 ? -0.099  3.485   15.313  1.00 27.50 ? 11  GLU B CD  1 
ATOM   717  N  N   . SER B 1 12 ? 0.046   2.052   9.908   1.00 25.34 ? 12  SER B N   1 
ATOM   718  C  CA  . SER B 1 12 ? 0.083   2.756   8.615   1.00 24.39 ? 12  SER B CA  1 
ATOM   719  C  C   . SER B 1 12 ? -0.857  2.079   7.638   1.00 25.60 ? 12  SER B C   1 
ATOM   720  O  O   . SER B 1 12 ? -1.555  2.767   6.892   1.00 23.72 ? 12  SER B O   1 
ATOM   721  C  CB  . SER B 1 12 ? 1.513   2.756   8.085   1.00 25.47 ? 12  SER B CB  1 
ATOM   722  O  OG  . SER B 1 12 ? 2.268   3.750   8.785   1.00 27.48 ? 12  SER B OG  1 
ATOM   723  N  N   . ILE B 1 13 ? -0.857  0.750   7.632   1.00 23.96 ? 13  ILE B N   1 
ATOM   724  C  CA  . ILE B 1 13 ? -1.724  -0.019  6.712   1.00 25.72 ? 13  ILE B CA  1 
ATOM   725  C  C   . ILE B 1 13 ? -3.163  0.282   7.142   1.00 25.57 ? 13  ILE B C   1 
ATOM   726  O  O   . ILE B 1 13 ? -4.013  0.590   6.296   1.00 24.90 ? 13  ILE B O   1 
ATOM   727  C  CB  . ILE B 1 13 ? -1.459  -1.513  6.828   1.00 24.91 ? 13  ILE B CB  1 
ATOM   728  C  CG1 . ILE B 1 13 ? -0.041  -1.817  6.327   1.00 22.72 ? 13  ILE B CG1 1 
ATOM   729  C  CG2 . ILE B 1 13 ? -2.460  -2.346  5.960   1.00 27.03 ? 13  ILE B CG2 1 
ATOM   730  C  CD1 . ILE B 1 13 ? 0.432   -3.206  6.630   1.00 23.46 ? 13  ILE B CD1 1 
ATOM   731  N  N   . GLU B 1 14 ? -3.416  0.284   8.451   1.00 25.91 ? 14  GLU B N   1 
ATOM   732  C  CA  . GLU B 1 14 ? -4.777  0.653   8.909   1.00 25.70 ? 14  GLU B CA  1 
ATOM   733  C  C   . GLU B 1 14 ? -5.195  2.056   8.472   1.00 26.32 ? 14  GLU B C   1 
ATOM   734  O  O   . GLU B 1 14 ? -6.349  2.267   8.093   1.00 24.92 ? 14  GLU B O   1 
ATOM   735  C  CB  . GLU B 1 14 ? -4.982  0.421   10.418  1.00 25.44 ? 14  GLU B CB  1 
ATOM   736  C  CG  . GLU B 1 14 ? -4.985  -1.129  10.815  1.00 28.58 ? 14  GLU B CG  1 
ATOM   737  C  CD  . GLU B 1 14 ? -5.892  -1.491  12.045  1.00 27.53 ? 14  GLU B CD  1 
ATOM   738  N  N   . THR B 1 15 ? -4.272  3.025   8.506   1.00 25.25 ? 15  THR B N   1 
ATOM   739  C  CA  . THR B 1 15 ? -4.607  4.369   8.025   1.00 24.34 ? 15  THR B CA  1 
ATOM   740  C  C   . THR B 1 15 ? -4.989  4.441   6.558   1.00 25.36 ? 15  THR B C   1 
ATOM   741  O  O   . THR B 1 15 ? -5.959  5.150   6.161   1.00 24.15 ? 15  THR B O   1 
ATOM   742  C  CB  . THR B 1 15 ? -3.463  5.367   8.312   1.00 25.37 ? 15  THR B CB  1 
ATOM   743  O  OG1 . THR B 1 15 ? -3.393  5.550   9.744   1.00 23.39 ? 15  THR B OG1 1 
ATOM   744  C  CG2 . THR B 1 15 ? -3.779  6.761   7.680   1.00 25.93 ? 15  THR B CG2 1 
ATOM   745  N  N   . VAL B 1 16 ? -4.219  3.726   5.751   1.00 24.26 ? 16  VAL B N   1 
ATOM   746  C  CA  . VAL B 1 16 ? -4.496  3.693   4.335   1.00 24.34 ? 16  VAL B CA  1 
ATOM   747  C  C   . VAL B 1 16 ? -5.891  3.147   4.088   1.00 25.49 ? 16  VAL B C   1 
ATOM   748  O  O   . VAL B 1 16 ? -6.649  3.695   3.255   1.00 25.38 ? 16  VAL B O   1 
ATOM   749  C  CB  . VAL B 1 16 ? -3.407  2.921   3.546   1.00 24.93 ? 16  VAL B CB  1 
ATOM   750  C  CG1 . VAL B 1 16 ? -3.828  2.744   2.073   1.00 23.25 ? 16  VAL B CG1 1 
ATOM   751  C  CG2 . VAL B 1 16 ? -1.977  3.622   3.705   1.00 24.92 ? 16  VAL B CG2 1 
ATOM   752  N  N   . VAL B 1 17 ? -6.255  2.085   4.797   1.00 24.32 ? 17  VAL B N   1 
ATOM   753  C  CA  . VAL B 1 17 ? -7.583  1.509   4.578   1.00 24.63 ? 17  VAL B CA  1 
ATOM   754  C  C   . VAL B 1 17 ? -8.692  2.400   5.101   1.00 24.93 ? 17  VAL B C   1 
ATOM   755  O  O   . VAL B 1 17 ? -9.676  2.655   4.408   1.00 24.26 ? 17  VAL B O   1 
ATOM   756  C  CB  . VAL B 1 17 ? -7.695  0.097   5.187   1.00 23.24 ? 17  VAL B CB  1 
ATOM   757  C  CG1 . VAL B 1 17 ? -9.112  -0.428  4.981   1.00 24.66 ? 17  VAL B CG1 1 
ATOM   758  C  CG2 . VAL B 1 17 ? -6.716  -0.827  4.479   1.00 22.97 ? 17  VAL B CG2 1 
ATOM   759  N  N   . THR B 1 18 ? -8.557  2.829   6.347   1.00 24.68 ? 18  THR B N   1 
ATOM   760  C  CA  . THR B 1 18 ? -9.544  3.725   6.962   1.00 24.89 ? 18  THR B CA  1 
ATOM   761  C  C   . THR B 1 18 ? -9.803  5.020   6.198   1.00 25.17 ? 18  THR B C   1 
ATOM   762  O  O   . THR B 1 18 ? -10.953 5.502   6.173   1.00 24.21 ? 18  THR B O   1 
ATOM   763  C  CB  . THR B 1 18 ? -9.132  4.094   8.384   1.00 23.91 ? 18  THR B CB  1 
ATOM   764  N  N   . THR B 1 19 ? -8.757  5.628   5.635   1.00 25.27 ? 19  THR B N   1 
ATOM   765  C  CA  . THR B 1 19 ? -8.955  6.882   4.882   1.00 24.86 ? 19  THR B CA  1 
ATOM   766  C  C   . THR B 1 19 ? -9.961  6.672   3.749   1.00 25.44 ? 19  THR B C   1 
ATOM   767  O  O   . THR B 1 19 ? -10.835 7.486   3.548   1.00 25.91 ? 19  THR B O   1 
ATOM   768  C  CB  . THR B 1 19 ? -7.631  7.441   4.335   1.00 25.24 ? 19  THR B CB  1 
ATOM   769  O  OG1 . THR B 1 19 ? -6.725  7.594   5.450   1.00 23.65 ? 19  THR B OG1 1 
ATOM   770  C  CG2 . THR B 1 19 ? -7.848  8.828   3.685   1.00 23.67 ? 19  THR B CG2 1 
ATOM   771  N  N   . PHE B 1 20 ? -9.861  5.566   3.020   1.00 24.87 ? 20  PHE B N   1 
ATOM   772  C  CA  . PHE B 1 20 ? -10.889 5.289   2.005   1.00 24.89 ? 20  PHE B CA  1 
ATOM   773  C  C   . PHE B 1 20 ? -12.340 5.390   2.525   1.00 25.33 ? 20  PHE B C   1 
ATOM   774  O  O   . PHE B 1 20 ? -13.181 6.109   1.970   1.00 24.91 ? 20  PHE B O   1 
ATOM   775  C  CB  . PHE B 1 20 ? -10.682 3.894   1.404   1.00 24.27 ? 20  PHE B CB  1 
ATOM   776  C  CG  . PHE B 1 20 ? -11.757 3.503   0.428   1.00 26.05 ? 20  PHE B CG  1 
ATOM   777  C  CD1 . PHE B 1 20 ? -11.686 3.912   -0.887  1.00 24.54 ? 20  PHE B CD1 1 
ATOM   778  C  CD2 . PHE B 1 20 ? -12.835 2.723   0.822   1.00 26.84 ? 20  PHE B CD2 1 
ATOM   779  C  CE1 . PHE B 1 20 ? -12.652 3.515   -1.796  1.00 23.64 ? 20  PHE B CE1 1 
ATOM   780  C  CE2 . PHE B 1 20 ? -13.785 2.346   -0.055  1.00 24.68 ? 20  PHE B CE2 1 
ATOM   781  C  CZ  . PHE B 1 20 ? -13.716 2.728   -1.372  1.00 24.86 ? 20  PHE B CZ  1 
ATOM   782  N  N   . PHE B 1 21 ? -12.618 4.671   3.612   1.00 25.35 ? 21  PHE B N   1 
ATOM   783  C  CA  . PHE B 1 21 ? -13.986 4.617   4.137   1.00 25.51 ? 21  PHE B CA  1 
ATOM   784  C  C   . PHE B 1 21 ? -14.433 5.937   4.704   1.00 24.88 ? 21  PHE B C   1 
ATOM   785  O  O   . PHE B 1 21 ? -15.643 6.296   4.637   1.00 25.15 ? 21  PHE B O   1 
ATOM   786  C  CB  . PHE B 1 21 ? -14.093 3.490   5.134   1.00 25.46 ? 21  PHE B CB  1 
ATOM   787  C  CG  . PHE B 1 21 ? -13.996 2.160   4.486   1.00 25.11 ? 21  PHE B CG  1 
ATOM   788  C  CD1 . PHE B 1 21 ? -15.080 1.667   3.740   1.00 24.81 ? 21  PHE B CD1 1 
ATOM   789  C  CD2 . PHE B 1 21 ? -12.798 1.456   4.510   1.00 24.69 ? 21  PHE B CD2 1 
ATOM   790  C  CE1 . PHE B 1 21 ? -14.977 0.436   3.081   1.00 24.11 ? 21  PHE B CE1 1 
ATOM   791  C  CE2 . PHE B 1 21 ? -12.676 0.241   3.866   1.00 24.46 ? 21  PHE B CE2 1 
ATOM   792  C  CZ  . PHE B 1 21 ? -13.768 -0.280  3.148   1.00 27.38 ? 21  PHE B CZ  1 
ATOM   793  N  N   . THR B 1 22 ? -13.488 6.667   5.280   1.00 24.59 ? 22  THR B N   1 
ATOM   794  C  CA  . THR B 1 22 ? -13.776 8.025   5.767   1.00 24.43 ? 22  THR B CA  1 
ATOM   795  C  C   . THR B 1 22 ? -14.355 8.910   4.665   1.00 24.56 ? 22  THR B C   1 
ATOM   796  O  O   . THR B 1 22 ? -15.329 9.685   4.882   1.00 24.94 ? 22  THR B O   1 
ATOM   797  C  CB  . THR B 1 22 ? -12.497 8.688   6.404   1.00 25.13 ? 22  THR B CB  1 
ATOM   798  O  OG1 . THR B 1 22 ? -12.182 8.024   7.635   1.00 26.59 ? 22  THR B OG1 1 
ATOM   799  C  CG2 . THR B 1 22 ? -12.747 10.136  6.755   1.00 24.40 ? 22  THR B CG2 1 
ATOM   800  N  N   . PHE B 1 23 ? -13.773 8.833   3.481   1.00 24.07 ? 23  PHE B N   1 
ATOM   801  C  CA  . PHE B 1 23 ? -14.293 9.655   2.387   1.00 24.99 ? 23  PHE B CA  1 
ATOM   802  C  C   . PHE B 1 23 ? -15.470 8.967   1.688   1.00 25.11 ? 23  PHE B C   1 
ATOM   803  O  O   . PHE B 1 23 ? -16.429 9.649   1.263   1.00 24.44 ? 23  PHE B O   1 
ATOM   804  C  CB  . PHE B 1 23 ? -13.174 10.082  1.438   1.00 25.61 ? 23  PHE B CB  1 
ATOM   805  C  CG  . PHE B 1 23 ? -12.278 11.143  2.035   1.00 25.11 ? 23  PHE B CG  1 
ATOM   806  C  CD1 . PHE B 1 23 ? -12.590 12.498  1.877   1.00 27.02 ? 23  PHE B CD1 1 
ATOM   807  C  CD2 . PHE B 1 23 ? -11.208 10.773  2.854   1.00 24.64 ? 23  PHE B CD2 1 
ATOM   808  C  CE1 . PHE B 1 23 ? -11.770 13.485  2.482   1.00 25.22 ? 23  PHE B CE1 1 
ATOM   809  C  CE2 . PHE B 1 23 ? -10.444 11.691  3.456   1.00 23.29 ? 23  PHE B CE2 1 
ATOM   810  C  CZ  . PHE B 1 23 ? -10.686 13.061  3.258   1.00 24.55 ? 23  PHE B CZ  1 
ATOM   811  N  N   . ALA B 1 24 ? -15.407 7.639   1.577   1.00 23.23 ? 24  ALA B N   1 
ATOM   812  C  CA  . ALA B 1 24 ? -16.459 6.900   0.846   1.00 24.81 ? 24  ALA B CA  1 
ATOM   813  C  C   . ALA B 1 24 ? -17.852 6.927   1.517   1.00 24.43 ? 24  ALA B C   1 
ATOM   814  O  O   . ALA B 1 24 ? -18.894 6.788   0.855   1.00 26.07 ? 24  ALA B O   1 
ATOM   815  C  CB  . ALA B 1 24 ? -16.023 5.461   0.577   1.00 25.64 ? 24  ALA B CB  1 
ATOM   816  N  N   . ARG B 1 25 ? -17.904 7.092   2.834   1.00 24.84 ? 25  ARG B N   1 
ATOM   817  C  CA  . ARG B 1 25 ? -19.183 6.956   3.538   1.00 23.85 ? 25  ARG B CA  1 
ATOM   818  C  C   . ARG B 1 25 ? -20.045 8.227   3.435   1.00 24.47 ? 25  ARG B C   1 
ATOM   819  O  O   . ARG B 1 25 ? -21.185 8.267   3.950   1.00 23.60 ? 25  ARG B O   1 
ATOM   820  C  CB  . ARG B 1 25 ? -18.950 6.626   5.007   1.00 23.49 ? 25  ARG B CB  1 
ATOM   821  C  CG  . ARG B 1 25 ? -18.209 7.737   5.764   1.00 23.54 ? 25  ARG B CG  1 
ATOM   822  C  CD  . ARG B 1 25 ? -17.960 7.404   7.256   1.00 23.84 ? 25  ARG B CD  1 
ATOM   823  N  NE  . ARG B 1 25 ? -17.087 8.373   7.953   1.00 25.24 ? 25  ARG B NE  1 
ATOM   824  N  N   . GLN B 1 26 ? -19.521 9.268   2.781   1.00 24.70 ? 26  GLN B N   1 
ATOM   825  C  CA  . GLN B 1 26 ? -20.160 10.610  2.824   1.00 24.37 ? 26  GLN B CA  1 
ATOM   826  C  C   . GLN B 1 26 ? -21.496 10.691  2.088   1.00 24.34 ? 26  GLN B C   1 
ATOM   827  O  O   . GLN B 1 26 ? -22.462 11.312  2.556   1.00 24.10 ? 26  GLN B O   1 
ATOM   828  C  CB  . GLN B 1 26 ? -19.208 11.687  2.307   1.00 24.28 ? 26  GLN B CB  1 
ATOM   829  C  CG  . GLN B 1 26 ? -17.906 11.833  3.091   1.00 27.76 ? 26  GLN B CG  1 
ATOM   830  C  CD  . GLN B 1 26 ? -18.081 12.162  4.562   1.00 32.48 ? 26  GLN B CD  1 
ATOM   831  O  OE1 . GLN B 1 26 ? -19.120 12.684  4.990   1.00 34.35 ? 26  GLN B OE1 1 
ATOM   832  N  NE2 . GLN B 1 26 ? -17.028 11.904  5.355   1.00 34.23 ? 26  GLN B NE2 1 
ATOM   833  N  N   . GLU B 1 27 ? -21.556 10.066  0.924   1.00 24.80 ? 27  GLU B N   1 
ATOM   834  C  CA  . GLU B 1 27 ? -22.780 10.145  0.122   1.00 25.19 ? 27  GLU B CA  1 
ATOM   835  C  C   . GLU B 1 27 ? -22.885 8.894   -0.704  1.00 25.78 ? 27  GLU B C   1 
ATOM   836  O  O   . GLU B 1 27 ? -21.874 8.185   -0.929  1.00 25.89 ? 27  GLU B O   1 
ATOM   837  C  CB  . GLU B 1 27 ? -22.718 11.388  -0.787  1.00 25.18 ? 27  GLU B CB  1 
ATOM   838  C  CG  . GLU B 1 27 ? -21.547 11.364  -1.766  1.00 25.99 ? 27  GLU B CG  1 
ATOM   839  C  CD  . GLU B 1 27 ? -21.540 12.546  -2.727  1.00 26.77 ? 27  GLU B CD  1 
ATOM   840  O  OE1 . GLU B 1 27 ? -22.242 13.541  -2.445  1.00 30.40 ? 27  GLU B OE1 1 
ATOM   841  O  OE2 . GLU B 1 27 ? -20.837 12.488  -3.772  1.00 26.63 ? 27  GLU B OE2 1 
ATOM   842  N  N   . GLY B 1 28 ? -24.101 8.591   -1.146  1.00 25.41 ? 28  GLY B N   1 
ATOM   843  C  CA  . GLY B 1 28 ? -24.286 7.481   -2.074  1.00 26.13 ? 28  GLY B CA  1 
ATOM   844  C  C   . GLY B 1 28 ? -23.898 6.152   -1.442  1.00 25.53 ? 28  GLY B C   1 
ATOM   845  O  O   . GLY B 1 28 ? -24.061 5.952   -0.237  1.00 25.08 ? 28  GLY B O   1 
ATOM   846  N  N   . ARG B 1 29 ? -23.416 5.230   -2.262  1.00 23.80 ? 29  ARG B N   1 
ATOM   847  C  CA  . ARG B 1 29 ? -22.961 3.955   -1.739  1.00 24.32 ? 29  ARG B CA  1 
ATOM   848  C  C   . ARG B 1 29 ? -21.845 4.240   -0.681  1.00 23.48 ? 29  ARG B C   1 
ATOM   849  O  O   . ARG B 1 29 ? -20.877 4.963   -0.974  1.00 23.55 ? 29  ARG B O   1 
ATOM   850  C  CB  . ARG B 1 29 ? -22.372 3.087   -2.858  1.00 21.65 ? 29  ARG B CB  1 
ATOM   851  C  CG  . ARG B 1 29 ? -23.271 2.818   -4.108  1.00 23.69 ? 29  ARG B CG  1 
ATOM   852  C  CD  . ARG B 1 29 ? -22.506 1.894   -5.023  1.00 24.36 ? 29  ARG B CD  1 
ATOM   853  N  NE  . ARG B 1 29 ? -23.097 1.735   -6.350  1.00 27.09 ? 29  ARG B NE  1 
ATOM   854  C  CZ  . ARG B 1 29 ? -22.489 1.126   -7.363  1.00 27.11 ? 29  ARG B CZ  1 
ATOM   855  N  NH1 . ARG B 1 29 ? -21.270 0.611   -7.205  1.00 29.23 ? 29  ARG B NH1 1 
ATOM   856  N  NH2 . ARG B 1 29 ? -23.101 1.026   -8.535  1.00 28.27 ? 29  ARG B NH2 1 
ATOM   857  N  N   . LYS B 1 30 ? -21.982 3.697   0.527   1.00 22.70 ? 30  LYS B N   1 
ATOM   858  C  CA  . LYS B 1 30 ? -21.007 4.004   1.605   1.00 22.97 ? 30  LYS B CA  1 
ATOM   859  C  C   . LYS B 1 30 ? -19.647 3.296   1.475   1.00 23.51 ? 30  LYS B C   1 
ATOM   860  O  O   . LYS B 1 30 ? -18.670 3.644   2.203   1.00 24.22 ? 30  LYS B O   1 
ATOM   861  C  CB  . LYS B 1 30 ? -21.613 3.712   2.982   1.00 23.20 ? 30  LYS B CB  1 
ATOM   862  C  CG  . LYS B 1 30 ? -22.700 4.694   3.384   1.00 24.24 ? 30  LYS B CG  1 
ATOM   863  C  CD  . LYS B 1 30 ? -22.964 4.629   4.883   1.00 28.09 ? 30  LYS B CD  1 
ATOM   864  N  N   . ASP B 1 31 ? -19.556 2.303   0.576   1.00 24.32 ? 31  ASP B N   1 
ATOM   865  C  CA  . ASP B 1 31 ? -18.274 1.574   0.368   1.00 24.40 ? 31  ASP B CA  1 
ATOM   866  C  C   . ASP B 1 31 ? -17.585 1.930   -0.961  1.00 23.79 ? 31  ASP B C   1 
ATOM   867  O  O   . ASP B 1 31 ? -16.724 1.197   -1.451  1.00 22.54 ? 31  ASP B O   1 
ATOM   868  C  CB  . ASP B 1 31 ? -18.469 0.063   0.507   1.00 25.67 ? 31  ASP B CB  1 
ATOM   869  C  CG  . ASP B 1 31 ? -19.373 -0.515  -0.559  1.00 27.88 ? 31  ASP B CG  1 
ATOM   870  O  OD1 . ASP B 1 31 ? -20.150 0.230   -1.209  1.00 31.51 ? 31  ASP B OD1 1 
ATOM   871  O  OD2 . ASP B 1 31 ? -19.310 -1.752  -0.745  1.00 33.90 ? 31  ASP B OD2 1 
ATOM   872  N  N   . SER B 1 32 ? -17.996 3.040   -1.558  1.00 24.45 ? 32  SER B N   1 
ATOM   873  C  CA  . SER B 1 32 ? -17.303 3.530   -2.739  1.00 25.21 ? 32  SER B CA  1 
ATOM   874  C  C   . SER B 1 32 ? -17.256 5.047   -2.827  1.00 25.64 ? 32  SER B C   1 
ATOM   875  O  O   . SER B 1 32 ? -18.109 5.737   -2.297  1.00 24.51 ? 32  SER B O   1 
ATOM   876  C  CB  . SER B 1 32 ? -17.823 2.871   -4.045  1.00 26.22 ? 32  SER B CB  1 
ATOM   877  O  OG  . SER B 1 32 ? -19.161 3.270   -4.320  1.00 29.38 ? 32  SER B OG  1 
ATOM   878  N  N   . LEU B 1 33 ? -16.222 5.541   -3.505  1.00 25.26 ? 33  LEU B N   1 
ATOM   879  C  CA  . LEU B 1 33 ? -16.020 6.977   -3.691  1.00 24.92 ? 33  LEU B CA  1 
ATOM   880  C  C   . LEU B 1 33 ? -16.718 7.412   -4.979  1.00 24.80 ? 33  LEU B C   1 
ATOM   881  O  O   . LEU B 1 33 ? -16.464 6.866   -6.058  1.00 25.34 ? 33  LEU B O   1 
ATOM   882  C  CB  . LEU B 1 33 ? -14.525 7.272   -3.806  1.00 25.27 ? 33  LEU B CB  1 
ATOM   883  C  CG  . LEU B 1 33 ? -13.642 6.946   -2.591  1.00 24.55 ? 33  LEU B CG  1 
ATOM   884  C  CD1 . LEU B 1 33 ? -12.192 6.954   -3.013  1.00 24.69 ? 33  LEU B CD1 1 
ATOM   885  C  CD2 . LEU B 1 33 ? -13.858 7.993   -1.451  1.00 26.67 ? 33  LEU B CD2 1 
ATOM   886  N  N   . SER B 1 34 ? -17.652 8.350   -4.842  1.00 25.85 ? 34  SER B N   1 
ATOM   887  C  CA  . SER B 1 34 ? -18.160 9.064   -5.992  1.00 23.45 ? 34  SER B CA  1 
ATOM   888  C  C   . SER B 1 34 ? -17.043 10.004  -6.480  1.00 24.66 ? 34  SER B C   1 
ATOM   889  O  O   . SER B 1 34 ? -16.002 10.176  -5.803  1.00 24.61 ? 34  SER B O   1 
ATOM   890  C  CB  . SER B 1 34 ? -19.381 9.897   -5.583  1.00 26.02 ? 34  SER B CB  1 
ATOM   891  O  OG  . SER B 1 34 ? -18.976 10.958  -4.715  1.00 24.67 ? 34  SER B OG  1 
ATOM   892  N  N   . VAL B 1 35 ? -17.228 10.633  -7.631  1.00 23.59 ? 35  VAL B N   1 
ATOM   893  C  CA  . VAL B 1 35 ? -16.167 11.547  -8.078  1.00 23.28 ? 35  VAL B CA  1 
ATOM   894  C  C   . VAL B 1 35 ? -16.011 12.706  -7.084  1.00 24.18 ? 35  VAL B C   1 
ATOM   895  O  O   . VAL B 1 35 ? -14.898 13.169  -6.867  1.00 23.99 ? 35  VAL B O   1 
ATOM   896  C  CB  . VAL B 1 35 ? -16.429 12.078  -9.492  1.00 24.67 ? 35  VAL B CB  1 
ATOM   897  C  CG1 . VAL B 1 35 ? -17.789 12.798  -9.573  1.00 23.67 ? 35  VAL B CG1 1 
ATOM   898  C  CG2 . VAL B 1 35 ? -15.257 13.006  -9.957  1.00 24.76 ? 35  VAL B CG2 1 
ATOM   899  N  N   . ASN B 1 36 ? -17.110 13.156  -6.473  1.00 24.44 ? 36  ASN B N   1 
ATOM   900  C  CA  . ASN B 1 36 ? -16.998 14.221  -5.456  1.00 25.07 ? 36  ASN B CA  1 
ATOM   901  C  C   . ASN B 1 36 ? -16.183 13.786  -4.254  1.00 25.04 ? 36  ASN B C   1 
ATOM   902  O  O   . ASN B 1 36 ? -15.307 14.539  -3.761  1.00 24.33 ? 36  ASN B O   1 
ATOM   903  C  CB  . ASN B 1 36 ? -18.373 14.690  -4.990  1.00 24.71 ? 36  ASN B CB  1 
ATOM   904  C  CG  . ASN B 1 36 ? -19.106 15.479  -6.036  1.00 29.52 ? 36  ASN B CG  1 
ATOM   905  O  OD1 . ASN B 1 36 ? -18.600 15.734  -7.128  1.00 30.67 ? 36  ASN B OD1 1 
ATOM   906  N  ND2 . ASN B 1 36 ? -20.323 15.881  -5.703  1.00 34.00 ? 36  ASN B ND2 1 
ATOM   907  N  N   . GLU B 1 37 ? -16.447 12.575  -3.775  1.00 23.55 ? 37  GLU B N   1 
ATOM   908  C  CA  . GLU B 1 37 ? -15.674 12.028  -2.605  1.00 24.36 ? 37  GLU B CA  1 
ATOM   909  C  C   . GLU B 1 37 ? -14.218 11.777  -2.974  1.00 24.74 ? 37  GLU B C   1 
ATOM   910  O  O   . GLU B 1 37 ? -13.339 12.061  -2.186  1.00 25.58 ? 37  GLU B O   1 
ATOM   911  C  CB  . GLU B 1 37 ? -16.290 10.726  -2.035  1.00 22.94 ? 37  GLU B CB  1 
ATOM   912  C  CG  . GLU B 1 37 ? -17.683 10.927  -1.486  1.00 22.94 ? 37  GLU B CG  1 
ATOM   913  C  CD  . GLU B 1 37 ? -18.386 9.621   -1.306  1.00 21.45 ? 37  GLU B CD  1 
ATOM   914  O  OE1 . GLU B 1 37 ? -18.127 8.687   -2.089  1.00 24.31 ? 37  GLU B OE1 1 
ATOM   915  O  OE2 . GLU B 1 37 ? -19.167 9.492   -0.349  1.00 24.46 ? 37  GLU B OE2 1 
ATOM   916  N  N   . PHE B 1 38 ? -13.975 11.265  -4.175  1.00 25.38 ? 38  PHE B N   1 
ATOM   917  C  CA  . PHE B 1 38 ? -12.597 11.085  -4.684  1.00 25.36 ? 38  PHE B CA  1 
ATOM   918  C  C   . PHE B 1 38 ? -11.837 12.444  -4.724  1.00 26.03 ? 38  PHE B C   1 
ATOM   919  O  O   . PHE B 1 38 ? -10.695 12.543  -4.277  1.00 25.54 ? 38  PHE B O   1 
ATOM   920  C  CB  . PHE B 1 38 ? -12.648 10.513  -6.091  1.00 24.09 ? 38  PHE B CB  1 
ATOM   921  C  CG  . PHE B 1 38 ? -11.328 10.503  -6.757  1.00 25.35 ? 38  PHE B CG  1 
ATOM   922  C  CD1 . PHE B 1 38 ? -10.279 9.709   -6.258  1.00 22.79 ? 38  PHE B CD1 1 
ATOM   923  C  CD2 . PHE B 1 38 ? -11.094 11.312  -7.876  1.00 24.92 ? 38  PHE B CD2 1 
ATOM   924  C  CE1 . PHE B 1 38 ? -9.041  9.717   -6.909  1.00 23.09 ? 38  PHE B CE1 1 
ATOM   925  C  CE2 . PHE B 1 38 ? -9.912  11.300  -8.505  1.00 25.80 ? 38  PHE B CE2 1 
ATOM   926  C  CZ  . PHE B 1 38 ? -8.853  10.521  -8.017  1.00 25.19 ? 38  PHE B CZ  1 
ATOM   927  N  N   . LYS B 1 39 ? -12.463 13.488  -5.268  1.00 24.35 ? 39  LYS B N   1 
ATOM   928  C  CA  . LYS B 1 39 ? -11.814 14.819  -5.313  1.00 24.63 ? 39  LYS B CA  1 
ATOM   929  C  C   . LYS B 1 39 ? -11.516 15.333  -3.894  1.00 24.83 ? 39  LYS B C   1 
ATOM   930  O  O   . LYS B 1 39 ? -10.469 15.934  -3.656  1.00 25.95 ? 39  LYS B O   1 
ATOM   931  C  CB  . LYS B 1 39 ? -12.705 15.839  -6.059  1.00 24.03 ? 39  LYS B CB  1 
ATOM   932  C  CG  . LYS B 1 39 ? -12.703 15.655  -7.553  1.00 24.89 ? 39  LYS B CG  1 
ATOM   933  C  CD  . LYS B 1 39 ? -13.688 16.623  -8.219  1.00 22.96 ? 39  LYS B CD  1 
ATOM   934  C  CE  . LYS B 1 39 ? -13.515 16.530  -9.673  1.00 22.27 ? 39  LYS B CE  1 
ATOM   935  N  NZ  . LYS B 1 39 ? -14.129 17.698  -10.363 1.00 21.73 ? 39  LYS B NZ  1 
ATOM   936  N  N   . GLU B 1 40 ? -12.417 15.072  -2.961  1.00 25.57 ? 40  GLU B N   1 
ATOM   937  C  CA  . GLU B 1 40 ? -12.154 15.452  -1.565  1.00 24.05 ? 40  GLU B CA  1 
ATOM   938  C  C   . GLU B 1 40 ? -10.967 14.690  -0.951  1.00 23.59 ? 40  GLU B C   1 
ATOM   939  O  O   . GLU B 1 40 ? -10.092 15.284  -0.278  1.00 24.18 ? 40  GLU B O   1 
ATOM   940  C  CB  . GLU B 1 40 ? -13.385 15.276  -0.701  1.00 24.15 ? 40  GLU B CB  1 
ATOM   941  C  CG  . GLU B 1 40 ? -14.456 16.332  -0.968  1.00 24.94 ? 40  GLU B CG  1 
ATOM   942  C  CD  . GLU B 1 40 ? -13.928 17.759  -0.739  1.00 30.02 ? 40  GLU B CD  1 
ATOM   943  N  N   . LEU B 1 41 ? -10.952 13.379  -1.149  1.00 23.48 ? 41  LEU B N   1 
ATOM   944  C  CA  . LEU B 1 41 ? -9.809  12.603  -0.723  1.00 23.74 ? 41  LEU B CA  1 
ATOM   945  C  C   . LEU B 1 41 ? -8.480  13.095  -1.300  1.00 23.72 ? 41  LEU B C   1 
ATOM   946  O  O   . LEU B 1 41 ? -7.503  13.238  -0.568  1.00 22.69 ? 41  LEU B O   1 
ATOM   947  C  CB  . LEU B 1 41 ? -10.030 11.130  -1.029  1.00 23.23 ? 41  LEU B CB  1 
ATOM   948  C  CG  . LEU B 1 41 ? -9.084  10.175  -0.275  1.00 25.38 ? 41  LEU B CG  1 
ATOM   949  C  CD1 . LEU B 1 41 ? -9.798  8.803   -0.074  1.00 26.07 ? 41  LEU B CD1 1 
ATOM   950  C  CD2 . LEU B 1 41 ? -7.827  9.994   -1.041  1.00 28.68 ? 41  LEU B CD2 1 
ATOM   951  N  N   . VAL B 1 42 ? -8.432  13.322  -2.611  1.00 23.90 ? 42  VAL B N   1 
ATOM   952  C  CA  . VAL B 1 42 ? -7.166  13.795  -3.234  1.00 24.37 ? 42  VAL B CA  1 
ATOM   953  C  C   . VAL B 1 42 ? -6.763  15.142  -2.629  1.00 25.63 ? 42  VAL B C   1 
ATOM   954  O  O   . VAL B 1 42 ? -5.605  15.328  -2.179  1.00 25.53 ? 42  VAL B O   1 
ATOM   955  C  CB  . VAL B 1 42 ? -7.281  13.852  -4.743  1.00 25.54 ? 42  VAL B CB  1 
ATOM   956  C  CG1 . VAL B 1 42 ? -6.029  14.529  -5.340  1.00 25.51 ? 42  VAL B CG1 1 
ATOM   957  C  CG2 . VAL B 1 42 ? -7.430  12.404  -5.261  1.00 24.92 ? 42  VAL B CG2 1 
ATOM   958  N  N   . THR B 1 43 ? -7.695  16.077  -2.599  1.00 23.26 ? 43  THR B N   1 
ATOM   959  C  CA  . THR B 1 43 ? -7.396  17.457  -2.145  1.00 24.55 ? 43  THR B CA  1 
ATOM   960  C  C   . THR B 1 43 ? -6.963  17.530  -0.691  1.00 23.96 ? 43  THR B C   1 
ATOM   961  O  O   . THR B 1 43 ? -6.072  18.348  -0.304  1.00 23.70 ? 43  THR B O   1 
ATOM   962  C  CB  . THR B 1 43 ? -8.654  18.395  -2.337  1.00 23.67 ? 43  THR B CB  1 
ATOM   963  O  OG1 . THR B 1 43 ? -9.041  18.376  -3.696  1.00 27.22 ? 43  THR B OG1 1 
ATOM   964  C  CG2 . THR B 1 43 ? -8.292  19.852  -2.025  1.00 25.80 ? 43  THR B CG2 1 
ATOM   965  N  N   . GLN B 1 44 ? -7.611  16.718  0.138   1.00 24.18 ? 44  GLN B N   1 
ATOM   966  C  CA  . GLN B 1 44 ? -7.385  16.784  1.585   1.00 23.90 ? 44  GLN B CA  1 
ATOM   967  C  C   . GLN B 1 44 ? -6.233  15.885  2.011   1.00 24.31 ? 44  GLN B C   1 
ATOM   968  O  O   . GLN B 1 44 ? -5.467  16.241  2.907   1.00 24.08 ? 44  GLN B O   1 
ATOM   969  C  CB  . GLN B 1 44 ? -8.656  16.382  2.328   1.00 23.43 ? 44  GLN B CB  1 
ATOM   970  C  CG  . GLN B 1 44 ? -9.753  17.461  2.210   1.00 25.50 ? 44  GLN B CG  1 
ATOM   971  C  CD  . GLN B 1 44 ? -10.989 17.100  2.969   1.00 27.39 ? 44  GLN B CD  1 
ATOM   972  O  OE1 . GLN B 1 44 ? -10.908 16.487  4.053   1.00 27.12 ? 44  GLN B OE1 1 
ATOM   973  N  NE2 . GLN B 1 44 ? -12.157 17.472  2.423   1.00 25.79 ? 44  GLN B NE2 1 
ATOM   974  N  N   . GLN B 1 45 ? -6.127  14.718  1.372   1.00 23.98 ? 45  GLN B N   1 
ATOM   975  C  CA  . GLN B 1 45 ? -5.195  13.648  1.853   1.00 25.24 ? 45  GLN B CA  1 
ATOM   976  C  C   . GLN B 1 45 ? -4.085  13.204  0.885   1.00 25.22 ? 45  GLN B C   1 
ATOM   977  O  O   . GLN B 1 45 ? -3.142  12.550  1.314   1.00 26.36 ? 45  GLN B O   1 
ATOM   978  C  CB  . GLN B 1 45 ? -5.982  12.423  2.302   1.00 24.89 ? 45  GLN B CB  1 
ATOM   979  C  CG  . GLN B 1 45 ? -6.638  12.638  3.664   1.00 25.58 ? 45  GLN B CG  1 
ATOM   980  C  CD  . GLN B 1 45 ? -5.635  12.798  4.804   1.00 26.63 ? 45  GLN B CD  1 
ATOM   981  O  OE1 . GLN B 1 45 ? -4.715  12.014  4.959   1.00 24.76 ? 45  GLN B OE1 1 
ATOM   982  N  NE2 . GLN B 1 45 ? -5.853  13.807  5.635   1.00 25.71 ? 45  GLN B NE2 1 
ATOM   983  N  N   . LEU B 1 46 ? -4.170  13.585  -0.396  1.00 25.60 ? 46  LEU B N   1 
ATOM   984  C  CA  . LEU B 1 46 ? -3.062  13.312  -1.350  1.00 25.26 ? 46  LEU B CA  1 
ATOM   985  C  C   . LEU B 1 46 ? -2.578  14.545  -2.095  1.00 24.46 ? 46  LEU B C   1 
ATOM   986  O  O   . LEU B 1 46 ? -2.267  14.445  -3.304  1.00 25.59 ? 46  LEU B O   1 
ATOM   987  C  CB  . LEU B 1 46 ? -3.480  12.216  -2.351  1.00 24.77 ? 46  LEU B CB  1 
ATOM   988  C  CG  . LEU B 1 46 ? -3.836  10.878  -1.714  1.00 23.65 ? 46  LEU B CG  1 
ATOM   989  C  CD1 . LEU B 1 46 ? -4.422  9.942   -2.768  1.00 23.42 ? 46  LEU B CD1 1 
ATOM   990  C  CD2 . LEU B 1 46 ? -2.585  10.219  -1.051  1.00 23.14 ? 46  LEU B CD2 1 
ATOM   991  N  N   . PRO B 1 47 ? -2.528  15.712  -1.401  1.00 25.64 ? 47  PRO B N   1 
ATOM   992  C  CA  . PRO B 1 47 ? -2.306  16.935  -2.155  1.00 24.77 ? 47  PRO B CA  1 
ATOM   993  C  C   . PRO B 1 47 ? -0.872  16.992  -2.663  1.00 25.03 ? 47  PRO B C   1 
ATOM   994  O  O   . PRO B 1 47 ? -0.611  17.667  -3.664  1.00 25.75 ? 47  PRO B O   1 
ATOM   995  C  CB  . PRO B 1 47 ? -2.640  18.066  -1.155  1.00 25.94 ? 47  PRO B CB  1 
ATOM   996  C  CG  . PRO B 1 47 ? -2.413  17.495  0.199   1.00 27.65 ? 47  PRO B CG  1 
ATOM   997  C  CD  . PRO B 1 47 ? -2.663  15.966  0.048   1.00 24.30 ? 47  PRO B CD  1 
ATOM   998  N  N   . HIS B 1 48 ? 0.046   16.255  -2.025  1.00 24.57 ? 48  HIS B N   1 
ATOM   999  C  CA  . HIS B 1 48 ? 1.455   16.315  -2.408  1.00 25.87 ? 48  HIS B CA  1 
ATOM   1000 C  C   . HIS B 1 48 ? 1.805   15.211  -3.360  1.00 25.84 ? 48  HIS B C   1 
ATOM   1001 O  O   . HIS B 1 48 ? 2.428   15.451  -4.388  1.00 25.52 ? 48  HIS B O   1 
ATOM   1002 C  CB  . HIS B 1 48 ? 2.389   16.306  -1.187  1.00 26.59 ? 48  HIS B CB  1 
ATOM   1003 C  CG  . HIS B 1 48 ? 2.019   17.319  -0.148  1.00 24.92 ? 48  HIS B CG  1 
ATOM   1004 N  ND1 . HIS B 1 48 ? 1.315   16.981  0.989   1.00 24.83 ? 48  HIS B ND1 1 
ATOM   1005 C  CD2 . HIS B 1 48 ? 2.225   18.656  -0.081  1.00 25.52 ? 48  HIS B CD2 1 
ATOM   1006 C  CE1 . HIS B 1 48 ? 1.111   18.063  1.717   1.00 24.32 ? 48  HIS B CE1 1 
ATOM   1007 N  NE2 . HIS B 1 48 ? 1.656   19.092  1.090   1.00 27.09 ? 48  HIS B NE2 1 
ATOM   1008 N  N   . LEU B 1 49 ? 1.395   13.997  -3.024  1.00 25.70 ? 49  LEU B N   1 
ATOM   1009 C  CA  . LEU B 1 49 ? 1.698   12.864  -3.872  1.00 25.98 ? 49  LEU B CA  1 
ATOM   1010 C  C   . LEU B 1 49 ? 0.987   12.958  -5.213  1.00 25.90 ? 49  LEU B C   1 
ATOM   1011 O  O   . LEU B 1 49 ? 1.497   12.418  -6.178  1.00 25.73 ? 49  LEU B O   1 
ATOM   1012 C  CB  . LEU B 1 49 ? 1.385   11.554  -3.179  1.00 24.85 ? 49  LEU B CB  1 
ATOM   1013 C  CG  . LEU B 1 49 ? 2.186   11.227  -1.896  1.00 24.62 ? 49  LEU B CG  1 
ATOM   1014 C  CD1 . LEU B 1 49 ? 1.824   9.812   -1.417  1.00 22.75 ? 49  LEU B CD1 1 
ATOM   1015 C  CD2 . LEU B 1 49 ? 3.696   11.346  -2.046  1.00 23.18 ? 49  LEU B CD2 1 
ATOM   1016 N  N   . LEU B 1 50 ? -0.153  13.664  -5.269  1.00 24.34 ? 50  LEU B N   1 
ATOM   1017 C  CA  . LEU B 1 50 ? -0.849  13.860  -6.553  1.00 23.92 ? 50  LEU B CA  1 
ATOM   1018 C  C   . LEU B 1 50 ? -0.847  15.298  -7.030  1.00 24.90 ? 50  LEU B C   1 
ATOM   1019 O  O   . LEU B 1 50 ? -1.707  15.706  -7.816  1.00 24.87 ? 50  LEU B O   1 
ATOM   1020 C  CB  . LEU B 1 50 ? -2.284  13.308  -6.506  1.00 24.52 ? 50  LEU B CB  1 
ATOM   1021 C  CG  . LEU B 1 50 ? -2.389  11.795  -6.633  1.00 21.48 ? 50  LEU B CG  1 
ATOM   1022 C  CD1 . LEU B 1 50 ? -3.841  11.338  -6.476  1.00 21.41 ? 50  LEU B CD1 1 
ATOM   1023 C  CD2 . LEU B 1 50 ? -1.790  11.252  -7.986  1.00 24.38 ? 50  LEU B CD2 1 
ATOM   1024 N  N   . LYS B 1 51 ? 0.177   16.044  -6.610  1.00 24.65 ? 51  LYS B N   1 
ATOM   1025 C  CA  . LYS B 1 51 ? 0.331   17.471  -6.979  1.00 25.83 ? 51  LYS B CA  1 
ATOM   1026 C  C   . LYS B 1 51 ? 0.234   17.710  -8.490  1.00 25.78 ? 51  LYS B C   1 
ATOM   1027 O  O   . LYS B 1 51 ? -0.340  18.723  -8.948  1.00 25.62 ? 51  LYS B O   1 
ATOM   1028 C  CB  . LYS B 1 51 ? 1.683   17.998  -6.465  1.00 25.54 ? 51  LYS B CB  1 
ATOM   1029 N  N   . ASP B 1 52 ? 0.796   16.773  -9.254  1.00 25.41 ? 52  ASP B N   1 
ATOM   1030 C  CA  . ASP B 1 52 ? 0.964   16.940  -10.695 1.00 26.30 ? 52  ASP B CA  1 
ATOM   1031 C  C   . ASP B 1 52 ? -0.019  16.114  -11.527 1.00 26.30 ? 52  ASP B C   1 
ATOM   1032 O  O   . ASP B 1 52 ? 0.190   15.927  -12.729 1.00 26.54 ? 52  ASP B O   1 
ATOM   1033 C  CB  . ASP B 1 52 ? 2.414   16.626  -11.099 1.00 26.06 ? 52  ASP B CB  1 
ATOM   1034 C  CG  . ASP B 1 52 ? 3.390   17.723  -10.686 1.00 26.96 ? 52  ASP B CG  1 
ATOM   1035 N  N   . VAL B 1 53 ? -1.118  15.686  -10.907 1.00 26.61 ? 53  VAL B N   1 
ATOM   1036 C  CA  . VAL B 1 53 ? -2.036  14.732  -11.527 1.00 27.23 ? 53  VAL B CA  1 
ATOM   1037 C  C   . VAL B 1 53 ? -2.882  15.275  -12.698 1.00 27.41 ? 53  VAL B C   1 
ATOM   1038 O  O   . VAL B 1 53 ? -3.396  14.494  -13.501 1.00 28.04 ? 53  VAL B O   1 
ATOM   1039 C  CB  . VAL B 1 53 ? -2.952  14.047  -10.468 1.00 27.83 ? 53  VAL B CB  1 
ATOM   1040 C  CG1 . VAL B 1 53 ? -4.073  14.977  -10.062 1.00 28.38 ? 53  VAL B CG1 1 
ATOM   1041 C  CG2 . VAL B 1 53 ? -3.493  12.716  -11.009 1.00 27.65 ? 53  VAL B CG2 1 
ATOM   1042 N  N   . GLY B 1 54 ? -3.029  16.591  -12.803 1.00 27.54 ? 54  GLY B N   1 
ATOM   1043 C  CA  . GLY B 1 54 ? -3.818  17.178  -13.895 1.00 27.40 ? 54  GLY B CA  1 
ATOM   1044 C  C   . GLY B 1 54 ? -5.290  17.073  -13.558 1.00 27.06 ? 54  GLY B C   1 
ATOM   1045 O  O   . GLY B 1 54 ? -5.674  17.257  -12.397 1.00 28.11 ? 54  GLY B O   1 
ATOM   1046 N  N   . SER B 1 55 ? -6.125  16.762  -14.542 1.00 25.88 ? 55  SER B N   1 
ATOM   1047 C  CA  . SER B 1 55 ? -7.562  16.722  -14.299 1.00 24.96 ? 55  SER B CA  1 
ATOM   1048 C  C   . SER B 1 55 ? -7.983  15.580  -13.364 1.00 24.87 ? 55  SER B C   1 
ATOM   1049 O  O   . SER B 1 55 ? -7.726  14.390  -13.650 1.00 25.49 ? 55  SER B O   1 
ATOM   1050 C  CB  . SER B 1 55 ? -8.324  16.628  -15.614 1.00 24.92 ? 55  SER B CB  1 
ATOM   1051 O  OG  . SER B 1 55 ? -9.626  16.143  -15.372 1.00 25.53 ? 55  SER B OG  1 
ATOM   1052 N  N   . LEU B 1 56 ? -8.636  15.917  -12.252 1.00 23.53 ? 56  LEU B N   1 
ATOM   1053 C  CA  . LEU B 1 56 ? -9.135  14.866  -11.337 1.00 23.97 ? 56  LEU B CA  1 
ATOM   1054 C  C   . LEU B 1 56 ? -10.274 14.064  -11.958 1.00 24.07 ? 56  LEU B C   1 
ATOM   1055 O  O   . LEU B 1 56 ? -10.467 12.879  -11.678 1.00 23.16 ? 56  LEU B O   1 
ATOM   1056 C  CB  . LEU B 1 56 ? -9.543  15.458  -9.972  1.00 24.00 ? 56  LEU B CB  1 
ATOM   1057 C  CG  . LEU B 1 56 ? -8.378  15.961  -9.124  1.00 24.43 ? 56  LEU B CG  1 
ATOM   1058 C  CD1 . LEU B 1 56 ? -8.843  16.734  -7.883  1.00 25.39 ? 56  LEU B CD1 1 
ATOM   1059 C  CD2 . LEU B 1 56 ? -7.417  14.870  -8.747  1.00 28.18 ? 56  LEU B CD2 1 
ATOM   1060 N  N   . ASP B 1 57 ? -11.040 14.708  -12.839 1.00 24.39 ? 57  ASP B N   1 
ATOM   1061 C  CA  . ASP B 1 57 ? -12.120 13.981  -13.450 1.00 24.40 ? 57  ASP B CA  1 
ATOM   1062 C  C   . ASP B 1 57 ? -11.558 12.927  -14.380 1.00 24.21 ? 57  ASP B C   1 
ATOM   1063 O  O   . ASP B 1 57 ? -12.066 11.799  -14.428 1.00 23.45 ? 57  ASP B O   1 
ATOM   1064 C  CB  . ASP B 1 57 ? -13.090 14.933  -14.151 1.00 23.73 ? 57  ASP B CB  1 
ATOM   1065 C  CG  . ASP B 1 57 ? -13.807 15.861  -13.153 1.00 27.43 ? 57  ASP B CG  1 
ATOM   1066 O  OD1 . ASP B 1 57 ? -14.847 15.423  -12.627 1.00 25.62 ? 57  ASP B OD1 1 
ATOM   1067 O  OD2 . ASP B 1 57 ? -13.348 17.021  -12.891 1.00 27.97 ? 57  ASP B OD2 1 
ATOM   1068 N  N   . GLU B 1 58 ? -10.517 13.286  -15.123 1.00 24.37 ? 58  GLU B N   1 
ATOM   1069 C  CA  . GLU B 1 58 ? -9.849  12.268  -15.981 1.00 25.17 ? 58  GLU B CA  1 
ATOM   1070 C  C   . GLU B 1 58 ? -9.166  11.145  -15.148 1.00 25.62 ? 58  GLU B C   1 
ATOM   1071 O  O   . GLU B 1 58 ? -9.217  9.969   -15.531 1.00 25.24 ? 58  GLU B O   1 
ATOM   1072 C  CB  . GLU B 1 58 ? -8.874  12.938  -16.943 1.00 25.49 ? 58  GLU B CB  1 
ATOM   1073 C  CG  . GLU B 1 58 ? -9.593  13.705  -18.074 1.00 27.24 ? 58  GLU B CG  1 
ATOM   1074 C  CD  . GLU B 1 58 ? -10.316 12.787  -19.093 1.00 31.01 ? 58  GLU B CD  1 
ATOM   1075 O  OE1 . GLU B 1 58 ? -9.786  11.699  -19.415 1.00 32.59 ? 58  GLU B OE1 1 
ATOM   1076 O  OE2 . GLU B 1 58 ? -11.405 13.156  -19.598 1.00 32.50 ? 58  GLU B OE2 1 
ATOM   1077 N  N   . LYS B 1 59 ? -8.537  11.503  -14.024 1.00 24.51 ? 59  LYS B N   1 
ATOM   1078 C  CA  . LYS B 1 59 ? -7.909  10.514  -13.111 1.00 24.66 ? 59  LYS B CA  1 
ATOM   1079 C  C   . LYS B 1 59 ? -8.975  9.546   -12.594 1.00 24.65 ? 59  LYS B C   1 
ATOM   1080 O  O   . LYS B 1 59 ? -8.730  8.335   -12.503 1.00 23.49 ? 59  LYS B O   1 
ATOM   1081 C  CB  . LYS B 1 59 ? -7.236  11.212  -11.897 1.00 24.18 ? 59  LYS B CB  1 
ATOM   1082 C  CG  . LYS B 1 59 ? -6.291  10.316  -11.048 1.00 23.60 ? 59  LYS B CG  1 
ATOM   1083 C  CD  . LYS B 1 59 ? -5.374  9.451   -11.952 1.00 24.16 ? 59  LYS B CD  1 
ATOM   1084 C  CE  . LYS B 1 59 ? -4.346  8.634   -11.115 1.00 22.55 ? 59  LYS B CE  1 
ATOM   1085 N  NZ  . LYS B 1 59 ? -3.343  7.913   -11.932 1.00 25.47 ? 59  LYS B NZ  1 
ATOM   1086 N  N   . MET B 1 60 ? -10.143 10.096  -12.238 1.00 23.90 ? 60  MET B N   1 
ATOM   1087 C  CA  . MET B 1 60 ? -11.270 9.291   -11.729 1.00 24.08 ? 60  MET B CA  1 
ATOM   1088 C  C   . MET B 1 60 ? -11.665 8.245   -12.792 1.00 24.46 ? 60  MET B C   1 
ATOM   1089 O  O   . MET B 1 60 ? -11.754 7.054   -12.533 1.00 24.77 ? 60  MET B O   1 
ATOM   1090 C  CB  . MET B 1 60 ? -12.458 10.221  -11.420 1.00 23.95 ? 60  MET B CB  1 
ATOM   1091 C  CG  . MET B 1 60 ? -13.787 9.485   -11.100 1.00 26.51 ? 60  MET B CG  1 
ATOM   1092 S  SD  . MET B 1 60 ? -13.771 8.875   -9.393  1.00 27.08 ? 60  MET B SD  1 
ATOM   1093 C  CE  . MET B 1 60 ? -15.314 7.937   -9.376  1.00 23.86 ? 60  MET B CE  1 
ATOM   1094 N  N   . LYS B 1 61 ? -11.854 8.715   -14.020 1.00 25.49 ? 61  LYS B N   1 
ATOM   1095 C  CA  . LYS B 1 61 ? -12.187 7.844   -15.139 1.00 24.78 ? 61  LYS B CA  1 
ATOM   1096 C  C   . LYS B 1 61 ? -11.125 6.734   -15.294 1.00 25.56 ? 61  LYS B C   1 
ATOM   1097 O  O   . LYS B 1 61 ? -11.452 5.544   -15.454 1.00 26.35 ? 61  LYS B O   1 
ATOM   1098 C  CB  . LYS B 1 61 ? -12.240 8.679   -16.403 1.00 24.61 ? 61  LYS B CB  1 
ATOM   1099 C  CG  . LYS B 1 61 ? -12.800 7.968   -17.614 1.00 25.79 ? 61  LYS B CG  1 
ATOM   1100 C  CD  . LYS B 1 61 ? -13.129 8.972   -18.700 1.00 26.61 ? 61  LYS B CD  1 
ATOM   1101 C  CE  . LYS B 1 61 ? -13.668 8.287   -19.957 1.00 26.93 ? 61  LYS B CE  1 
ATOM   1102 N  NZ  . LYS B 1 61 ? -13.977 9.286   -21.016 1.00 26.81 ? 61  LYS B NZ  1 
ATOM   1103 N  N   . SER B 1 62 ? -9.855  7.109   -15.233 1.00 24.73 ? 62  SER B N   1 
ATOM   1104 C  CA  . SER B 1 62 ? -8.774  6.145   -15.410 1.00 25.53 ? 62  SER B CA  1 
ATOM   1105 C  C   . SER B 1 62 ? -8.738  5.080   -14.283 1.00 25.25 ? 62  SER B C   1 
ATOM   1106 O  O   . SER B 1 62 ? -8.451  3.905   -14.508 1.00 24.68 ? 62  SER B O   1 
ATOM   1107 C  CB  . SER B 1 62 ? -7.444  6.900   -15.504 1.00 25.45 ? 62  SER B CB  1 
ATOM   1108 O  OG  . SER B 1 62 ? -6.349  6.005   -15.501 1.00 31.80 ? 62  SER B OG  1 
ATOM   1109 N  N   . LEU B 1 63 ? -9.097  5.493   -13.098 1.00 22.26 ? 63  LEU B N   1 
ATOM   1110 C  CA  . LEU B 1 63 ? -9.131  4.576   -11.942 1.00 24.37 ? 63  LEU B CA  1 
ATOM   1111 C  C   . LEU B 1 63 ? -10.408 3.716   -11.862 1.00 23.80 ? 63  LEU B C   1 
ATOM   1112 O  O   . LEU B 1 63 ? -10.433 2.638   -11.237 1.00 24.25 ? 63  LEU B O   1 
ATOM   1113 C  CB  . LEU B 1 63 ? -8.995  5.417   -10.688 1.00 23.98 ? 63  LEU B CB  1 
ATOM   1114 C  CG  . LEU B 1 63 ? -7.607  5.956   -10.327 1.00 21.91 ? 63  LEU B CG  1 
ATOM   1115 C  CD1 . LEU B 1 63 ? -7.816  6.920   -9.129  1.00 22.44 ? 63  LEU B CD1 1 
ATOM   1116 C  CD2 . LEU B 1 63 ? -6.511  4.892   -10.019 1.00 22.58 ? 63  LEU B CD2 1 
ATOM   1117 N  N   . ASP B 1 64 ? -11.444 4.178   -12.542 1.00 24.60 ? 64  ASP B N   1 
ATOM   1118 C  CA  . ASP B 1 64 ? -12.757 3.548   -12.486 1.00 24.98 ? 64  ASP B CA  1 
ATOM   1119 C  C   . ASP B 1 64 ? -12.793 2.501   -13.610 1.00 25.38 ? 64  ASP B C   1 
ATOM   1120 O  O   . ASP B 1 64 ? -13.363 2.700   -14.705 1.00 25.15 ? 64  ASP B O   1 
ATOM   1121 C  CB  . ASP B 1 64 ? -13.878 4.564   -12.630 1.00 24.49 ? 64  ASP B CB  1 
ATOM   1122 C  CG  . ASP B 1 64 ? -15.242 3.923   -12.640 1.00 25.38 ? 64  ASP B CG  1 
ATOM   1123 O  OD1 . ASP B 1 64 ? -15.348 2.749   -12.194 1.00 23.89 ? 64  ASP B OD1 1 
ATOM   1124 O  OD2 . ASP B 1 64 ? -16.204 4.599   -13.077 1.00 26.16 ? 64  ASP B OD2 1 
ATOM   1125 N  N   . VAL B 1 65 ? -12.111 1.397   -13.318 1.00 25.74 ? 65  VAL B N   1 
ATOM   1126 C  CA  . VAL B 1 65 ? -11.811 0.408   -14.346 1.00 25.48 ? 65  VAL B CA  1 
ATOM   1127 C  C   . VAL B 1 65 ? -13.040 -0.320  -14.855 1.00 25.58 ? 65  VAL B C   1 
ATOM   1128 O  O   . VAL B 1 65 ? -13.052 -0.810  -16.004 1.00 24.53 ? 65  VAL B O   1 
ATOM   1129 C  CB  . VAL B 1 65 ? -10.633 -0.545  -13.939 1.00 26.05 ? 65  VAL B CB  1 
ATOM   1130 C  CG1 . VAL B 1 65 ? -9.407  0.249   -13.604 1.00 26.06 ? 65  VAL B CG1 1 
ATOM   1131 C  CG2 . VAL B 1 65 ? -10.995 -1.454  -12.774 1.00 26.30 ? 65  VAL B CG2 1 
ATOM   1132 N  N   . ASN B 1 66 ? -14.089 -0.371  -14.038 1.00 25.04 ? 66  ASN B N   1 
ATOM   1133 C  CA  . ASN B 1 66 ? -15.324 -0.997  -14.487 1.00 24.84 ? 66  ASN B CA  1 
ATOM   1134 C  C   . ASN B 1 66 ? -16.430 0.013   -14.855 1.00 24.08 ? 66  ASN B C   1 
ATOM   1135 O  O   . ASN B 1 66 ? -17.598 -0.350  -15.023 1.00 25.03 ? 66  ASN B O   1 
ATOM   1136 C  CB  . ASN B 1 66 ? -15.793 -2.059  -13.488 1.00 25.18 ? 66  ASN B CB  1 
ATOM   1137 C  CG  . ASN B 1 66 ? -16.389 -1.458  -12.229 1.00 26.95 ? 66  ASN B CG  1 
ATOM   1138 O  OD1 . ASN B 1 66 ? -16.178 -0.288  -11.924 1.00 22.36 ? 66  ASN B OD1 1 
ATOM   1139 N  ND2 . ASN B 1 66 ? -17.214 -2.240  -11.534 1.00 28.29 ? 66  ASN B ND2 1 
ATOM   1140 N  N   . GLN B 1 67 ? -16.043 1.283   -14.989 1.00 24.01 ? 67  GLN B N   1 
ATOM   1141 C  CA  . GLN B 1 67 ? -16.942 2.342   -15.471 1.00 24.76 ? 67  GLN B CA  1 
ATOM   1142 C  C   . GLN B 1 67 ? -18.337 2.395   -14.795 1.00 24.57 ? 67  GLN B C   1 
ATOM   1143 O  O   . GLN B 1 67 ? -19.364 2.532   -15.472 1.00 25.12 ? 67  GLN B O   1 
ATOM   1144 C  CB  . GLN B 1 67 ? -17.089 2.219   -16.996 1.00 24.60 ? 67  GLN B CB  1 
ATOM   1145 C  CG  . GLN B 1 67 ? -15.802 2.492   -17.762 1.00 26.52 ? 67  GLN B CG  1 
ATOM   1146 C  CD  . GLN B 1 67 ? -16.025 2.395   -19.281 1.00 23.98 ? 67  GLN B CD  1 
ATOM   1147 N  N   . ASP B 1 68 ? -18.381 2.215   -13.485 1.00 24.01 ? 68  ASP B N   1 
ATOM   1148 C  CA  . ASP B 1 68 ? -19.629 2.322   -12.730 1.00 24.77 ? 68  ASP B CA  1 
ATOM   1149 C  C   . ASP B 1 68 ? -19.794 3.664   -11.993 1.00 24.54 ? 68  ASP B C   1 
ATOM   1150 O  O   . ASP B 1 68 ? -20.768 3.857   -11.260 1.00 25.12 ? 68  ASP B O   1 
ATOM   1151 C  CB  . ASP B 1 68 ? -19.849 1.103   -11.815 1.00 24.86 ? 68  ASP B CB  1 
ATOM   1152 C  CG  . ASP B 1 68 ? -18.837 1.031   -10.685 1.00 25.20 ? 68  ASP B CG  1 
ATOM   1153 O  OD1 . ASP B 1 68 ? -17.941 1.920   -10.619 1.00 20.89 ? 68  ASP B OD1 1 
ATOM   1154 O  OD2 . ASP B 1 68 ? -18.923 0.068   -9.877  1.00 28.69 ? 68  ASP B OD2 1 
ATOM   1155 N  N   . SER B 1 69 ? -18.878 4.599   -12.262 1.00 24.28 ? 69  SER B N   1 
ATOM   1156 C  CA  . SER B 1 69 ? -18.881 5.989   -11.764 1.00 24.36 ? 69  SER B CA  1 
ATOM   1157 C  C   . SER B 1 69 ? -18.525 6.067   -10.270 1.00 24.17 ? 69  SER B C   1 
ATOM   1158 O  O   . SER B 1 69 ? -18.722 7.102   -9.601  1.00 24.54 ? 69  SER B O   1 
ATOM   1159 C  CB  . SER B 1 69 ? -20.221 6.715   -12.066 1.00 23.57 ? 69  SER B CB  1 
ATOM   1160 O  OG  . SER B 1 69 ? -20.661 6.435   -13.384 1.00 27.19 ? 69  SER B OG  1 
ATOM   1161 N  N   . GLU B 1 70 ? -17.967 4.976   -9.754  1.00 23.14 ? 70  GLU B N   1 
ATOM   1162 C  CA  . GLU B 1 70 ? -17.604 4.846   -8.327  1.00 23.89 ? 70  GLU B CA  1 
ATOM   1163 C  C   . GLU B 1 70 ? -16.216 4.252   -8.241  1.00 23.78 ? 70  GLU B C   1 
ATOM   1164 O  O   . GLU B 1 70 ? -15.834 3.448   -9.109  1.00 24.71 ? 70  GLU B O   1 
ATOM   1165 C  CB  . GLU B 1 70 ? -18.591 3.878   -7.599  1.00 24.80 ? 70  GLU B CB  1 
ATOM   1166 C  CG  . GLU B 1 70 ? -20.044 4.271   -7.677  1.00 27.82 ? 70  GLU B CG  1 
ATOM   1167 C  CD  . GLU B 1 70 ? -20.405 5.386   -6.696  1.00 30.96 ? 70  GLU B CD  1 
ATOM   1168 O  OE1 . GLU B 1 70 ? -19.781 5.467   -5.610  1.00 30.52 ? 70  GLU B OE1 1 
ATOM   1169 O  OE2 . GLU B 1 70 ? -21.319 6.167   -7.012  1.00 32.94 ? 70  GLU B OE2 1 
ATOM   1170 N  N   . LEU B 1 71 ? -15.457 4.589   -7.195  1.00 23.24 ? 71  LEU B N   1 
ATOM   1171 C  CA  . LEU B 1 71 ? -14.236 3.850   -6.915  1.00 25.08 ? 71  LEU B CA  1 
ATOM   1172 C  C   . LEU B 1 71 ? -14.462 2.933   -5.699  1.00 24.77 ? 71  LEU B C   1 
ATOM   1173 O  O   . LEU B 1 71 ? -14.568 3.430   -4.566  1.00 24.95 ? 71  LEU B O   1 
ATOM   1174 C  CB  . LEU B 1 71 ? -13.034 4.780   -6.639  1.00 25.41 ? 71  LEU B CB  1 
ATOM   1175 C  CG  . LEU B 1 71 ? -12.688 5.800   -7.729  1.00 26.33 ? 71  LEU B CG  1 
ATOM   1176 C  CD1 . LEU B 1 71 ? -11.339 6.484   -7.395  1.00 23.68 ? 71  LEU B CD1 1 
ATOM   1177 C  CD2 . LEU B 1 71 ? -12.668 5.019   -9.049  1.00 26.21 ? 71  LEU B CD2 1 
ATOM   1178 N  N   . LYS B 1 72 ? -14.527 1.630   -5.931  1.00 24.87 ? 72  LYS B N   1 
ATOM   1179 C  CA  . LYS B 1 72 ? -14.577 0.671   -4.807  1.00 24.10 ? 72  LYS B CA  1 
ATOM   1180 C  C   . LYS B 1 72 ? -13.142 0.487   -4.238  1.00 24.09 ? 72  LYS B C   1 
ATOM   1181 O  O   . LYS B 1 72 ? -12.151 1.036   -4.800  1.00 26.00 ? 72  LYS B O   1 
ATOM   1182 C  CB  . LYS B 1 72 ? -15.220 -0.651  -5.234  1.00 25.65 ? 72  LYS B CB  1 
ATOM   1183 C  CG  . LYS B 1 72 ? -16.784 -0.610  -5.178  1.00 24.12 ? 72  LYS B CG  1 
ATOM   1184 C  CD  . LYS B 1 72 ? -17.386 -1.875  -5.743  1.00 26.61 ? 72  LYS B CD  1 
ATOM   1185 C  CE  . LYS B 1 72 ? -17.329 -3.043  -4.733  1.00 30.99 ? 72  LYS B CE  1 
ATOM   1186 N  N   . PHE B 1 73 ? -13.002 -0.242  -3.146  1.00 24.54 ? 73  PHE B N   1 
ATOM   1187 C  CA  . PHE B 1 73 ? -11.688 -0.281  -2.495  1.00 24.72 ? 73  PHE B CA  1 
ATOM   1188 C  C   . PHE B 1 73 ? -10.558 -0.783  -3.397  1.00 24.67 ? 73  PHE B C   1 
ATOM   1189 O  O   . PHE B 1 73 ? -9.431  -0.252  -3.349  1.00 25.07 ? 73  PHE B O   1 
ATOM   1190 C  CB  . PHE B 1 73 ? -11.766 -1.087  -1.202  1.00 24.26 ? 73  PHE B CB  1 
ATOM   1191 C  CG  . PHE B 1 73 ? -10.471 -1.115  -0.459  1.00 24.28 ? 73  PHE B CG  1 
ATOM   1192 C  CD1 . PHE B 1 73 ? -10.166 -0.140  0.485   1.00 24.49 ? 73  PHE B CD1 1 
ATOM   1193 C  CD2 . PHE B 1 73 ? -9.512  -2.121  -0.739  1.00 24.99 ? 73  PHE B CD2 1 
ATOM   1194 C  CE1 . PHE B 1 73 ? -8.944  -0.131  1.136   1.00 23.94 ? 73  PHE B CE1 1 
ATOM   1195 C  CE2 . PHE B 1 73 ? -8.265  -2.126  -0.100  1.00 23.44 ? 73  PHE B CE2 1 
ATOM   1196 C  CZ  . PHE B 1 73 ? -7.984  -1.135  0.863   1.00 22.57 ? 73  PHE B CZ  1 
ATOM   1197 N  N   . ASN B 1 74 ? -10.837 -1.847  -4.179  1.00 23.63 ? 74  ASN B N   1 
ATOM   1198 C  CA  . ASN B 1 74 ? -9.841  -2.390  -5.118  1.00 25.40 ? 74  ASN B CA  1 
ATOM   1199 C  C   . ASN B 1 74 ? -9.258  -1.295  -6.018  1.00 24.19 ? 74  ASN B C   1 
ATOM   1200 O  O   . ASN B 1 74 ? -8.058  -1.281  -6.258  1.00 24.04 ? 74  ASN B O   1 
ATOM   1201 C  CB  . ASN B 1 74 ? -10.433 -3.527  -5.998  1.00 24.57 ? 74  ASN B CB  1 
ATOM   1202 C  CG  . ASN B 1 74 ? -11.484 -3.026  -7.049  1.00 32.06 ? 74  ASN B CG  1 
ATOM   1203 O  OD1 . ASN B 1 74 ? -12.518 -2.439  -6.691  1.00 34.31 ? 74  ASN B OD1 1 
ATOM   1204 N  ND2 . ASN B 1 74 ? -11.249 -3.350  -8.359  1.00 33.59 ? 74  ASN B ND2 1 
ATOM   1205 N  N   . GLU B 1 75 ? -10.139 -0.415  -6.512  1.00 22.91 ? 75  GLU B N   1 
ATOM   1206 C  CA  . GLU B 1 75 ? -9.769  0.673   -7.426  1.00 23.85 ? 75  GLU B CA  1 
ATOM   1207 C  C   . GLU B 1 75 ? -8.961  1.756   -6.708  1.00 24.71 ? 75  GLU B C   1 
ATOM   1208 O  O   . GLU B 1 75 ? -7.955  2.236   -7.243  1.00 24.06 ? 75  GLU B O   1 
ATOM   1209 C  CB  . GLU B 1 75 ? -11.008 1.290   -8.091  1.00 24.00 ? 75  GLU B CB  1 
ATOM   1210 C  CG  . GLU B 1 75 ? -11.574 0.303   -9.120  1.00 22.94 ? 75  GLU B CG  1 
ATOM   1211 C  CD  . GLU B 1 75 ? -12.975 0.664   -9.621  1.00 21.13 ? 75  GLU B CD  1 
ATOM   1212 O  OE1 . GLU B 1 75 ? -13.731 1.364   -8.926  1.00 23.50 ? 75  GLU B OE1 1 
ATOM   1213 O  OE2 . GLU B 1 75 ? -13.322 0.256   -10.734 1.00 23.08 ? 75  GLU B OE2 1 
ATOM   1214 N  N   . TYR B 1 76 ? -9.350  2.076   -5.479  1.00 24.32 ? 76  TYR B N   1 
ATOM   1215 C  CA  . TYR B 1 76 ? -8.513  2.945   -4.640  1.00 24.51 ? 76  TYR B CA  1 
ATOM   1216 C  C   . TYR B 1 76 ? -7.156  2.323   -4.342  1.00 25.07 ? 76  TYR B C   1 
ATOM   1217 O  O   . TYR B 1 76 ? -6.131  2.995   -4.389  1.00 24.97 ? 76  TYR B O   1 
ATOM   1218 C  CB  . TYR B 1 76 ? -9.264  3.264   -3.350  1.00 24.17 ? 76  TYR B CB  1 
ATOM   1219 C  CG  . TYR B 1 76 ? -8.476  3.828   -2.138  1.00 24.62 ? 76  TYR B CG  1 
ATOM   1220 C  CD1 . TYR B 1 76 ? -8.194  5.183   -2.028  1.00 28.33 ? 76  TYR B CD1 1 
ATOM   1221 C  CD2 . TYR B 1 76 ? -8.058  2.962   -1.090  1.00 25.32 ? 76  TYR B CD2 1 
ATOM   1222 C  CE1 . TYR B 1 76 ? -7.491  5.688   -0.916  1.00 25.94 ? 76  TYR B CE1 1 
ATOM   1223 C  CE2 . TYR B 1 76 ? -7.386  3.429   0.028   1.00 24.13 ? 76  TYR B CE2 1 
ATOM   1224 C  CZ  . TYR B 1 76 ? -7.075  4.813   0.087   1.00 24.58 ? 76  TYR B CZ  1 
ATOM   1225 O  OH  . TYR B 1 76 ? -6.450  5.324   1.194   1.00 24.10 ? 76  TYR B OH  1 
ATOM   1226 N  N   . TRP B 1 77 ? -7.134  1.022   -4.092  1.00 26.06 ? 77  TRP B N   1 
ATOM   1227 C  CA  . TRP B 1 77 ? -5.879  0.346   -3.769  1.00 24.43 ? 77  TRP B CA  1 
ATOM   1228 C  C   . TRP B 1 77 ? -4.898  0.404   -4.946  1.00 24.91 ? 77  TRP B C   1 
ATOM   1229 O  O   . TRP B 1 77 ? -3.690  0.532   -4.735  1.00 24.15 ? 77  TRP B O   1 
ATOM   1230 C  CB  . TRP B 1 77 ? -6.149  -1.102  -3.367  1.00 25.12 ? 77  TRP B CB  1 
ATOM   1231 C  CG  . TRP B 1 77 ? -4.887  -1.789  -2.893  1.00 24.54 ? 77  TRP B CG  1 
ATOM   1232 C  CD1 . TRP B 1 77 ? -4.146  -2.732  -3.561  1.00 25.82 ? 77  TRP B CD1 1 
ATOM   1233 C  CD2 . TRP B 1 77 ? -4.178  -1.491  -1.703  1.00 25.00 ? 77  TRP B CD2 1 
ATOM   1234 N  NE1 . TRP B 1 77 ? -3.024  -3.064  -2.830  1.00 25.65 ? 77  TRP B NE1 1 
ATOM   1235 C  CE2 . TRP B 1 77 ? -3.012  -2.291  -1.690  1.00 24.32 ? 77  TRP B CE2 1 
ATOM   1236 C  CE3 . TRP B 1 77 ? -4.406  -0.594  -0.640  1.00 25.47 ? 77  TRP B CE3 1 
ATOM   1237 C  CZ2 . TRP B 1 77 ? -2.090  -2.257  -0.629  1.00 25.95 ? 77  TRP B CZ2 1 
ATOM   1238 C  CZ3 . TRP B 1 77 ? -3.498  -0.546  0.392   1.00 27.78 ? 77  TRP B CZ3 1 
ATOM   1239 C  CH2 . TRP B 1 77 ? -2.350  -1.383  0.404   1.00 26.21 ? 77  TRP B CH2 1 
ATOM   1240 N  N   . ARG B 1 78 ? -5.415  0.336   -6.181  1.00 24.62 ? 78  ARG B N   1 
ATOM   1241 C  CA  . ARG B 1 78 ? -4.568  0.482   -7.391  1.00 24.31 ? 78  ARG B CA  1 
ATOM   1242 C  C   . ARG B 1 78 ? -3.948  1.874   -7.403  1.00 25.23 ? 78  ARG B C   1 
ATOM   1243 O  O   . ARG B 1 78 ? -2.764  2.035   -7.754  1.00 24.56 ? 78  ARG B O   1 
ATOM   1244 C  CB  . ARG B 1 78 ? -5.352  0.181   -8.701  1.00 24.90 ? 78  ARG B CB  1 
ATOM   1245 N  N   . LEU B 1 79 ? -4.701  2.895   -6.971  1.00 24.46 ? 79  LEU B N   1 
ATOM   1246 C  CA  . LEU B 1 79 ? -4.098  4.234   -6.837  1.00 23.46 ? 79  LEU B CA  1 
ATOM   1247 C  C   . LEU B 1 79 ? -2.979  4.234   -5.809  1.00 25.16 ? 79  LEU B C   1 
ATOM   1248 O  O   . LEU B 1 79 ? -1.889  4.764   -6.073  1.00 24.51 ? 79  LEU B O   1 
ATOM   1249 C  CB  . LEU B 1 79 ? -5.140  5.297   -6.487  1.00 23.50 ? 79  LEU B CB  1 
ATOM   1250 C  CG  . LEU B 1 79 ? -4.556  6.675   -6.138  1.00 22.68 ? 79  LEU B CG  1 
ATOM   1251 C  CD1 . LEU B 1 79 ? -3.894  7.337   -7.342  1.00 23.43 ? 79  LEU B CD1 1 
ATOM   1252 C  CD2 . LEU B 1 79 ? -5.636  7.588   -5.522  1.00 23.36 ? 79  LEU B CD2 1 
ATOM   1253 N  N   . ILE B 1 80 ? -3.233  3.657   -4.617  1.00 24.76 ? 80  ILE B N   1 
ATOM   1254 C  CA  . ILE B 1 80 ? -2.205  3.634   -3.590  1.00 24.79 ? 80  ILE B CA  1 
ATOM   1255 C  C   . ILE B 1 80 ? -0.952  2.917   -4.090  1.00 26.15 ? 80  ILE B C   1 
ATOM   1256 O  O   . ILE B 1 80 ? 0.158   3.360   -3.791  1.00 25.38 ? 80  ILE B O   1 
ATOM   1257 C  CB  . ILE B 1 80 ? -2.708  3.003   -2.274  1.00 24.41 ? 80  ILE B CB  1 
ATOM   1258 C  CG1 . ILE B 1 80 ? -3.986  3.712   -1.804  1.00 25.23 ? 80  ILE B CG1 1 
ATOM   1259 C  CG2 . ILE B 1 80 ? -1.619  2.924   -1.211  1.00 22.89 ? 80  ILE B CG2 1 
ATOM   1260 C  CD1 . ILE B 1 80 ? -3.791  5.123   -1.350  1.00 24.56 ? 80  ILE B CD1 1 
ATOM   1261 N  N   . GLY B 1 81 ? -1.131  1.827   -4.850  1.00 24.52 ? 81  GLY B N   1 
ATOM   1262 C  CA  . GLY B 1 81 ? 0.010   1.130   -5.452  1.00 25.25 ? 81  GLY B CA  1 
ATOM   1263 C  C   . GLY B 1 81 ? 0.822   2.004   -6.410  1.00 24.78 ? 81  GLY B C   1 
ATOM   1264 O  O   . GLY B 1 81 ? 2.070   1.945   -6.409  1.00 25.20 ? 81  GLY B O   1 
ATOM   1265 N  N   . GLU B 1 82 ? 0.123   2.786   -7.245  1.00 24.57 ? 82  GLU B N   1 
ATOM   1266 C  CA  . GLU B 1 82 ? 0.784   3.742   -8.156  1.00 24.45 ? 82  GLU B CA  1 
ATOM   1267 C  C   . GLU B 1 82 ? 1.662   4.719   -7.365  1.00 23.19 ? 82  GLU B C   1 
ATOM   1268 O  O   . GLU B 1 82 ? 2.803   5.006   -7.743  1.00 22.56 ? 82  GLU B O   1 
ATOM   1269 C  CB  . GLU B 1 82 ? -0.281  4.490   -8.937  1.00 25.43 ? 82  GLU B CB  1 
ATOM   1270 C  CG  . GLU B 1 82 ? 0.272   5.545   -9.862  1.00 28.39 ? 82  GLU B CG  1 
ATOM   1271 C  CD  . GLU B 1 82 ? -0.827  6.473   -10.370 1.00 32.37 ? 82  GLU B CD  1 
ATOM   1272 O  OE1 . GLU B 1 82 ? -1.997  6.013   -10.526 1.00 31.55 ? 82  GLU B OE1 1 
ATOM   1273 O  OE2 . GLU B 1 82 ? -0.501  7.665   -10.586 1.00 35.46 ? 82  GLU B OE2 1 
ATOM   1274 N  N   . LEU B 1 83 ? 1.097   5.232   -6.267  1.00 23.52 ? 83  LEU B N   1 
ATOM   1275 C  CA  . LEU B 1 83 ? 1.777   6.210   -5.424  1.00 22.90 ? 83  LEU B CA  1 
ATOM   1276 C  C   . LEU B 1 83 ? 2.944   5.540   -4.709  1.00 24.50 ? 83  LEU B C   1 
ATOM   1277 O  O   . LEU B 1 83 ? 4.072   6.088   -4.672  1.00 23.87 ? 83  LEU B O   1 
ATOM   1278 C  CB  . LEU B 1 83 ? 0.793   6.789   -4.415  1.00 23.86 ? 83  LEU B CB  1 
ATOM   1279 C  CG  . LEU B 1 83 ? -0.393  7.546   -5.033  1.00 23.02 ? 83  LEU B CG  1 
ATOM   1280 C  CD1 . LEU B 1 83 ? -1.211  8.132   -3.898  1.00 26.48 ? 83  LEU B CD1 1 
ATOM   1281 C  CD2 . LEU B 1 83 ? 0.077   8.645   -5.926  1.00 27.13 ? 83  LEU B CD2 1 
ATOM   1282 N  N   . ALA B 1 84 ? 2.702   4.336   -4.203  1.00 25.09 ? 84  ALA B N   1 
ATOM   1283 C  CA  . ALA B 1 84 ? 3.793   3.594   -3.560  1.00 25.44 ? 84  ALA B CA  1 
ATOM   1284 C  C   . ALA B 1 84 ? 4.966   3.341   -4.491  1.00 25.56 ? 84  ALA B C   1 
ATOM   1285 O  O   . ALA B 1 84 ? 6.118   3.415   -4.061  1.00 25.08 ? 84  ALA B O   1 
ATOM   1286 C  CB  . ALA B 1 84 ? 3.285   2.305   -2.943  1.00 26.32 ? 84  ALA B CB  1 
ATOM   1287 N  N   . LYS B 1 85 ? 4.716   3.029   -5.767  1.00 25.47 ? 85  LYS B N   1 
ATOM   1288 C  CA  . LYS B 1 85 ? 5.811   2.784   -6.709  1.00 24.63 ? 85  LYS B CA  1 
ATOM   1289 C  C   . LYS B 1 85 ? 6.656   4.029   -6.933  1.00 24.14 ? 85  LYS B C   1 
ATOM   1290 O  O   . LYS B 1 85 ? 7.865   3.937   -7.143  1.00 24.07 ? 85  LYS B O   1 
ATOM   1291 C  CB  . LYS B 1 85 ? 5.257   2.285   -8.044  1.00 25.93 ? 85  LYS B CB  1 
ATOM   1292 C  CG  . LYS B 1 85 ? 4.793   0.839   -7.972  1.00 28.65 ? 85  LYS B CG  1 
ATOM   1293 C  CD  . LYS B 1 85 ? 4.275   0.343   -9.336  1.00 33.59 ? 85  LYS B CD  1 
ATOM   1294 N  N   . GLU B 1 86 ? 6.061   5.208   -6.867  1.00 23.54 ? 86  GLU B N   1 
ATOM   1295 C  CA  . GLU B 1 86 ? 6.847   6.411   -7.073  1.00 23.62 ? 86  GLU B CA  1 
ATOM   1296 C  C   . GLU B 1 86 ? 7.692   6.668   -5.823  1.00 25.21 ? 86  GLU B C   1 
ATOM   1297 O  O   . GLU B 1 86 ? 8.869   7.114   -5.907  1.00 25.24 ? 86  GLU B O   1 
ATOM   1298 C  CB  . GLU B 1 86 ? 5.938   7.595   -7.402  1.00 23.93 ? 86  GLU B CB  1 
ATOM   1299 C  CG  . GLU B 1 86 ? 5.206   7.482   -8.732  1.00 26.21 ? 86  GLU B CG  1 
ATOM   1300 C  CD  . GLU B 1 86 ? 6.118   7.351   -9.955  1.00 30.24 ? 86  GLU B CD  1 
ATOM   1301 O  OE1 . GLU B 1 86 ? 7.311   7.735   -9.889  1.00 32.61 ? 86  GLU B OE1 1 
ATOM   1302 O  OE2 . GLU B 1 86 ? 5.635   6.878   -11.005 1.00 30.78 ? 86  GLU B OE2 1 
ATOM   1303 N  N   . ILE B 1 87 ? 7.123   6.385   -4.655  1.00 23.78 ? 87  ILE B N   1 
ATOM   1304 C  CA  . ILE B 1 87 ? 7.915   6.469   -3.437  1.00 24.20 ? 87  ILE B CA  1 
ATOM   1305 C  C   . ILE B 1 87 ? 9.041   5.473   -3.465  1.00 24.85 ? 87  ILE B C   1 
ATOM   1306 O  O   . ILE B 1 87 ? 10.125  5.798   -3.028  1.00 24.94 ? 87  ILE B O   1 
ATOM   1307 C  CB  . ILE B 1 87 ? 7.065   6.301   -2.122  1.00 24.81 ? 87  ILE B CB  1 
ATOM   1308 C  CG1 . ILE B 1 87 ? 5.989   7.403   -2.062  1.00 22.31 ? 87  ILE B CG1 1 
ATOM   1309 C  CG2 . ILE B 1 87 ? 7.963   6.279   -0.868  1.00 24.40 ? 87  ILE B CG2 1 
ATOM   1310 C  CD1 . ILE B 1 87 ? 4.950   7.248   -0.965  1.00 22.85 ? 87  ILE B CD1 1 
ATOM   1311 N  N   . ARG B 1 88 ? 8.798   4.261   -3.983  1.00 23.68 ? 88  ARG B N   1 
ATOM   1312 C  CA  . ARG B 1 88 ? 9.846   3.275   -4.017  1.00 24.27 ? 88  ARG B CA  1 
ATOM   1313 C  C   . ARG B 1 88 ? 11.049  3.790   -4.788  1.00 24.60 ? 88  ARG B C   1 
ATOM   1314 O  O   . ARG B 1 88 ? 12.202  3.475   -4.440  1.00 24.23 ? 88  ARG B O   1 
ATOM   1315 C  CB  . ARG B 1 88 ? 9.320   1.981   -4.596  1.00 23.82 ? 88  ARG B CB  1 
ATOM   1316 C  CG  . ARG B 1 88 ? 10.368  0.904   -4.738  1.00 26.43 ? 88  ARG B CG  1 
ATOM   1317 C  CD  . ARG B 1 88 ? 10.051  0.061   -5.878  1.00 29.65 ? 88  ARG B CD  1 
ATOM   1318 N  NE  . ARG B 1 88 ? 10.459  0.691   -7.119  1.00 29.54 ? 88  ARG B NE  1 
ATOM   1319 C  CZ  . ARG B 1 88 ? 11.730  0.850   -7.477  1.00 33.31 ? 88  ARG B CZ  1 
ATOM   1320 N  NH1 . ARG B 1 88 ? 12.713  0.440   -6.659  1.00 30.43 ? 88  ARG B NH1 1 
ATOM   1321 N  NH2 . ARG B 1 88 ? 12.020  1.419   -8.661  1.00 33.43 ? 88  ARG B NH2 1 
ATOM   1322 N  N   . LYS B 1 89 ? 10.803  4.501   -5.879  1.00 23.10 ? 89  LYS B N   1 
ATOM   1323 C  CA  . LYS B 1 89 ? 11.908  5.007   -6.693  1.00 24.00 ? 89  LYS B CA  1 
ATOM   1324 C  C   . LYS B 1 89 ? 12.830  5.926   -5.862  1.00 24.12 ? 89  LYS B C   1 
ATOM   1325 O  O   . LYS B 1 89 ? 14.042  5.912   -6.044  1.00 24.18 ? 89  LYS B O   1 
ATOM   1326 C  CB  . LYS B 1 89 ? 11.405  5.718   -7.968  1.00 24.51 ? 89  LYS B CB  1 
ATOM   1327 C  CG  . LYS B 1 89 ? 10.505  4.890   -8.906  1.00 24.57 ? 89  LYS B CG  1 
ATOM   1328 C  CD  . LYS B 1 89 ? 10.066  5.671   -10.184 1.00 24.25 ? 89  LYS B CD  1 
ATOM   1329 N  N   . LYS B 1 90 ? 12.244  6.720   -4.962  1.00 24.60 ? 90  LYS B N   1 
ATOM   1330 C  CA  . LYS B 1 90 ? 12.977  7.725   -4.121  1.00 24.67 ? 90  LYS B CA  1 
ATOM   1331 C  C   . LYS B 1 90 ? 13.678  7.075   -2.911  1.00 24.15 ? 90  LYS B C   1 
ATOM   1332 O  O   . LYS B 1 90 ? 14.665  7.605   -2.366  1.00 23.94 ? 90  LYS B O   1 
ATOM   1333 C  CB  . LYS B 1 90 ? 11.993  8.776   -3.564  1.00 24.93 ? 90  LYS B CB  1 
ATOM   1334 C  CG  . LYS B 1 90 ? 11.223  9.597   -4.656  1.00 27.90 ? 90  LYS B CG  1 
ATOM   1335 N  N   . LYS B 1 91 ? 13.170  5.922   -2.481  1.00 23.19 ? 91  LYS B N   1 
ATOM   1336 C  CA  . LYS B 1 91 ? 13.754  5.221   -1.344  1.00 23.54 ? 91  LYS B CA  1 
ATOM   1337 C  C   . LYS B 1 91 ? 14.862  4.220   -1.814  1.00 24.21 ? 91  LYS B C   1 
ATOM   1338 O  O   . LYS B 1 91 ? 15.515  3.580   -0.981  1.00 23.40 ? 91  LYS B O   1 
ATOM   1339 C  CB  . LYS B 1 91 ? 12.677  4.425   -0.592  1.00 22.58 ? 91  LYS B CB  1 
ATOM   1340 C  CG  . LYS B 1 91 ? 11.521  5.205   -0.010  1.00 25.34 ? 91  LYS B CG  1 
ATOM   1341 C  CD  . LYS B 1 91 ? 11.957  6.241   0.966   1.00 25.98 ? 91  LYS B CD  1 
ATOM   1342 C  CE  . LYS B 1 91 ? 10.770  6.810   1.678   1.00 26.25 ? 91  LYS B CE  1 
ATOM   1343 N  NZ  . LYS B 1 91 ? 11.226  7.953   2.501   1.00 26.00 ? 91  LYS B NZ  1 
ATOM   1344 N  N   . ASP B 1 92 ? 15.056  4.119   -3.138  1.00 24.65 ? 92  ASP B N   1 
ATOM   1345 C  CA  . ASP B 1 92 ? 16.073  3.237   -3.755  1.00 24.58 ? 92  ASP B CA  1 
ATOM   1346 C  C   . ASP B 1 92 ? 16.690  3.939   -4.966  1.00 24.87 ? 92  ASP B C   1 
ATOM   1347 O  O   . ASP B 1 92 ? 16.617  3.429   -6.072  1.00 23.70 ? 92  ASP B O   1 
ATOM   1348 C  CB  . ASP B 1 92 ? 15.470  1.856   -4.139  1.00 24.80 ? 92  ASP B CB  1 
ATOM   1349 C  CG  . ASP B 1 92 ? 16.529  0.840   -4.531  1.00 26.02 ? 92  ASP B CG  1 
ATOM   1350 O  OD1 . ASP B 1 92 ? 17.723  1.074   -4.261  1.00 30.73 ? 92  ASP B OD1 1 
ATOM   1351 O  OD2 . ASP B 1 92 ? 16.187  -0.203  -5.122  1.00 26.14 ? 92  ASP B OD2 1 
ATOM   1352 N  N   . LEU B 1 93 ? 17.314  5.103   -4.747  1.00 24.52 ? 93  LEU B N   1 
ATOM   1353 C  CA  . LEU B 1 93 ? 17.855  5.923   -5.878  1.00 24.31 ? 93  LEU B CA  1 
ATOM   1354 C  C   . LEU B 1 93 ? 19.035  5.258   -6.586  1.00 24.59 ? 93  LEU B C   1 
ATOM   1355 O  O   . LEU B 1 93 ? 19.908  4.732   -5.922  1.00 24.56 ? 93  LEU B O   1 
ATOM   1356 C  CB  . LEU B 1 93 ? 18.284  7.338   -5.417  1.00 24.85 ? 93  LEU B CB  1 
ATOM   1357 C  CG  . LEU B 1 93 ? 17.162  8.315   -5.079  1.00 22.71 ? 93  LEU B CG  1 
ATOM   1358 C  CD1 . LEU B 1 93 ? 17.774  9.584   -4.506  1.00 26.78 ? 93  LEU B CD1 1 
ATOM   1359 C  CD2 . LEU B 1 93 ? 16.239  8.579   -6.324  1.00 22.79 ? 93  LEU B CD2 1 
ATOM   1360 N  N   . LYS B 1 94 ? 19.047  5.285   -7.926  1.00 23.66 ? 94  LYS B N   1 
ATOM   1361 C  CA  . LYS B 1 94 ? 20.176  4.788   -8.727  1.00 24.17 ? 94  LYS B CA  1 
ATOM   1362 C  C   . LYS B 1 94 ? 21.184  5.927   -8.829  1.00 24.13 ? 94  LYS B C   1 
ATOM   1363 O  O   . LYS B 1 94 ? 20.793  7.068   -9.054  1.00 23.52 ? 94  LYS B O   1 
ATOM   1364 C  CB  . LYS B 1 94 ? 19.729  4.395   -10.142 1.00 24.42 ? 94  LYS B CB  1 
ATOM   1365 N  N   . ILE B 1 95 ? 22.464  5.634   -8.656  1.00 25.19 ? 95  ILE B N   1 
ATOM   1366 C  CA  . ILE B 1 95 ? 23.473  6.690   -8.781  1.00 25.10 ? 95  ILE B CA  1 
ATOM   1367 C  C   . ILE B 1 95 ? 23.725  6.854   -10.273 1.00 26.60 ? 95  ILE B C   1 
ATOM   1368 O  O   . ILE B 1 95 ? 23.738  7.975   -10.785 1.00 27.83 ? 95  ILE B O   1 
ATOM   1369 C  CB  . ILE B 1 95 ? 24.785  6.395   -7.989  1.00 25.27 ? 95  ILE B CB  1 
ATOM   1370 C  CG1 . ILE B 1 95 ? 24.536  6.067   -6.506  1.00 25.74 ? 95  ILE B CG1 1 
ATOM   1371 C  CG2 . ILE B 1 95 ? 25.810  7.537   -8.167  1.00 22.44 ? 95  ILE B CG2 1 
ATOM   1372 C  CD1 . ILE B 1 95 ? 23.393  6.830   -5.851  1.00 27.12 ? 95  ILE B CD1 1 
ATOM   1373 N  N   . ARG B 1 96 ? 23.919  5.722   -10.956 1.00 27.46 ? 96  ARG B N   1 
ATOM   1374 C  CA  . ARG B 1 96 ? 24.068  5.648   -12.422 1.00 27.86 ? 96  ARG B CA  1 
ATOM   1375 C  C   . ARG B 1 96 ? 25.052  6.680   -12.957 1.00 28.17 ? 96  ARG B C   1 
ATOM   1376 O  O   . ARG B 1 96 ? 26.198  6.757   -12.499 1.00 28.58 ? 96  ARG B O   1 
ATOM   1377 C  CB  . ARG B 1 96 ? 22.694  5.724   -13.141 1.00 27.95 ? 96  ARG B CB  1 
ATOM   1378 C  CG  . ARG B 1 96 ? 22.136  7.147   -13.383 1.00 27.42 ? 96  ARG B CG  1 
ATOM   1379 C  CD  . ARG B 1 96 ? 20.859  7.183   -14.239 1.00 28.23 ? 96  ARG B CD  1 
ATOM   1380 N  NE  . ARG B 1 96 ? 21.059  6.700   -15.615 1.00 28.03 ? 96  ARG B NE  1 
ATOM   1381 C  CZ  . ARG B 1 96 ? 20.600  5.532   -16.069 1.00 28.99 ? 96  ARG B CZ  1 
ATOM   1382 N  NH1 . ARG B 1 96 ? 19.927  4.736   -15.255 1.00 30.20 ? 96  ARG B NH1 1 
ATOM   1383 N  NH2 . ARG B 1 96 ? 20.801  5.154   -17.327 1.00 27.22 ? 96  ARG B NH2 1 
HETATM 1384 CA CA  . CA  C 2 .  ? 18.301  -7.934  1.463   1.00 23.09 ? 301 CA  A CA  1 
HETATM 1385 CA CA  . CA  D 2 .  ? 11.040  -13.148 -5.848  1.00 22.71 ? 302 CA  A CA  1 
HETATM 1386 CA CA  . CA  E 2 .  ? -19.789 7.100   -1.350  1.00 23.09 ? 303 CA  B CA  1 
HETATM 1387 CA CA  . CA  F 2 .  ? -15.558 1.499   -10.401 1.00 24.81 ? 304 CA  B CA  1 
HETATM 1388 O  O   . HOH G 3 .  ? 2.326   -19.992 6.095   1.00 29.42 ? 303 HOH A O   1 
HETATM 1389 O  O   . HOH G 3 .  ? 18.091  -15.575 4.461   1.00 33.18 ? 304 HOH A O   1 
HETATM 1390 O  O   . HOH G 3 .  ? 3.407   6.664   9.150   1.00 34.93 ? 305 HOH A O   1 
HETATM 1391 O  O   . HOH G 3 .  ? -6.771  -10.768 1.238   1.00 38.11 ? 306 HOH A O   1 
HETATM 1392 O  O   . HOH G 3 .  ? 11.168  -20.290 2.165   1.00 35.51 ? 307 HOH A O   1 
HETATM 1393 O  O   . HOH G 3 .  ? 15.350  3.744   1.871   1.00 28.15 ? 308 HOH A O   1 
HETATM 1394 O  O   . HOH G 3 .  ? -1.858  -1.603  -5.638  1.00 21.55 ? 309 HOH A O   1 
HETATM 1395 O  O   . HOH G 3 .  ? 3.952   -11.628 -3.631  1.00 24.09 ? 310 HOH A O   1 
HETATM 1396 O  O   . HOH G 3 .  ? 9.777   -4.507  -7.544  1.00 26.00 ? 311 HOH A O   1 
HETATM 1397 O  O   . HOH G 3 .  ? -3.501  14.891  7.684   1.00 28.76 ? 312 HOH A O   1 
HETATM 1398 O  O   . HOH G 3 .  ? 18.575  -10.068 0.338   1.00 27.95 ? 313 HOH A O   1 
HETATM 1399 O  O   . HOH G 3 .  ? 11.133  -19.336 -2.966  1.00 33.26 ? 314 HOH A O   1 
HETATM 1400 O  O   . HOH G 3 .  ? 21.021  0.569   1.935   1.00 26.96 ? 315 HOH A O   1 
HETATM 1401 O  O   . HOH G 3 .  ? 16.075  -16.211 0.953   1.00 25.15 ? 316 HOH A O   1 
HETATM 1402 O  O   . HOH G 3 .  ? -15.123 -2.826  0.501   1.00 38.92 ? 317 HOH A O   1 
HETATM 1403 O  O   . HOH G 3 .  ? 12.730  -4.183  -5.033  1.00 23.26 ? 318 HOH A O   1 
HETATM 1404 O  O   . HOH G 3 .  ? 11.975  -11.332 -6.906  1.00 27.04 ? 319 HOH A O   1 
HETATM 1405 O  O   . HOH H 3 .  ? 4.069   8.966   -4.737  1.00 27.53 ? 305 HOH B O   1 
HETATM 1406 O  O   . HOH H 3 .  ? -24.451 2.046   0.896   1.00 28.01 ? 306 HOH B O   1 
HETATM 1407 O  O   . HOH H 3 .  ? -13.224 -2.441  -10.731 1.00 28.39 ? 307 HOH B O   1 
HETATM 1408 O  O   . HOH H 3 .  ? -9.693  8.708   8.428   1.00 32.14 ? 308 HOH B O   1 
HETATM 1409 O  O   . HOH H 3 .  ? -11.304 17.891  -13.543 1.00 38.86 ? 309 HOH B O   1 
HETATM 1410 O  O   . HOH H 3 .  ? -12.672 5.374   8.551   1.00 29.88 ? 310 HOH B O   1 
HETATM 1411 O  O   . HOH H 3 .  ? -20.555 6.978   -3.579  1.00 25.63 ? 311 HOH B O   1 
HETATM 1412 O  O   . HOH H 3 .  ? 1.248   21.329  1.476   1.00 23.04 ? 312 HOH B O   1 
HETATM 1413 O  O   . HOH H 3 .  ? -15.379 -1.064  -1.695  1.00 24.32 ? 313 HOH B O   1 
HETATM 1414 O  O   . HOH H 3 .  ? -1.204  -5.120  -3.489  1.00 24.94 ? 314 HOH B O   1 
HETATM 1415 O  O   . HOH H 3 .  ? -8.061  1.496   -10.357 1.00 27.21 ? 315 HOH B O   1 
HETATM 1416 O  O   . HOH H 3 .  ? -13.398 -3.822  -3.762  1.00 25.11 ? 316 HOH B O   1 
HETATM 1417 O  O   . HOH H 3 .  ? 20.401  4.387   -3.364  1.00 28.36 ? 317 HOH B O   1 
HETATM 1418 O  O   . HOH H 3 .  ? -5.979  9.940   6.579   1.00 28.04 ? 318 HOH B O   1 
HETATM 1419 O  O   . HOH H 3 .  ? -6.561  -3.519  -6.104  1.00 30.64 ? 319 HOH B O   1 
HETATM 1420 O  O   . HOH H 3 .  ? -16.311 -0.011  -8.770  1.00 31.12 ? 320 HOH B O   1 
HETATM 1421 O  O   . HOH H 3 .  ? -14.855 -2.480  -8.545  1.00 32.23 ? 321 HOH B O   1 
# 
loop_
_pdbx_poly_seq_scheme.asym_id 
_pdbx_poly_seq_scheme.entity_id 
_pdbx_poly_seq_scheme.seq_id 
_pdbx_poly_seq_scheme.mon_id 
_pdbx_poly_seq_scheme.ndb_seq_num 
_pdbx_poly_seq_scheme.pdb_seq_num 
_pdbx_poly_seq_scheme.auth_seq_num 
_pdbx_poly_seq_scheme.pdb_mon_id 
_pdbx_poly_seq_scheme.auth_mon_id 
_pdbx_poly_seq_scheme.pdb_strand_id 
_pdbx_poly_seq_scheme.pdb_ins_code 
_pdbx_poly_seq_scheme.hetero 
A 1 1  MET 1  1  ?  ?   ?   A . n 
A 1 2  ALA 2  2  ?  ?   ?   A . n 
A 1 3  ALA 3  3  ?  ?   ?   A . n 
A 1 4  GLU 4  4  ?  ?   ?   A . n 
A 1 5  PRO 5  5  5  PRO PRO A . n 
A 1 6  LEU 6  6  6  LEU LEU A . n 
A 1 7  THR 7  7  7  THR THR A . n 
A 1 8  GLU 8  8  8  GLU GLU A . n 
A 1 9  LEU 9  9  9  LEU LEU A . n 
A 1 10 GLU 10 10 10 GLU GLU A . n 
A 1 11 GLU 11 11 11 GLU GLU A . n 
A 1 12 SER 12 12 12 SER SER A . n 
A 1 13 ILE 13 13 13 ILE ILE A . n 
A 1 14 GLU 14 14 14 GLU GLU A . n 
A 1 15 THR 15 15 15 THR THR A . n 
A 1 16 VAL 16 16 16 VAL VAL A . n 
A 1 17 VAL 17 17 17 VAL VAL A . n 
A 1 18 THR 18 18 18 THR THR A . n 
A 1 19 THR 19 19 19 THR THR A . n 
A 1 20 PHE 20 20 20 PHE PHE A . n 
A 1 21 PHE 21 21 21 PHE PHE A . n 
A 1 22 THR 22 22 22 THR THR A . n 
A 1 23 PHE 23 23 23 PHE PHE A . n 
A 1 24 ALA 24 24 24 ALA ALA A . n 
A 1 25 ARG 25 25 25 ARG ARG A . n 
A 1 26 GLN 26 26 26 GLN GLN A . n 
A 1 27 GLU 27 27 27 GLU GLU A . n 
A 1 28 GLY 28 28 28 GLY GLY A . n 
A 1 29 ARG 29 29 29 ARG ARG A . n 
A 1 30 LYS 30 30 30 LYS LYS A . n 
A 1 31 ASP 31 31 31 ASP ASP A . n 
A 1 32 SER 32 32 32 SER SER A . n 
A 1 33 LEU 33 33 33 LEU LEU A . n 
A 1 34 SER 34 34 34 SER SER A . n 
A 1 35 VAL 35 35 35 VAL VAL A . n 
A 1 36 ASN 36 36 36 ASN ASN A . n 
A 1 37 GLU 37 37 37 GLU GLU A . n 
A 1 38 PHE 38 38 38 PHE PHE A . n 
A 1 39 LYS 39 39 39 LYS LYS A . n 
A 1 40 GLU 40 40 40 GLU GLU A . n 
A 1 41 LEU 41 41 41 LEU LEU A . n 
A 1 42 VAL 42 42 42 VAL VAL A . n 
A 1 43 THR 43 43 43 THR THR A . n 
A 1 44 GLN 44 44 44 GLN GLN A . n 
A 1 45 GLN 45 45 45 GLN GLN A . n 
A 1 46 LEU 46 46 46 LEU LEU A . n 
A 1 47 PRO 47 47 47 PRO PRO A . n 
A 1 48 HIS 48 48 48 HIS HIS A . n 
A 1 49 LEU 49 49 49 LEU LEU A . n 
A 1 50 LEU 50 50 50 LEU LEU A . n 
A 1 51 LYS 51 51 51 LYS LYS A . n 
A 1 52 ASP 52 52 52 ASP ASP A . n 
A 1 53 VAL 53 53 53 VAL VAL A . n 
A 1 54 GLY 54 54 54 GLY GLY A . n 
A 1 55 SER 55 55 55 SER SER A . n 
A 1 56 LEU 56 56 56 LEU LEU A . n 
A 1 57 ASP 57 57 57 ASP ASP A . n 
A 1 58 GLU 58 58 58 GLU GLU A . n 
A 1 59 LYS 59 59 59 LYS LYS A . n 
A 1 60 MET 60 60 60 MET MET A . n 
A 1 61 LYS 61 61 61 LYS LYS A . n 
A 1 62 SER 62 62 62 SER SER A . n 
A 1 63 LEU 63 63 63 LEU LEU A . n 
A 1 64 ASP 64 64 64 ASP ASP A . n 
A 1 65 VAL 65 65 65 VAL VAL A . n 
A 1 66 ASN 66 66 66 ASN ASN A . n 
A 1 67 GLN 67 67 67 GLN GLN A . n 
A 1 68 ASP 68 68 68 ASP ASP A . n 
A 1 69 SER 69 69 69 SER SER A . n 
A 1 70 GLU 70 70 70 GLU GLU A . n 
A 1 71 LEU 71 71 71 LEU LEU A . n 
A 1 72 LYS 72 72 72 LYS LYS A . n 
A 1 73 PHE 73 73 73 PHE PHE A . n 
A 1 74 ASN 74 74 74 ASN ASN A . n 
A 1 75 GLU 75 75 75 GLU GLU A . n 
A 1 76 TYR 76 76 76 TYR TYR A . n 
A 1 77 TRP 77 77 77 TRP TRP A . n 
A 1 78 ARG 78 78 78 ARG ARG A . n 
A 1 79 LEU 79 79 79 LEU LEU A . n 
A 1 80 ILE 80 80 80 ILE ILE A . n 
A 1 81 GLY 81 81 81 GLY GLY A . n 
A 1 82 GLU 82 82 82 GLU GLU A . n 
A 1 83 LEU 83 83 83 LEU LEU A . n 
A 1 84 ALA 84 84 84 ALA ALA A . n 
A 1 85 LYS 85 85 85 LYS LYS A . n 
A 1 86 GLU 86 86 86 GLU GLU A . n 
A 1 87 ILE 87 87 87 ILE ILE A . n 
A 1 88 ARG 88 88 88 ARG ARG A . n 
A 1 89 LYS 89 89 89 LYS LYS A . n 
A 1 90 LYS 90 90 90 LYS LYS A . n 
A 1 91 LYS 91 91 ?  ?   ?   A . n 
A 1 92 ASP 92 92 ?  ?   ?   A . n 
A 1 93 LEU 93 93 ?  ?   ?   A . n 
A 1 94 LYS 94 94 ?  ?   ?   A . n 
A 1 95 ILE 95 95 ?  ?   ?   A . n 
A 1 96 ARG 96 96 ?  ?   ?   A . n 
A 1 97 LYS 97 97 ?  ?   ?   A . n 
A 1 98 LYS 98 98 ?  ?   ?   A . n 
B 1 1  MET 1  1  ?  ?   ?   B . n 
B 1 2  ALA 2  2  ?  ?   ?   B . n 
B 1 3  ALA 3  3  ?  ?   ?   B . n 
B 1 4  GLU 4  4  ?  ?   ?   B . n 
B 1 5  PRO 5  5  ?  ?   ?   B . n 
B 1 6  LEU 6  6  6  LEU LEU B . n 
B 1 7  THR 7  7  7  THR THR B . n 
B 1 8  GLU 8  8  8  GLU GLU B . n 
B 1 9  LEU 9  9  9  LEU LEU B . n 
B 1 10 GLU 10 10 10 GLU GLU B . n 
B 1 11 GLU 11 11 11 GLU GLU B . n 
B 1 12 SER 12 12 12 SER SER B . n 
B 1 13 ILE 13 13 13 ILE ILE B . n 
B 1 14 GLU 14 14 14 GLU GLU B . n 
B 1 15 THR 15 15 15 THR THR B . n 
B 1 16 VAL 16 16 16 VAL VAL B . n 
B 1 17 VAL 17 17 17 VAL VAL B . n 
B 1 18 THR 18 18 18 THR THR B . n 
B 1 19 THR 19 19 19 THR THR B . n 
B 1 20 PHE 20 20 20 PHE PHE B . n 
B 1 21 PHE 21 21 21 PHE PHE B . n 
B 1 22 THR 22 22 22 THR THR B . n 
B 1 23 PHE 23 23 23 PHE PHE B . n 
B 1 24 ALA 24 24 24 ALA ALA B . n 
B 1 25 ARG 25 25 25 ARG ARG B . n 
B 1 26 GLN 26 26 26 GLN GLN B . n 
B 1 27 GLU 27 27 27 GLU GLU B . n 
B 1 28 GLY 28 28 28 GLY GLY B . n 
B 1 29 ARG 29 29 29 ARG ARG B . n 
B 1 30 LYS 30 30 30 LYS LYS B . n 
B 1 31 ASP 31 31 31 ASP ASP B . n 
B 1 32 SER 32 32 32 SER SER B . n 
B 1 33 LEU 33 33 33 LEU LEU B . n 
B 1 34 SER 34 34 34 SER SER B . n 
B 1 35 VAL 35 35 35 VAL VAL B . n 
B 1 36 ASN 36 36 36 ASN ASN B . n 
B 1 37 GLU 37 37 37 GLU GLU B . n 
B 1 38 PHE 38 38 38 PHE PHE B . n 
B 1 39 LYS 39 39 39 LYS LYS B . n 
B 1 40 GLU 40 40 40 GLU GLU B . n 
B 1 41 LEU 41 41 41 LEU LEU B . n 
B 1 42 VAL 42 42 42 VAL VAL B . n 
B 1 43 THR 43 43 43 THR THR B . n 
B 1 44 GLN 44 44 44 GLN GLN B . n 
B 1 45 GLN 45 45 45 GLN GLN B . n 
B 1 46 LEU 46 46 46 LEU LEU B . n 
B 1 47 PRO 47 47 47 PRO PRO B . n 
B 1 48 HIS 48 48 48 HIS HIS B . n 
B 1 49 LEU 49 49 49 LEU LEU B . n 
B 1 50 LEU 50 50 50 LEU LEU B . n 
B 1 51 LYS 51 51 51 LYS LYS B . n 
B 1 52 ASP 52 52 52 ASP ASP B . n 
B 1 53 VAL 53 53 53 VAL VAL B . n 
B 1 54 GLY 54 54 54 GLY GLY B . n 
B 1 55 SER 55 55 55 SER SER B . n 
B 1 56 LEU 56 56 56 LEU LEU B . n 
B 1 57 ASP 57 57 57 ASP ASP B . n 
B 1 58 GLU 58 58 58 GLU GLU B . n 
B 1 59 LYS 59 59 59 LYS LYS B . n 
B 1 60 MET 60 60 60 MET MET B . n 
B 1 61 LYS 61 61 61 LYS LYS B . n 
B 1 62 SER 62 62 62 SER SER B . n 
B 1 63 LEU 63 63 63 LEU LEU B . n 
B 1 64 ASP 64 64 64 ASP ASP B . n 
B 1 65 VAL 65 65 65 VAL VAL B . n 
B 1 66 ASN 66 66 66 ASN ASN B . n 
B 1 67 GLN 67 67 67 GLN GLN B . n 
B 1 68 ASP 68 68 68 ASP ASP B . n 
B 1 69 SER 69 69 69 SER SER B . n 
B 1 70 GLU 70 70 70 GLU GLU B . n 
B 1 71 LEU 71 71 71 LEU LEU B . n 
B 1 72 LYS 72 72 72 LYS LYS B . n 
B 1 73 PHE 73 73 73 PHE PHE B . n 
B 1 74 ASN 74 74 74 ASN ASN B . n 
B 1 75 GLU 75 75 75 GLU GLU B . n 
B 1 76 TYR 76 76 76 TYR TYR B . n 
B 1 77 TRP 77 77 77 TRP TRP B . n 
B 1 78 ARG 78 78 78 ARG ARG B . n 
B 1 79 LEU 79 79 79 LEU LEU B . n 
B 1 80 ILE 80 80 80 ILE ILE B . n 
B 1 81 GLY 81 81 81 GLY GLY B . n 
B 1 82 GLU 82 82 82 GLU GLU B . n 
B 1 83 LEU 83 83 83 LEU LEU B . n 
B 1 84 ALA 84 84 84 ALA ALA B . n 
B 1 85 LYS 85 85 85 LYS LYS B . n 
B 1 86 GLU 86 86 86 GLU GLU B . n 
B 1 87 ILE 87 87 87 ILE ILE B . n 
B 1 88 ARG 88 88 88 ARG ARG B . n 
B 1 89 LYS 89 89 89 LYS LYS B . n 
B 1 90 LYS 90 90 90 LYS LYS B . n 
B 1 91 LYS 91 91 91 LYS LYS B . n 
B 1 92 ASP 92 92 92 ASP ASP B . n 
B 1 93 LEU 93 93 93 LEU LEU B . n 
B 1 94 LYS 94 94 94 LYS LYS B . n 
B 1 95 ILE 95 95 95 ILE ILE B . n 
B 1 96 ARG 96 96 96 ARG ARG B . n 
B 1 97 LYS 97 97 ?  ?   ?   B . n 
B 1 98 LYS 98 98 ?  ?   ?   B . n 
# 
loop_
_pdbx_nonpoly_scheme.asym_id 
_pdbx_nonpoly_scheme.entity_id 
_pdbx_nonpoly_scheme.mon_id 
_pdbx_nonpoly_scheme.ndb_seq_num 
_pdbx_nonpoly_scheme.pdb_seq_num 
_pdbx_nonpoly_scheme.auth_seq_num 
_pdbx_nonpoly_scheme.pdb_mon_id 
_pdbx_nonpoly_scheme.auth_mon_id 
_pdbx_nonpoly_scheme.pdb_strand_id 
_pdbx_nonpoly_scheme.pdb_ins_code 
C 2 CA  1  301 301 CA  CA  A . 
D 2 CA  1  302 302 CA  CA  A . 
E 2 CA  1  303 303 CA  CA  B . 
F 2 CA  1  304 304 CA  CA  B . 
G 3 HOH 1  303 3   HOH HOH A . 
G 3 HOH 2  304 5   HOH HOH A . 
G 3 HOH 3  305 11  HOH HOH A . 
G 3 HOH 4  306 16  HOH HOH A . 
G 3 HOH 5  307 18  HOH HOH A . 
G 3 HOH 6  308 48  HOH HOH A . 
G 3 HOH 7  309 65  HOH HOH A . 
G 3 HOH 8  310 66  HOH HOH A . 
G 3 HOH 9  311 67  HOH HOH A . 
G 3 HOH 10 312 68  HOH HOH A . 
G 3 HOH 11 313 70  HOH HOH A . 
G 3 HOH 12 314 72  HOH HOH A . 
G 3 HOH 13 315 73  HOH HOH A . 
G 3 HOH 14 316 74  HOH HOH A . 
G 3 HOH 15 317 77  HOH HOH A . 
G 3 HOH 16 318 78  HOH HOH A . 
G 3 HOH 17 319 79  HOH HOH A . 
H 3 HOH 1  305 2   HOH HOH B . 
H 3 HOH 2  306 8   HOH HOH B . 
H 3 HOH 3  307 19  HOH HOH B . 
H 3 HOH 4  308 25  HOH HOH B . 
H 3 HOH 5  309 28  HOH HOH B . 
H 3 HOH 6  310 29  HOH HOH B . 
H 3 HOH 7  311 35  HOH HOH B . 
H 3 HOH 8  312 37  HOH HOH B . 
H 3 HOH 9  313 38  HOH HOH B . 
H 3 HOH 10 314 39  HOH HOH B . 
H 3 HOH 11 315 40  HOH HOH B . 
H 3 HOH 12 316 41  HOH HOH B . 
H 3 HOH 13 317 45  HOH HOH B . 
H 3 HOH 14 318 49  HOH HOH B . 
H 3 HOH 15 319 50  HOH HOH B . 
H 3 HOH 16 320 57  HOH HOH B . 
H 3 HOH 17 321 59  HOH HOH B . 
# 
_pdbx_struct_assembly.id                   1 
_pdbx_struct_assembly.details              author_and_software_defined_assembly 
_pdbx_struct_assembly.method_details       PISA,PQS 
_pdbx_struct_assembly.oligomeric_details   dimeric 
_pdbx_struct_assembly.oligomeric_count     2 
# 
_pdbx_struct_assembly_gen.assembly_id       1 
_pdbx_struct_assembly_gen.oper_expression   1 
_pdbx_struct_assembly_gen.asym_id_list      A,B,C,D,E,F,G,H 
# 
loop_
_pdbx_struct_assembly_prop.biol_id 
_pdbx_struct_assembly_prop.type 
_pdbx_struct_assembly_prop.value 
_pdbx_struct_assembly_prop.details 
1 'ABSA (A^2)' 3150 ? 
1 MORE         -80  ? 
1 'SSA (A^2)'  9310 ? 
# 
_pdbx_struct_oper_list.id                   1 
_pdbx_struct_oper_list.type                 'identity operation' 
_pdbx_struct_oper_list.name                 1_555 
_pdbx_struct_oper_list.symmetry_operation   x,y,z 
_pdbx_struct_oper_list.matrix[1][1]         1.0000000000 
_pdbx_struct_oper_list.matrix[1][2]         0.0000000000 
_pdbx_struct_oper_list.matrix[1][3]         0.0000000000 
_pdbx_struct_oper_list.vector[1]            0.0000000000 
_pdbx_struct_oper_list.matrix[2][1]         0.0000000000 
_pdbx_struct_oper_list.matrix[2][2]         1.0000000000 
_pdbx_struct_oper_list.matrix[2][3]         0.0000000000 
_pdbx_struct_oper_list.vector[2]            0.0000000000 
_pdbx_struct_oper_list.matrix[3][1]         0.0000000000 
_pdbx_struct_oper_list.matrix[3][2]         0.0000000000 
_pdbx_struct_oper_list.matrix[3][3]         1.0000000000 
_pdbx_struct_oper_list.vector[3]            0.0000000000 
# 
loop_
_pdbx_struct_conn_angle.id 
_pdbx_struct_conn_angle.ptnr1_label_atom_id 
_pdbx_struct_conn_angle.ptnr1_label_alt_id 
_pdbx_struct_conn_angle.ptnr1_label_asym_id 
_pdbx_struct_conn_angle.ptnr1_label_comp_id 
_pdbx_struct_conn_angle.ptnr1_label_seq_id 
_pdbx_struct_conn_angle.ptnr1_auth_atom_id 
_pdbx_struct_conn_angle.ptnr1_auth_asym_id 
_pdbx_struct_conn_angle.ptnr1_auth_comp_id 
_pdbx_struct_conn_angle.ptnr1_auth_seq_id 
_pdbx_struct_conn_angle.ptnr1_PDB_ins_code 
_pdbx_struct_conn_angle.ptnr1_symmetry 
_pdbx_struct_conn_angle.ptnr2_label_atom_id 
_pdbx_struct_conn_angle.ptnr2_label_alt_id 
_pdbx_struct_conn_angle.ptnr2_label_asym_id 
_pdbx_struct_conn_angle.ptnr2_label_comp_id 
_pdbx_struct_conn_angle.ptnr2_label_seq_id 
_pdbx_struct_conn_angle.ptnr2_auth_atom_id 
_pdbx_struct_conn_angle.ptnr2_auth_asym_id 
_pdbx_struct_conn_angle.ptnr2_auth_comp_id 
_pdbx_struct_conn_angle.ptnr2_auth_seq_id 
_pdbx_struct_conn_angle.ptnr2_PDB_ins_code 
_pdbx_struct_conn_angle.ptnr2_symmetry 
_pdbx_struct_conn_angle.ptnr3_label_atom_id 
_pdbx_struct_conn_angle.ptnr3_label_alt_id 
_pdbx_struct_conn_angle.ptnr3_label_asym_id 
_pdbx_struct_conn_angle.ptnr3_label_comp_id 
_pdbx_struct_conn_angle.ptnr3_label_seq_id 
_pdbx_struct_conn_angle.ptnr3_auth_atom_id 
_pdbx_struct_conn_angle.ptnr3_auth_asym_id 
_pdbx_struct_conn_angle.ptnr3_auth_comp_id 
_pdbx_struct_conn_angle.ptnr3_auth_seq_id 
_pdbx_struct_conn_angle.ptnr3_PDB_ins_code 
_pdbx_struct_conn_angle.ptnr3_symmetry 
_pdbx_struct_conn_angle.value 
_pdbx_struct_conn_angle.value_esd 
1  O   ? A ALA 24 ? A ALA 24 ? 1_555 CA ? C CA . ? A CA 301 ? 1_555 O   ? A GLU 27 ? A GLU 27  ? 1_555 104.3 ? 
2  O   ? A ALA 24 ? A ALA 24 ? 1_555 CA ? C CA . ? A CA 301 ? 1_555 O   ? A ARG 29 ? A ARG 29  ? 1_555 79.7  ? 
3  O   ? A GLU 27 ? A GLU 27 ? 1_555 CA ? C CA . ? A CA 301 ? 1_555 O   ? A ARG 29 ? A ARG 29  ? 1_555 92.8  ? 
4  O   ? A ALA 24 ? A ALA 24 ? 1_555 CA ? C CA . ? A CA 301 ? 1_555 O   ? A SER 32 ? A SER 32  ? 1_555 92.6  ? 
5  O   ? A GLU 27 ? A GLU 27 ? 1_555 CA ? C CA . ? A CA 301 ? 1_555 O   ? A SER 32 ? A SER 32  ? 1_555 161.8 ? 
6  O   ? A ARG 29 ? A ARG 29 ? 1_555 CA ? C CA . ? A CA 301 ? 1_555 O   ? A SER 32 ? A SER 32  ? 1_555 83.4  ? 
7  O   ? A ALA 24 ? A ALA 24 ? 1_555 CA ? C CA . ? A CA 301 ? 1_555 OE1 ? A GLU 37 ? A GLU 37  ? 1_555 102.3 ? 
8  O   ? A GLU 27 ? A GLU 27 ? 1_555 CA ? C CA . ? A CA 301 ? 1_555 OE1 ? A GLU 37 ? A GLU 37  ? 1_555 103.5 ? 
9  O   ? A ARG 29 ? A ARG 29 ? 1_555 CA ? C CA . ? A CA 301 ? 1_555 OE1 ? A GLU 37 ? A GLU 37  ? 1_555 162.4 ? 
10 O   ? A SER 32 ? A SER 32 ? 1_555 CA ? C CA . ? A CA 301 ? 1_555 OE1 ? A GLU 37 ? A GLU 37  ? 1_555 79.1  ? 
11 O   ? A ALA 24 ? A ALA 24 ? 1_555 CA ? C CA . ? A CA 301 ? 1_555 OE2 ? A GLU 37 ? A GLU 37  ? 1_555 71.7  ? 
12 O   ? A GLU 27 ? A GLU 27 ? 1_555 CA ? C CA . ? A CA 301 ? 1_555 OE2 ? A GLU 37 ? A GLU 37  ? 1_555 72.7  ? 
13 O   ? A ARG 29 ? A ARG 29 ? 1_555 CA ? C CA . ? A CA 301 ? 1_555 OE2 ? A GLU 37 ? A GLU 37  ? 1_555 143.0 ? 
14 O   ? A SER 32 ? A SER 32 ? 1_555 CA ? C CA . ? A CA 301 ? 1_555 OE2 ? A GLU 37 ? A GLU 37  ? 1_555 120.1 ? 
15 OE1 ? A GLU 37 ? A GLU 37 ? 1_555 CA ? C CA . ? A CA 301 ? 1_555 OE2 ? A GLU 37 ? A GLU 37  ? 1_555 51.1  ? 
16 O   ? A ALA 24 ? A ALA 24 ? 1_555 CA ? C CA . ? A CA 301 ? 1_555 O   ? G HOH .  ? A HOH 313 ? 1_555 170.0 ? 
17 O   ? A GLU 27 ? A GLU 27 ? 1_555 CA ? C CA . ? A CA 301 ? 1_555 O   ? G HOH .  ? A HOH 313 ? 1_555 79.3  ? 
18 O   ? A ARG 29 ? A ARG 29 ? 1_555 CA ? C CA . ? A CA 301 ? 1_555 O   ? G HOH .  ? A HOH 313 ? 1_555 90.9  ? 
19 O   ? A SER 32 ? A SER 32 ? 1_555 CA ? C CA . ? A CA 301 ? 1_555 O   ? G HOH .  ? A HOH 313 ? 1_555 82.9  ? 
20 OE1 ? A GLU 37 ? A GLU 37 ? 1_555 CA ? C CA . ? A CA 301 ? 1_555 O   ? G HOH .  ? A HOH 313 ? 1_555 85.7  ? 
21 OE2 ? A GLU 37 ? A GLU 37 ? 1_555 CA ? C CA . ? A CA 301 ? 1_555 O   ? G HOH .  ? A HOH 313 ? 1_555 118.2 ? 
22 OD1 ? A ASP 64 ? A ASP 64 ? 1_555 CA ? D CA . ? A CA 302 ? 1_555 OD1 ? A ASN 66 ? A ASN 66  ? 1_555 85.4  ? 
23 OD1 ? A ASP 64 ? A ASP 64 ? 1_555 CA ? D CA . ? A CA 302 ? 1_555 OD1 ? A ASP 68 ? A ASP 68  ? 1_555 80.7  ? 
24 OD1 ? A ASN 66 ? A ASN 66 ? 1_555 CA ? D CA . ? A CA 302 ? 1_555 OD1 ? A ASP 68 ? A ASP 68  ? 1_555 80.0  ? 
25 OD1 ? A ASP 64 ? A ASP 64 ? 1_555 CA ? D CA . ? A CA 302 ? 1_555 O   ? A GLU 70 ? A GLU 70  ? 1_555 90.3  ? 
26 OD1 ? A ASN 66 ? A ASN 66 ? 1_555 CA ? D CA . ? A CA 302 ? 1_555 O   ? A GLU 70 ? A GLU 70  ? 1_555 162.4 ? 
27 OD1 ? A ASP 68 ? A ASP 68 ? 1_555 CA ? D CA . ? A CA 302 ? 1_555 O   ? A GLU 70 ? A GLU 70  ? 1_555 82.5  ? 
28 OD1 ? A ASP 64 ? A ASP 64 ? 1_555 CA ? D CA . ? A CA 302 ? 1_555 OE1 ? A GLU 75 ? A GLU 75  ? 1_555 121.9 ? 
29 OD1 ? A ASN 66 ? A ASN 66 ? 1_555 CA ? D CA . ? A CA 302 ? 1_555 OE1 ? A GLU 75 ? A GLU 75  ? 1_555 118.3 ? 
30 OD1 ? A ASP 68 ? A ASP 68 ? 1_555 CA ? D CA . ? A CA 302 ? 1_555 OE1 ? A GLU 75 ? A GLU 75  ? 1_555 150.0 ? 
31 O   ? A GLU 70 ? A GLU 70 ? 1_555 CA ? D CA . ? A CA 302 ? 1_555 OE1 ? A GLU 75 ? A GLU 75  ? 1_555 78.4  ? 
32 OD1 ? A ASP 64 ? A ASP 64 ? 1_555 CA ? D CA . ? A CA 302 ? 1_555 OE2 ? A GLU 75 ? A GLU 75  ? 1_555 90.5  ? 
33 OD1 ? A ASN 66 ? A ASN 66 ? 1_555 CA ? D CA . ? A CA 302 ? 1_555 OE2 ? A GLU 75 ? A GLU 75  ? 1_555 76.6  ? 
34 OD1 ? A ASP 68 ? A ASP 68 ? 1_555 CA ? D CA . ? A CA 302 ? 1_555 OE2 ? A GLU 75 ? A GLU 75  ? 1_555 155.6 ? 
35 O   ? A GLU 70 ? A GLU 70 ? 1_555 CA ? D CA . ? A CA 302 ? 1_555 OE2 ? A GLU 75 ? A GLU 75  ? 1_555 120.6 ? 
36 OE1 ? A GLU 75 ? A GLU 75 ? 1_555 CA ? D CA . ? A CA 302 ? 1_555 OE2 ? A GLU 75 ? A GLU 75  ? 1_555 52.1  ? 
37 OD1 ? A ASP 64 ? A ASP 64 ? 1_555 CA ? D CA . ? A CA 302 ? 1_555 O   ? G HOH .  ? A HOH 319 ? 1_555 160.8 ? 
38 OD1 ? A ASN 66 ? A ASN 66 ? 1_555 CA ? D CA . ? A CA 302 ? 1_555 O   ? G HOH .  ? A HOH 319 ? 1_555 80.4  ? 
39 OD1 ? A ASP 68 ? A ASP 68 ? 1_555 CA ? D CA . ? A CA 302 ? 1_555 O   ? G HOH .  ? A HOH 319 ? 1_555 84.1  ? 
40 O   ? A GLU 70 ? A GLU 70 ? 1_555 CA ? D CA . ? A CA 302 ? 1_555 O   ? G HOH .  ? A HOH 319 ? 1_555 99.4  ? 
41 OE1 ? A GLU 75 ? A GLU 75 ? 1_555 CA ? D CA . ? A CA 302 ? 1_555 O   ? G HOH .  ? A HOH 319 ? 1_555 76.6  ? 
42 OE2 ? A GLU 75 ? A GLU 75 ? 1_555 CA ? D CA . ? A CA 302 ? 1_555 O   ? G HOH .  ? A HOH 319 ? 1_555 98.6  ? 
43 O   ? B ALA 24 ? B ALA 24 ? 1_555 CA ? E CA . ? B CA 303 ? 1_555 O   ? B GLU 27 ? B GLU 27  ? 1_555 102.9 ? 
44 O   ? B ALA 24 ? B ALA 24 ? 1_555 CA ? E CA . ? B CA 303 ? 1_555 O   ? B ARG 29 ? B ARG 29  ? 1_555 84.9  ? 
45 O   ? B GLU 27 ? B GLU 27 ? 1_555 CA ? E CA . ? B CA 303 ? 1_555 O   ? B ARG 29 ? B ARG 29  ? 1_555 88.9  ? 
46 O   ? B ALA 24 ? B ALA 24 ? 1_555 CA ? E CA . ? B CA 303 ? 1_555 O   ? B SER 32 ? B SER 32  ? 1_555 91.6  ? 
47 O   ? B GLU 27 ? B GLU 27 ? 1_555 CA ? E CA . ? B CA 303 ? 1_555 O   ? B SER 32 ? B SER 32  ? 1_555 162.6 ? 
48 O   ? B ARG 29 ? B ARG 29 ? 1_555 CA ? E CA . ? B CA 303 ? 1_555 O   ? B SER 32 ? B SER 32  ? 1_555 82.7  ? 
49 O   ? B ALA 24 ? B ALA 24 ? 1_555 CA ? E CA . ? B CA 303 ? 1_555 OE1 ? B GLU 37 ? B GLU 37  ? 1_555 96.3  ? 
50 O   ? B GLU 27 ? B GLU 27 ? 1_555 CA ? E CA . ? B CA 303 ? 1_555 OE1 ? B GLU 37 ? B GLU 37  ? 1_555 110.9 ? 
51 O   ? B ARG 29 ? B ARG 29 ? 1_555 CA ? E CA . ? B CA 303 ? 1_555 OE1 ? B GLU 37 ? B GLU 37  ? 1_555 159.2 ? 
52 O   ? B SER 32 ? B SER 32 ? 1_555 CA ? E CA . ? B CA 303 ? 1_555 OE1 ? B GLU 37 ? B GLU 37  ? 1_555 76.5  ? 
53 O   ? B ALA 24 ? B ALA 24 ? 1_555 CA ? E CA . ? B CA 303 ? 1_555 OE2 ? B GLU 37 ? B GLU 37  ? 1_555 71.6  ? 
54 O   ? B GLU 27 ? B GLU 27 ? 1_555 CA ? E CA . ? B CA 303 ? 1_555 OE2 ? B GLU 37 ? B GLU 37  ? 1_555 74.3  ? 
55 O   ? B ARG 29 ? B ARG 29 ? 1_555 CA ? E CA . ? B CA 303 ? 1_555 OE2 ? B GLU 37 ? B GLU 37  ? 1_555 146.7 ? 
56 O   ? B SER 32 ? B SER 32 ? 1_555 CA ? E CA . ? B CA 303 ? 1_555 OE2 ? B GLU 37 ? B GLU 37  ? 1_555 120.2 ? 
57 OE1 ? B GLU 37 ? B GLU 37 ? 1_555 CA ? E CA . ? B CA 303 ? 1_555 OE2 ? B GLU 37 ? B GLU 37  ? 1_555 50.5  ? 
58 O   ? B ALA 24 ? B ALA 24 ? 1_555 CA ? E CA . ? B CA 303 ? 1_555 O   ? H HOH .  ? B HOH 311 ? 1_555 169.1 ? 
59 O   ? B GLU 27 ? B GLU 27 ? 1_555 CA ? E CA . ? B CA 303 ? 1_555 O   ? H HOH .  ? B HOH 311 ? 1_555 84.7  ? 
60 O   ? B ARG 29 ? B ARG 29 ? 1_555 CA ? E CA . ? B CA 303 ? 1_555 O   ? H HOH .  ? B HOH 311 ? 1_555 87.4  ? 
61 O   ? B SER 32 ? B SER 32 ? 1_555 CA ? E CA . ? B CA 303 ? 1_555 O   ? H HOH .  ? B HOH 311 ? 1_555 79.8  ? 
62 OE1 ? B GLU 37 ? B GLU 37 ? 1_555 CA ? E CA . ? B CA 303 ? 1_555 O   ? H HOH .  ? B HOH 311 ? 1_555 88.2  ? 
63 OE2 ? B GLU 37 ? B GLU 37 ? 1_555 CA ? E CA . ? B CA 303 ? 1_555 O   ? H HOH .  ? B HOH 311 ? 1_555 118.5 ? 
64 OD1 ? B ASP 64 ? B ASP 64 ? 1_555 CA ? F CA . ? B CA 304 ? 1_555 OD1 ? B ASN 66 ? B ASN 66  ? 1_555 86.1  ? 
65 OD1 ? B ASP 64 ? B ASP 64 ? 1_555 CA ? F CA . ? B CA 304 ? 1_555 OD1 ? B ASP 68 ? B ASP 68  ? 1_555 85.5  ? 
66 OD1 ? B ASN 66 ? B ASN 66 ? 1_555 CA ? F CA . ? B CA 304 ? 1_555 OD1 ? B ASP 68 ? B ASP 68  ? 1_555 79.7  ? 
67 OD1 ? B ASP 64 ? B ASP 64 ? 1_555 CA ? F CA . ? B CA 304 ? 1_555 O   ? B GLU 70 ? B GLU 70  ? 1_555 89.3  ? 
68 OD1 ? B ASN 66 ? B ASN 66 ? 1_555 CA ? F CA . ? B CA 304 ? 1_555 O   ? B GLU 70 ? B GLU 70  ? 1_555 157.4 ? 
69 OD1 ? B ASP 68 ? B ASP 68 ? 1_555 CA ? F CA . ? B CA 304 ? 1_555 O   ? B GLU 70 ? B GLU 70  ? 1_555 77.9  ? 
70 OD1 ? B ASP 64 ? B ASP 64 ? 1_555 CA ? F CA . ? B CA 304 ? 1_555 OE1 ? B GLU 75 ? B GLU 75  ? 1_555 118.1 ? 
71 OD1 ? B ASN 66 ? B ASN 66 ? 1_555 CA ? F CA . ? B CA 304 ? 1_555 OE1 ? B GLU 75 ? B GLU 75  ? 1_555 123.3 ? 
72 OD1 ? B ASP 68 ? B ASP 68 ? 1_555 CA ? F CA . ? B CA 304 ? 1_555 OE1 ? B GLU 75 ? B GLU 75  ? 1_555 145.9 ? 
73 O   ? B GLU 70 ? B GLU 70 ? 1_555 CA ? F CA . ? B CA 304 ? 1_555 OE1 ? B GLU 75 ? B GLU 75  ? 1_555 78.1  ? 
74 OD1 ? B ASP 64 ? B ASP 64 ? 1_555 CA ? F CA . ? B CA 304 ? 1_555 OE2 ? B GLU 75 ? B GLU 75  ? 1_555 94.9  ? 
75 OD1 ? B ASN 66 ? B ASN 66 ? 1_555 CA ? F CA . ? B CA 304 ? 1_555 OE2 ? B GLU 75 ? B GLU 75  ? 1_555 77.6  ? 
76 OD1 ? B ASP 68 ? B ASP 68 ? 1_555 CA ? F CA . ? B CA 304 ? 1_555 OE2 ? B GLU 75 ? B GLU 75  ? 1_555 157.2 ? 
77 O   ? B GLU 70 ? B GLU 70 ? 1_555 CA ? F CA . ? B CA 304 ? 1_555 OE2 ? B GLU 75 ? B GLU 75  ? 1_555 124.8 ? 
78 OE1 ? B GLU 75 ? B GLU 75 ? 1_555 CA ? F CA . ? B CA 304 ? 1_555 OE2 ? B GLU 75 ? B GLU 75  ? 1_555 51.7  ? 
79 OD1 ? B ASP 64 ? B ASP 64 ? 1_555 CA ? F CA . ? B CA 304 ? 1_555 O   ? H HOH .  ? B HOH 320 ? 1_555 164.7 ? 
80 OD1 ? B ASN 66 ? B ASN 66 ? 1_555 CA ? F CA . ? B CA 304 ? 1_555 O   ? H HOH .  ? B HOH 320 ? 1_555 83.1  ? 
81 OD1 ? B ASP 68 ? B ASP 68 ? 1_555 CA ? F CA . ? B CA 304 ? 1_555 O   ? H HOH .  ? B HOH 320 ? 1_555 81.9  ? 
82 O   ? B GLU 70 ? B GLU 70 ? 1_555 CA ? F CA . ? B CA 304 ? 1_555 O   ? H HOH .  ? B HOH 320 ? 1_555 96.5  ? 
83 OE1 ? B GLU 75 ? B GLU 75 ? 1_555 CA ? F CA . ? B CA 304 ? 1_555 O   ? H HOH .  ? B HOH 320 ? 1_555 77.1  ? 
84 OE2 ? B GLU 75 ? B GLU 75 ? 1_555 CA ? F CA . ? B CA 304 ? 1_555 O   ? H HOH .  ? B HOH 320 ? 1_555 93.3  ? 
# 
loop_
_pdbx_audit_revision_history.ordinal 
_pdbx_audit_revision_history.data_content_type 
_pdbx_audit_revision_history.major_revision 
_pdbx_audit_revision_history.minor_revision 
_pdbx_audit_revision_history.revision_date 
1 'Structure model' 1 0 2008-03-11 
2 'Structure model' 1 1 2011-07-13 
3 'Structure model' 1 2 2023-10-25 
# 
_pdbx_audit_revision_details.ordinal             1 
_pdbx_audit_revision_details.revision_ordinal    1 
_pdbx_audit_revision_details.data_content_type   'Structure model' 
_pdbx_audit_revision_details.provider            repository 
_pdbx_audit_revision_details.type                'Initial release' 
_pdbx_audit_revision_details.description         ? 
_pdbx_audit_revision_details.details             ? 
# 
loop_
_pdbx_audit_revision_group.ordinal 
_pdbx_audit_revision_group.revision_ordinal 
_pdbx_audit_revision_group.data_content_type 
_pdbx_audit_revision_group.group 
1 2 'Structure model' Advisory                    
2 2 'Structure model' 'Derived calculations'      
3 2 'Structure model' 'Version format compliance' 
4 3 'Structure model' 'Data collection'           
5 3 'Structure model' 'Database references'       
6 3 'Structure model' 'Derived calculations'      
7 3 'Structure model' 'Refinement description'    
# 
loop_
_pdbx_audit_revision_category.ordinal 
_pdbx_audit_revision_category.revision_ordinal 
_pdbx_audit_revision_category.data_content_type 
_pdbx_audit_revision_category.category 
1 3 'Structure model' chem_comp_atom                
2 3 'Structure model' chem_comp_bond                
3 3 'Structure model' database_2                    
4 3 'Structure model' pdbx_initial_refinement_model 
5 3 'Structure model' struct_conn                   
6 3 'Structure model' struct_site                   
# 
loop_
_pdbx_audit_revision_item.ordinal 
_pdbx_audit_revision_item.revision_ordinal 
_pdbx_audit_revision_item.data_content_type 
_pdbx_audit_revision_item.item 
1  3 'Structure model' '_database_2.pdbx_DOI'                
2  3 'Structure model' '_database_2.pdbx_database_accession' 
3  3 'Structure model' '_struct_conn.pdbx_dist_value'        
4  3 'Structure model' '_struct_conn.ptnr1_auth_asym_id'     
5  3 'Structure model' '_struct_conn.ptnr1_auth_comp_id'     
6  3 'Structure model' '_struct_conn.ptnr1_auth_seq_id'      
7  3 'Structure model' '_struct_conn.ptnr1_label_asym_id'    
8  3 'Structure model' '_struct_conn.ptnr1_label_atom_id'    
9  3 'Structure model' '_struct_conn.ptnr1_label_comp_id'    
10 3 'Structure model' '_struct_conn.ptnr1_label_seq_id'     
11 3 'Structure model' '_struct_conn.ptnr2_auth_asym_id'     
12 3 'Structure model' '_struct_conn.ptnr2_auth_comp_id'     
13 3 'Structure model' '_struct_conn.ptnr2_auth_seq_id'      
14 3 'Structure model' '_struct_conn.ptnr2_label_asym_id'    
15 3 'Structure model' '_struct_conn.ptnr2_label_atom_id'    
16 3 'Structure model' '_struct_conn.ptnr2_label_comp_id'    
17 3 'Structure model' '_struct_site.pdbx_auth_asym_id'      
18 3 'Structure model' '_struct_site.pdbx_auth_comp_id'      
19 3 'Structure model' '_struct_site.pdbx_auth_seq_id'       
# 
loop_
_pdbx_refine_tls.id 
_pdbx_refine_tls.details 
_pdbx_refine_tls.method 
_pdbx_refine_tls.origin_x 
_pdbx_refine_tls.origin_y 
_pdbx_refine_tls.origin_z 
_pdbx_refine_tls.T[1][1] 
_pdbx_refine_tls.T[2][2] 
_pdbx_refine_tls.T[3][3] 
_pdbx_refine_tls.T[1][2] 
_pdbx_refine_tls.T[1][3] 
_pdbx_refine_tls.T[2][3] 
_pdbx_refine_tls.L[1][1] 
_pdbx_refine_tls.L[2][2] 
_pdbx_refine_tls.L[3][3] 
_pdbx_refine_tls.L[1][2] 
_pdbx_refine_tls.L[1][3] 
_pdbx_refine_tls.L[2][3] 
_pdbx_refine_tls.S[1][1] 
_pdbx_refine_tls.S[1][2] 
_pdbx_refine_tls.S[1][3] 
_pdbx_refine_tls.S[2][1] 
_pdbx_refine_tls.S[2][2] 
_pdbx_refine_tls.S[2][3] 
_pdbx_refine_tls.S[3][1] 
_pdbx_refine_tls.S[3][2] 
_pdbx_refine_tls.S[3][3] 
_pdbx_refine_tls.pdbx_refine_id 
1  ? refined 0.7031   12.8699  4.3811   0.0134  -0.0691 0.0007  -0.0040 -0.0810 -0.0651 16.7334 9.4160  19.1538 -0.3487  -0.7994  1.8791   -0.0484 -0.4710 1.1686  0.4204  -0.0588 -0.4672 -1.0008 0.4391  0.1072  'X-RAY DIFFRACTION' 
2  ? refined 4.0572   5.8212   4.6663   -0.0493 -0.0773 -0.1145 -0.0487 -0.0124 -0.0307 21.0029 19.1657 10.6299 -8.3454  -2.6022  -2.1465  0.0578  -0.3843 0.8687  0.5933  -0.1000 -0.4854 -0.7308 0.5392  0.0422  'X-RAY DIFFRACTION' 
3  ? refined 10.8284  -0.6276  2.3454   -0.0833 -0.0786 -0.0868 -0.0467 -0.0110 0.0034  17.9052 6.5753  1.7752  -10.8375 0.5547   -0.5019  -0.2153 0.0740  0.4507  0.0567  -0.0380 -0.3205 -0.0194 0.3186  0.2533  'X-RAY DIFFRACTION' 
4  ? refined 16.5812  -3.5424  6.0510   -0.0769 -0.0671 -0.0114 -0.0563 -0.0434 -0.0080 21.3667 8.2820  16.4677 -12.8249 -8.2866  2.1912   0.0595  -0.5157 0.4956  0.3057  -0.3325 -1.3620 -0.3095 0.4639  0.2730  'X-RAY DIFFRACTION' 
5  ? refined 19.0616  -7.0494  -0.5524  -0.0645 -0.0196 0.0408  0.0110  0.0877  0.0162  33.5389 24.2887 13.5286 -8.9141  19.4589  -4.2828  0.0874  0.6491  -0.5273 -0.6328 -0.0844 -1.2742 -0.1948 1.0478  -0.0029 'X-RAY DIFFRACTION' 
6  ? refined 13.7471  -12.2310 4.6171   -0.0813 -0.1067 -0.0182 0.0034  0.0057  -0.0015 5.2016  10.8436 13.2494 6.9298   -2.3163  -2.5116  0.0100  -0.1650 -0.6409 0.0357  -0.1890 -0.8200 0.6649  0.0136  0.1791  'X-RAY DIFFRACTION' 
7  ? refined 9.9770   -10.9686 10.4286  -0.0440 -0.0124 -0.0507 0.0253  -0.0245 0.0817  11.7314 3.4363  19.6564 0.1183   -7.7496  6.9886   -0.3567 -1.0587 -0.7207 0.7416  0.1403  -0.1868 0.3658  0.5404  0.2164  'X-RAY DIFFRACTION' 
8  ? refined 3.0949   -7.7746  12.6154  -0.0269 0.0318  -0.1002 0.0084  0.0077  0.0266  16.9972 9.6592  3.4536  4.4858   -0.5922  0.7884   0.1425  -0.8291 0.0535  0.5733  -0.1380 0.5525  0.2371  -0.3109 -0.0045 'X-RAY DIFFRACTION' 
9  ? refined 2.6291   -17.8763 9.5035   0.1208  0.0160  0.1389  0.0104  0.1141  0.0551  8.0041  15.7613 23.8139 -10.3430 -12.8769 13.9154  -0.8800 -0.5872 -1.0964 0.7622  -0.1338 0.7264  0.8100  -0.1324 1.0138  'X-RAY DIFFRACTION' 
10 ? refined 5.7369   -17.8146 1.0196   0.0121  -0.1228 0.0465  0.0290  0.0586  -0.0466 7.5655  15.1873 23.5166 -4.7648  2.7508   -8.0532  -0.0797 0.0254  -1.1312 -0.3424 -0.1207 0.4204  0.8828  -0.4454 0.2003  'X-RAY DIFFRACTION' 
11 ? refined 9.8763   -16.2004 -7.3485  0.0826  0.0218  -0.0810 0.0924  -0.0017 -0.0837 34.9730 11.7713 11.9899 -4.7164  -4.0811  5.0866   0.4031  2.0550  -1.0015 -0.8051 -0.3206 0.2544  -0.2425 -0.3685 -0.0824 'X-RAY DIFFRACTION' 
12 ? refined 11.7845  -9.4887  -3.2947  -0.0585 -0.0819 -0.1351 0.0310  0.0362  0.0012  5.3834  62.3334 7.4361  -11.3620 5.4836   -3.1490  0.5470  0.6184  0.4931  -0.5333 -0.5863 -1.3777 0.4276  0.5233  0.0392  'X-RAY DIFFRACTION' 
13 ? refined 5.1494   -5.7855  -2.6822  -0.0589 -0.1151 -0.1007 0.0245  0.0058  0.0026  4.7460  11.4891 3.5927  1.7822   3.6679   4.2413   0.2382  0.0478  -0.0453 -0.6603 -0.0573 0.2141  -0.1919 0.2060  -0.1809 'X-RAY DIFFRACTION' 
14 ? refined -0.6565  -7.9614  1.4716   -0.0560 -0.1259 -0.0456 0.0006  -0.0174 0.0071  34.6303 9.3698  16.7706 -12.3757 -17.5596 0.0368   -0.2593 -0.5531 -1.0116 -0.0662 0.3597  0.7880  0.9274  0.0214  -0.1004 'X-RAY DIFFRACTION' 
15 ? refined -9.7299  -5.7677  4.6123   -0.0278 0.0236  0.1855  0.0053  0.0230  0.1109  54.7478 27.1682 13.9333 7.4334   -13.9287 -4.3315  -0.3901 0.1985  -0.3496 0.5821  0.5478  1.7101  0.5892  -1.3971 -0.1577 'X-RAY DIFFRACTION' 
16 ? refined 1.2861   -0.6063  12.2245  0.0064  -0.0169 -0.0976 0.0458  0.0203  -0.0052 14.2171 11.8133 12.5771 -10.0785 4.2152   -4.6977  -0.5948 -1.0842 0.2310  1.0320  0.4231  0.1225  -0.5374 -0.0060 0.1718  'X-RAY DIFFRACTION' 
17 ? refined -5.2077  2.0173   6.5963   -0.0476 -0.0714 -0.1143 0.0339  0.0123  -0.0048 25.8290 3.5112  7.2323  -5.8767  8.1926   -5.0380  -0.1793 -0.4114 -0.2492 0.2474  0.5902  0.6734  -0.0258 -0.1772 -0.4109 'X-RAY DIFFRACTION' 
18 ? refined -12.8765 6.5484   3.0207   -0.0550 -0.0711 -0.0121 0.0117  0.0329  0.0084  8.8222  4.2797  3.5857  -4.8856  2.7399   0.5575   -0.0741 -0.1740 -0.2734 0.5142  0.1010  0.3958  -0.0826 -0.1372 -0.0270 'X-RAY DIFFRACTION' 
19 ? refined -20.8239 7.8324   0.7049   -0.0828 -0.0677 0.0337  0.0268  0.0393  0.0137  40.2743 9.7485  24.5859 -5.9629  -0.6978  -2.3552  0.0173  -0.2083 0.4146  0.0333  -0.4786 0.8029  -0.4043 -0.1965 0.4612  'X-RAY DIFFRACTION' 
20 ? refined -17.7500 6.1074   -2.9799  -0.0912 -0.1146 0.0562  0.0072  -0.0080 -0.0243 13.3168 12.9009 15.5336 7.4302   -6.2733  -5.7514  -0.2736 -0.0109 -0.4392 -0.2771 0.4504  0.8420  0.5089  -0.5195 -0.1768 'X-RAY DIFFRACTION' 
21 ? refined -13.2148 13.0869  -3.9420  -0.0432 -0.1448 -0.0467 0.0060  -0.0179 0.0145  12.7905 11.4804 9.4705  4.0817   -2.5221  -0.0515  -0.1755 0.2074  0.2825  -0.0101 0.3118  0.2682  -0.5311 -0.1950 -0.1364 'X-RAY DIFFRACTION' 
22 ? refined -5.7469  15.1252  -0.3845  0.0137  -0.1450 -0.0097 -0.0161 -0.0565 -0.0221 10.4707 11.0448 10.1975 -5.4796  4.3159   0.6772   -0.3292 0.0286  0.7114  0.1681  0.1738  -0.0322 -0.6119 0.2941  0.1554  'X-RAY DIFFRACTION' 
23 ? refined 0.1782   15.0347  -6.2357  0.1049  -0.0386 0.1474  -0.0356 0.0169  0.0487  21.1384 7.1728  20.1078 2.1625   7.6007   -5.7082  -0.1843 1.2540  1.2980  -0.5167 -0.3494 -0.2060 -0.3585 0.8719  0.5337  'X-RAY DIFFRACTION' 
24 ? refined -8.8680  13.6245  -13.5546 0.0578  0.0223  0.0034  0.0170  -0.0121 0.0618  19.7257 34.4605 14.3028 -13.9234 4.5308   2.2145   0.4286  1.3726  1.0185  -0.8700 -0.8166 -0.7972 -0.8840 0.7119  0.3881  'X-RAY DIFFRACTION' 
25 ? refined -13.4305 3.7670   -13.4043 0.0012  0.0239  -0.0175 0.0382  -0.1016 -0.1001 15.7367 16.0586 5.1536  0.5978   -1.6200  -1.8860  0.2136  1.0485  -0.4680 -0.7980 -0.3754 0.5402  0.0294  -0.0518 0.1618  'X-RAY DIFFRACTION' 
26 ? refined -14.8883 2.4854   -5.8960  -0.0937 -0.1324 0.0601  -0.0510 -0.0437 -0.0345 2.8145  11.9012 22.4318 -4.9390  1.6940   -4.3695  0.0368  -0.6645 -0.4284 -0.3301 0.0380  0.8349  0.0207  -1.0304 -0.0749 'X-RAY DIFFRACTION' 
27 ? refined -7.8365  0.4371   -4.3097  -0.0843 -0.1184 -0.0428 0.0008  -0.0176 -0.0172 8.5831  8.4153  6.3902  -1.4741  1.5660   1.0690   0.3557  -0.0824 -0.6459 -0.0191 -0.3276 0.2601  0.4883  -0.1760 -0.0281 'X-RAY DIFFRACTION' 
28 ? refined -0.0095  4.0384   -6.0551  -0.0627 -0.0965 -0.0955 0.0201  -0.0184 -0.0094 43.8852 3.4981  0.2240  2.5357   3.0671   -0.0031  0.2362  1.0669  0.3230  -0.5043 -0.2100 -0.1274 -0.1612 0.3404  -0.0262 'X-RAY DIFFRACTION' 
29 ? refined 9.6700   5.3774   -5.5919  -0.0097 0.0197  -0.1128 -0.0091 0.0415  0.0011  35.0738 20.3432 3.4478  1.5390   5.7649   -6.8671  -0.2486 1.4551  0.3525  -1.2130 -0.1523 -0.3440 0.1774  0.0676  0.4009  'X-RAY DIFFRACTION' 
30 ? refined 18.9637  5.7403   -7.2742  0.0384  0.1233  0.1000  -0.0529 -0.0220 -0.0306 24.6023 13.1019 19.6368 10.6173  -5.3354  -11.8251 -1.0277 1.6892  0.2665  -1.0755 0.4162  -0.3338 1.0855  0.9470  0.6116  'X-RAY DIFFRACTION' 
# 
loop_
_pdbx_refine_tls_group.id 
_pdbx_refine_tls_group.refine_tls_id 
_pdbx_refine_tls_group.beg_auth_asym_id 
_pdbx_refine_tls_group.beg_auth_seq_id 
_pdbx_refine_tls_group.beg_label_asym_id 
_pdbx_refine_tls_group.beg_label_seq_id 
_pdbx_refine_tls_group.end_auth_asym_id 
_pdbx_refine_tls_group.end_auth_seq_id 
_pdbx_refine_tls_group.end_label_asym_id 
_pdbx_refine_tls_group.end_label_seq_id 
_pdbx_refine_tls_group.selection 
_pdbx_refine_tls_group.pdbx_refine_id 
_pdbx_refine_tls_group.selection_details 
1  1  A 5  A 5  A 10 A 10 ? 'X-RAY DIFFRACTION' ? 
2  2  A 11 A 11 A 16 A 16 ? 'X-RAY DIFFRACTION' ? 
3  3  A 17 A 17 A 21 A 21 ? 'X-RAY DIFFRACTION' ? 
4  4  A 22 A 22 A 26 A 26 ? 'X-RAY DIFFRACTION' ? 
5  5  A 27 A 27 A 32 A 32 ? 'X-RAY DIFFRACTION' ? 
6  6  A 33 A 33 A 38 A 38 ? 'X-RAY DIFFRACTION' ? 
7  7  A 39 A 39 A 43 A 43 ? 'X-RAY DIFFRACTION' ? 
8  8  A 44 A 44 A 50 A 50 ? 'X-RAY DIFFRACTION' ? 
9  9  A 51 A 51 A 57 A 57 ? 'X-RAY DIFFRACTION' ? 
10 10 A 58 A 58 A 63 A 63 ? 'X-RAY DIFFRACTION' ? 
11 11 A 64 A 64 A 68 A 68 ? 'X-RAY DIFFRACTION' ? 
12 12 A 69 A 69 A 73 A 73 ? 'X-RAY DIFFRACTION' ? 
13 13 A 74 A 74 A 77 A 77 ? 'X-RAY DIFFRACTION' ? 
14 14 A 78 A 78 A 83 A 83 ? 'X-RAY DIFFRACTION' ? 
15 15 A 84 A 84 A 90 A 90 ? 'X-RAY DIFFRACTION' ? 
16 16 B 6  B 6  B 12 B 12 ? 'X-RAY DIFFRACTION' ? 
17 17 B 13 B 13 B 18 B 18 ? 'X-RAY DIFFRACTION' ? 
18 18 B 19 B 19 B 24 B 24 ? 'X-RAY DIFFRACTION' ? 
19 19 B 25 B 25 B 29 B 29 ? 'X-RAY DIFFRACTION' ? 
20 20 B 30 B 30 B 35 B 35 ? 'X-RAY DIFFRACTION' ? 
21 21 B 36 B 36 B 41 B 41 ? 'X-RAY DIFFRACTION' ? 
22 22 B 42 B 42 B 47 B 47 ? 'X-RAY DIFFRACTION' ? 
23 23 B 48 B 48 B 53 B 53 ? 'X-RAY DIFFRACTION' ? 
24 24 B 54 B 54 B 59 B 59 ? 'X-RAY DIFFRACTION' ? 
25 25 B 60 B 60 B 68 B 68 ? 'X-RAY DIFFRACTION' ? 
26 26 B 69 B 69 B 73 B 73 ? 'X-RAY DIFFRACTION' ? 
27 27 B 74 B 74 B 77 B 77 ? 'X-RAY DIFFRACTION' ? 
28 28 B 78 B 78 B 85 B 85 ? 'X-RAY DIFFRACTION' ? 
29 29 B 86 B 86 B 90 B 90 ? 'X-RAY DIFFRACTION' ? 
30 30 B 91 B 91 B 96 B 96 ? 'X-RAY DIFFRACTION' ? 
# 
loop_
_software.name 
_software.classification 
_software.version 
_software.citation_id 
_software.pdbx_ordinal 
REFMAC   refinement        5.2.0019                         ? 1 
BSS      'data collection' '(Beamline Scheduling Software)' ? 2 
HKL-2000 'data reduction'  .                                ? 3 
HKL-2000 'data scaling'    .                                ? 4 
MOLREP   phasing           .                                ? 5 
# 
loop_
_pdbx_unobs_or_zero_occ_atoms.id 
_pdbx_unobs_or_zero_occ_atoms.PDB_model_num 
_pdbx_unobs_or_zero_occ_atoms.polymer_flag 
_pdbx_unobs_or_zero_occ_atoms.occupancy_flag 
_pdbx_unobs_or_zero_occ_atoms.auth_asym_id 
_pdbx_unobs_or_zero_occ_atoms.auth_comp_id 
_pdbx_unobs_or_zero_occ_atoms.auth_seq_id 
_pdbx_unobs_or_zero_occ_atoms.PDB_ins_code 
_pdbx_unobs_or_zero_occ_atoms.auth_atom_id 
_pdbx_unobs_or_zero_occ_atoms.label_alt_id 
_pdbx_unobs_or_zero_occ_atoms.label_asym_id 
_pdbx_unobs_or_zero_occ_atoms.label_comp_id 
_pdbx_unobs_or_zero_occ_atoms.label_seq_id 
_pdbx_unobs_or_zero_occ_atoms.label_atom_id 
1  1 Y 1 A GLU 8  ? CG  ? A GLU 8  CG  
2  1 Y 1 A GLU 8  ? CD  ? A GLU 8  CD  
3  1 Y 1 A GLU 8  ? OE1 ? A GLU 8  OE1 
4  1 Y 1 A GLU 8  ? OE2 ? A GLU 8  OE2 
5  1 Y 1 A THR 18 ? OG1 ? A THR 18 OG1 
6  1 Y 1 A THR 18 ? CG2 ? A THR 18 CG2 
7  1 Y 1 A ARG 29 ? NE  ? A ARG 29 NE  
8  1 Y 1 A ARG 29 ? CZ  ? A ARG 29 CZ  
9  1 Y 1 A ARG 29 ? NH1 ? A ARG 29 NH1 
10 1 Y 1 A ARG 29 ? NH2 ? A ARG 29 NH2 
11 1 Y 1 A LYS 30 ? CD  ? A LYS 30 CD  
12 1 Y 1 A LYS 30 ? CE  ? A LYS 30 CE  
13 1 Y 1 A LYS 30 ? NZ  ? A LYS 30 NZ  
14 1 Y 1 A LYS 51 ? CD  ? A LYS 51 CD  
15 1 Y 1 A LYS 51 ? CE  ? A LYS 51 CE  
16 1 Y 1 A LYS 51 ? NZ  ? A LYS 51 NZ  
17 1 Y 1 A ASP 57 ? OD1 ? A ASP 57 OD1 
18 1 Y 1 A ASP 57 ? OD2 ? A ASP 57 OD2 
19 1 Y 1 A LYS 61 ? CE  ? A LYS 61 CE  
20 1 Y 1 A LYS 61 ? NZ  ? A LYS 61 NZ  
21 1 Y 1 A ARG 78 ? NE  ? A ARG 78 NE  
22 1 Y 1 A ARG 78 ? CZ  ? A ARG 78 CZ  
23 1 Y 1 A ARG 78 ? NH1 ? A ARG 78 NH1 
24 1 Y 1 A ARG 78 ? NH2 ? A ARG 78 NH2 
25 1 Y 1 A GLU 86 ? OE1 ? A GLU 86 OE1 
26 1 Y 1 A GLU 86 ? OE2 ? A GLU 86 OE2 
27 1 Y 1 A ARG 88 ? CZ  ? A ARG 88 CZ  
28 1 Y 1 A ARG 88 ? NH1 ? A ARG 88 NH1 
29 1 Y 1 A ARG 88 ? NH2 ? A ARG 88 NH2 
30 1 Y 1 A LYS 89 ? CD  ? A LYS 89 CD  
31 1 Y 1 A LYS 89 ? CE  ? A LYS 89 CE  
32 1 Y 1 A LYS 89 ? NZ  ? A LYS 89 NZ  
33 1 Y 1 A LYS 90 ? CG  ? A LYS 90 CG  
34 1 Y 1 A LYS 90 ? CD  ? A LYS 90 CD  
35 1 Y 1 A LYS 90 ? CE  ? A LYS 90 CE  
36 1 Y 1 A LYS 90 ? NZ  ? A LYS 90 NZ  
37 1 Y 1 B GLU 8  ? CG  ? B GLU 8  CG  
38 1 Y 1 B GLU 8  ? CD  ? B GLU 8  CD  
39 1 Y 1 B GLU 8  ? OE1 ? B GLU 8  OE1 
40 1 Y 1 B GLU 8  ? OE2 ? B GLU 8  OE2 
41 1 Y 1 B GLU 11 ? OE1 ? B GLU 11 OE1 
42 1 Y 1 B GLU 11 ? OE2 ? B GLU 11 OE2 
43 1 Y 1 B GLU 14 ? OE1 ? B GLU 14 OE1 
44 1 Y 1 B GLU 14 ? OE2 ? B GLU 14 OE2 
45 1 Y 1 B THR 18 ? OG1 ? B THR 18 OG1 
46 1 Y 1 B THR 18 ? CG2 ? B THR 18 CG2 
47 1 Y 1 B ARG 25 ? CZ  ? B ARG 25 CZ  
48 1 Y 1 B ARG 25 ? NH1 ? B ARG 25 NH1 
49 1 Y 1 B ARG 25 ? NH2 ? B ARG 25 NH2 
50 1 Y 1 B LYS 30 ? CE  ? B LYS 30 CE  
51 1 Y 1 B LYS 30 ? NZ  ? B LYS 30 NZ  
52 1 Y 1 B GLU 40 ? OE1 ? B GLU 40 OE1 
53 1 Y 1 B GLU 40 ? OE2 ? B GLU 40 OE2 
54 1 Y 1 B LYS 51 ? CG  ? B LYS 51 CG  
55 1 Y 1 B LYS 51 ? CD  ? B LYS 51 CD  
56 1 Y 1 B LYS 51 ? CE  ? B LYS 51 CE  
57 1 Y 1 B LYS 51 ? NZ  ? B LYS 51 NZ  
58 1 Y 1 B ASP 52 ? OD1 ? B ASP 52 OD1 
59 1 Y 1 B ASP 52 ? OD2 ? B ASP 52 OD2 
60 1 Y 1 B GLN 67 ? OE1 ? B GLN 67 OE1 
61 1 Y 1 B GLN 67 ? NE2 ? B GLN 67 NE2 
62 1 Y 1 B LYS 72 ? NZ  ? B LYS 72 NZ  
63 1 Y 1 B ARG 78 ? CG  ? B ARG 78 CG  
64 1 Y 1 B ARG 78 ? CD  ? B ARG 78 CD  
65 1 Y 1 B ARG 78 ? NE  ? B ARG 78 NE  
66 1 Y 1 B ARG 78 ? CZ  ? B ARG 78 CZ  
67 1 Y 1 B ARG 78 ? NH1 ? B ARG 78 NH1 
68 1 Y 1 B ARG 78 ? NH2 ? B ARG 78 NH2 
69 1 Y 1 B LYS 85 ? CE  ? B LYS 85 CE  
70 1 Y 1 B LYS 85 ? NZ  ? B LYS 85 NZ  
71 1 Y 1 B LYS 89 ? CE  ? B LYS 89 CE  
72 1 Y 1 B LYS 89 ? NZ  ? B LYS 89 NZ  
73 1 Y 1 B LYS 90 ? CD  ? B LYS 90 CD  
74 1 Y 1 B LYS 90 ? CE  ? B LYS 90 CE  
75 1 Y 1 B LYS 90 ? NZ  ? B LYS 90 NZ  
76 1 Y 1 B LYS 94 ? CG  ? B LYS 94 CG  
77 1 Y 1 B LYS 94 ? CD  ? B LYS 94 CD  
78 1 Y 1 B LYS 94 ? CE  ? B LYS 94 CE  
79 1 Y 1 B LYS 94 ? NZ  ? B LYS 94 NZ  
# 
loop_
_pdbx_unobs_or_zero_occ_residues.id 
_pdbx_unobs_or_zero_occ_residues.PDB_model_num 
_pdbx_unobs_or_zero_occ_residues.polymer_flag 
_pdbx_unobs_or_zero_occ_residues.occupancy_flag 
_pdbx_unobs_or_zero_occ_residues.auth_asym_id 
_pdbx_unobs_or_zero_occ_residues.auth_comp_id 
_pdbx_unobs_or_zero_occ_residues.auth_seq_id 
_pdbx_unobs_or_zero_occ_residues.PDB_ins_code 
_pdbx_unobs_or_zero_occ_residues.label_asym_id 
_pdbx_unobs_or_zero_occ_residues.label_comp_id 
_pdbx_unobs_or_zero_occ_residues.label_seq_id 
1  1 Y 1 A MET 1  ? A MET 1  
2  1 Y 1 A ALA 2  ? A ALA 2  
3  1 Y 1 A ALA 3  ? A ALA 3  
4  1 Y 1 A GLU 4  ? A GLU 4  
5  1 Y 1 A LYS 91 ? A LYS 91 
6  1 Y 1 A ASP 92 ? A ASP 92 
7  1 Y 1 A LEU 93 ? A LEU 93 
8  1 Y 1 A LYS 94 ? A LYS 94 
9  1 Y 1 A ILE 95 ? A ILE 95 
10 1 Y 1 A ARG 96 ? A ARG 96 
11 1 Y 1 A LYS 97 ? A LYS 97 
12 1 Y 1 A LYS 98 ? A LYS 98 
13 1 Y 1 B MET 1  ? B MET 1  
14 1 Y 1 B ALA 2  ? B ALA 2  
15 1 Y 1 B ALA 3  ? B ALA 3  
16 1 Y 1 B GLU 4  ? B GLU 4  
17 1 Y 1 B PRO 5  ? B PRO 5  
18 1 Y 1 B LYS 97 ? B LYS 97 
19 1 Y 1 B LYS 98 ? B LYS 98 
# 
loop_
_chem_comp_atom.comp_id 
_chem_comp_atom.atom_id 
_chem_comp_atom.type_symbol 
_chem_comp_atom.pdbx_aromatic_flag 
_chem_comp_atom.pdbx_stereo_config 
_chem_comp_atom.pdbx_ordinal 
ALA N    N  N N 1   
ALA CA   C  N S 2   
ALA C    C  N N 3   
ALA O    O  N N 4   
ALA CB   C  N N 5   
ALA OXT  O  N N 6   
ALA H    H  N N 7   
ALA H2   H  N N 8   
ALA HA   H  N N 9   
ALA HB1  H  N N 10  
ALA HB2  H  N N 11  
ALA HB3  H  N N 12  
ALA HXT  H  N N 13  
ARG N    N  N N 14  
ARG CA   C  N S 15  
ARG C    C  N N 16  
ARG O    O  N N 17  
ARG CB   C  N N 18  
ARG CG   C  N N 19  
ARG CD   C  N N 20  
ARG NE   N  N N 21  
ARG CZ   C  N N 22  
ARG NH1  N  N N 23  
ARG NH2  N  N N 24  
ARG OXT  O  N N 25  
ARG H    H  N N 26  
ARG H2   H  N N 27  
ARG HA   H  N N 28  
ARG HB2  H  N N 29  
ARG HB3  H  N N 30  
ARG HG2  H  N N 31  
ARG HG3  H  N N 32  
ARG HD2  H  N N 33  
ARG HD3  H  N N 34  
ARG HE   H  N N 35  
ARG HH11 H  N N 36  
ARG HH12 H  N N 37  
ARG HH21 H  N N 38  
ARG HH22 H  N N 39  
ARG HXT  H  N N 40  
ASN N    N  N N 41  
ASN CA   C  N S 42  
ASN C    C  N N 43  
ASN O    O  N N 44  
ASN CB   C  N N 45  
ASN CG   C  N N 46  
ASN OD1  O  N N 47  
ASN ND2  N  N N 48  
ASN OXT  O  N N 49  
ASN H    H  N N 50  
ASN H2   H  N N 51  
ASN HA   H  N N 52  
ASN HB2  H  N N 53  
ASN HB3  H  N N 54  
ASN HD21 H  N N 55  
ASN HD22 H  N N 56  
ASN HXT  H  N N 57  
ASP N    N  N N 58  
ASP CA   C  N S 59  
ASP C    C  N N 60  
ASP O    O  N N 61  
ASP CB   C  N N 62  
ASP CG   C  N N 63  
ASP OD1  O  N N 64  
ASP OD2  O  N N 65  
ASP OXT  O  N N 66  
ASP H    H  N N 67  
ASP H2   H  N N 68  
ASP HA   H  N N 69  
ASP HB2  H  N N 70  
ASP HB3  H  N N 71  
ASP HD2  H  N N 72  
ASP HXT  H  N N 73  
CA  CA   CA N N 74  
GLN N    N  N N 75  
GLN CA   C  N S 76  
GLN C    C  N N 77  
GLN O    O  N N 78  
GLN CB   C  N N 79  
GLN CG   C  N N 80  
GLN CD   C  N N 81  
GLN OE1  O  N N 82  
GLN NE2  N  N N 83  
GLN OXT  O  N N 84  
GLN H    H  N N 85  
GLN H2   H  N N 86  
GLN HA   H  N N 87  
GLN HB2  H  N N 88  
GLN HB3  H  N N 89  
GLN HG2  H  N N 90  
GLN HG3  H  N N 91  
GLN HE21 H  N N 92  
GLN HE22 H  N N 93  
GLN HXT  H  N N 94  
GLU N    N  N N 95  
GLU CA   C  N S 96  
GLU C    C  N N 97  
GLU O    O  N N 98  
GLU CB   C  N N 99  
GLU CG   C  N N 100 
GLU CD   C  N N 101 
GLU OE1  O  N N 102 
GLU OE2  O  N N 103 
GLU OXT  O  N N 104 
GLU H    H  N N 105 
GLU H2   H  N N 106 
GLU HA   H  N N 107 
GLU HB2  H  N N 108 
GLU HB3  H  N N 109 
GLU HG2  H  N N 110 
GLU HG3  H  N N 111 
GLU HE2  H  N N 112 
GLU HXT  H  N N 113 
GLY N    N  N N 114 
GLY CA   C  N N 115 
GLY C    C  N N 116 
GLY O    O  N N 117 
GLY OXT  O  N N 118 
GLY H    H  N N 119 
GLY H2   H  N N 120 
GLY HA2  H  N N 121 
GLY HA3  H  N N 122 
GLY HXT  H  N N 123 
HIS N    N  N N 124 
HIS CA   C  N S 125 
HIS C    C  N N 126 
HIS O    O  N N 127 
HIS CB   C  N N 128 
HIS CG   C  Y N 129 
HIS ND1  N  Y N 130 
HIS CD2  C  Y N 131 
HIS CE1  C  Y N 132 
HIS NE2  N  Y N 133 
HIS OXT  O  N N 134 
HIS H    H  N N 135 
HIS H2   H  N N 136 
HIS HA   H  N N 137 
HIS HB2  H  N N 138 
HIS HB3  H  N N 139 
HIS HD1  H  N N 140 
HIS HD2  H  N N 141 
HIS HE1  H  N N 142 
HIS HE2  H  N N 143 
HIS HXT  H  N N 144 
HOH O    O  N N 145 
HOH H1   H  N N 146 
HOH H2   H  N N 147 
ILE N    N  N N 148 
ILE CA   C  N S 149 
ILE C    C  N N 150 
ILE O    O  N N 151 
ILE CB   C  N S 152 
ILE CG1  C  N N 153 
ILE CG2  C  N N 154 
ILE CD1  C  N N 155 
ILE OXT  O  N N 156 
ILE H    H  N N 157 
ILE H2   H  N N 158 
ILE HA   H  N N 159 
ILE HB   H  N N 160 
ILE HG12 H  N N 161 
ILE HG13 H  N N 162 
ILE HG21 H  N N 163 
ILE HG22 H  N N 164 
ILE HG23 H  N N 165 
ILE HD11 H  N N 166 
ILE HD12 H  N N 167 
ILE HD13 H  N N 168 
ILE HXT  H  N N 169 
LEU N    N  N N 170 
LEU CA   C  N S 171 
LEU C    C  N N 172 
LEU O    O  N N 173 
LEU CB   C  N N 174 
LEU CG   C  N N 175 
LEU CD1  C  N N 176 
LEU CD2  C  N N 177 
LEU OXT  O  N N 178 
LEU H    H  N N 179 
LEU H2   H  N N 180 
LEU HA   H  N N 181 
LEU HB2  H  N N 182 
LEU HB3  H  N N 183 
LEU HG   H  N N 184 
LEU HD11 H  N N 185 
LEU HD12 H  N N 186 
LEU HD13 H  N N 187 
LEU HD21 H  N N 188 
LEU HD22 H  N N 189 
LEU HD23 H  N N 190 
LEU HXT  H  N N 191 
LYS N    N  N N 192 
LYS CA   C  N S 193 
LYS C    C  N N 194 
LYS O    O  N N 195 
LYS CB   C  N N 196 
LYS CG   C  N N 197 
LYS CD   C  N N 198 
LYS CE   C  N N 199 
LYS NZ   N  N N 200 
LYS OXT  O  N N 201 
LYS H    H  N N 202 
LYS H2   H  N N 203 
LYS HA   H  N N 204 
LYS HB2  H  N N 205 
LYS HB3  H  N N 206 
LYS HG2  H  N N 207 
LYS HG3  H  N N 208 
LYS HD2  H  N N 209 
LYS HD3  H  N N 210 
LYS HE2  H  N N 211 
LYS HE3  H  N N 212 
LYS HZ1  H  N N 213 
LYS HZ2  H  N N 214 
LYS HZ3  H  N N 215 
LYS HXT  H  N N 216 
MET N    N  N N 217 
MET CA   C  N S 218 
MET C    C  N N 219 
MET O    O  N N 220 
MET CB   C  N N 221 
MET CG   C  N N 222 
MET SD   S  N N 223 
MET CE   C  N N 224 
MET OXT  O  N N 225 
MET H    H  N N 226 
MET H2   H  N N 227 
MET HA   H  N N 228 
MET HB2  H  N N 229 
MET HB3  H  N N 230 
MET HG2  H  N N 231 
MET HG3  H  N N 232 
MET HE1  H  N N 233 
MET HE2  H  N N 234 
MET HE3  H  N N 235 
MET HXT  H  N N 236 
PHE N    N  N N 237 
PHE CA   C  N S 238 
PHE C    C  N N 239 
PHE O    O  N N 240 
PHE CB   C  N N 241 
PHE CG   C  Y N 242 
PHE CD1  C  Y N 243 
PHE CD2  C  Y N 244 
PHE CE1  C  Y N 245 
PHE CE2  C  Y N 246 
PHE CZ   C  Y N 247 
PHE OXT  O  N N 248 
PHE H    H  N N 249 
PHE H2   H  N N 250 
PHE HA   H  N N 251 
PHE HB2  H  N N 252 
PHE HB3  H  N N 253 
PHE HD1  H  N N 254 
PHE HD2  H  N N 255 
PHE HE1  H  N N 256 
PHE HE2  H  N N 257 
PHE HZ   H  N N 258 
PHE HXT  H  N N 259 
PRO N    N  N N 260 
PRO CA   C  N S 261 
PRO C    C  N N 262 
PRO O    O  N N 263 
PRO CB   C  N N 264 
PRO CG   C  N N 265 
PRO CD   C  N N 266 
PRO OXT  O  N N 267 
PRO H    H  N N 268 
PRO HA   H  N N 269 
PRO HB2  H  N N 270 
PRO HB3  H  N N 271 
PRO HG2  H  N N 272 
PRO HG3  H  N N 273 
PRO HD2  H  N N 274 
PRO HD3  H  N N 275 
PRO HXT  H  N N 276 
SER N    N  N N 277 
SER CA   C  N S 278 
SER C    C  N N 279 
SER O    O  N N 280 
SER CB   C  N N 281 
SER OG   O  N N 282 
SER OXT  O  N N 283 
SER H    H  N N 284 
SER H2   H  N N 285 
SER HA   H  N N 286 
SER HB2  H  N N 287 
SER HB3  H  N N 288 
SER HG   H  N N 289 
SER HXT  H  N N 290 
THR N    N  N N 291 
THR CA   C  N S 292 
THR C    C  N N 293 
THR O    O  N N 294 
THR CB   C  N R 295 
THR OG1  O  N N 296 
THR CG2  C  N N 297 
THR OXT  O  N N 298 
THR H    H  N N 299 
THR H2   H  N N 300 
THR HA   H  N N 301 
THR HB   H  N N 302 
THR HG1  H  N N 303 
THR HG21 H  N N 304 
THR HG22 H  N N 305 
THR HG23 H  N N 306 
THR HXT  H  N N 307 
TRP N    N  N N 308 
TRP CA   C  N S 309 
TRP C    C  N N 310 
TRP O    O  N N 311 
TRP CB   C  N N 312 
TRP CG   C  Y N 313 
TRP CD1  C  Y N 314 
TRP CD2  C  Y N 315 
TRP NE1  N  Y N 316 
TRP CE2  C  Y N 317 
TRP CE3  C  Y N 318 
TRP CZ2  C  Y N 319 
TRP CZ3  C  Y N 320 
TRP CH2  C  Y N 321 
TRP OXT  O  N N 322 
TRP H    H  N N 323 
TRP H2   H  N N 324 
TRP HA   H  N N 325 
TRP HB2  H  N N 326 
TRP HB3  H  N N 327 
TRP HD1  H  N N 328 
TRP HE1  H  N N 329 
TRP HE3  H  N N 330 
TRP HZ2  H  N N 331 
TRP HZ3  H  N N 332 
TRP HH2  H  N N 333 
TRP HXT  H  N N 334 
TYR N    N  N N 335 
TYR CA   C  N S 336 
TYR C    C  N N 337 
TYR O    O  N N 338 
TYR CB   C  N N 339 
TYR CG   C  Y N 340 
TYR CD1  C  Y N 341 
TYR CD2  C  Y N 342 
TYR CE1  C  Y N 343 
TYR CE2  C  Y N 344 
TYR CZ   C  Y N 345 
TYR OH   O  N N 346 
TYR OXT  O  N N 347 
TYR H    H  N N 348 
TYR H2   H  N N 349 
TYR HA   H  N N 350 
TYR HB2  H  N N 351 
TYR HB3  H  N N 352 
TYR HD1  H  N N 353 
TYR HD2  H  N N 354 
TYR HE1  H  N N 355 
TYR HE2  H  N N 356 
TYR HH   H  N N 357 
TYR HXT  H  N N 358 
VAL N    N  N N 359 
VAL CA   C  N S 360 
VAL C    C  N N 361 
VAL O    O  N N 362 
VAL CB   C  N N 363 
VAL CG1  C  N N 364 
VAL CG2  C  N N 365 
VAL OXT  O  N N 366 
VAL H    H  N N 367 
VAL H2   H  N N 368 
VAL HA   H  N N 369 
VAL HB   H  N N 370 
VAL HG11 H  N N 371 
VAL HG12 H  N N 372 
VAL HG13 H  N N 373 
VAL HG21 H  N N 374 
VAL HG22 H  N N 375 
VAL HG23 H  N N 376 
VAL HXT  H  N N 377 
# 
loop_
_chem_comp_bond.comp_id 
_chem_comp_bond.atom_id_1 
_chem_comp_bond.atom_id_2 
_chem_comp_bond.value_order 
_chem_comp_bond.pdbx_aromatic_flag 
_chem_comp_bond.pdbx_stereo_config 
_chem_comp_bond.pdbx_ordinal 
ALA N   CA   sing N N 1   
ALA N   H    sing N N 2   
ALA N   H2   sing N N 3   
ALA CA  C    sing N N 4   
ALA CA  CB   sing N N 5   
ALA CA  HA   sing N N 6   
ALA C   O    doub N N 7   
ALA C   OXT  sing N N 8   
ALA CB  HB1  sing N N 9   
ALA CB  HB2  sing N N 10  
ALA CB  HB3  sing N N 11  
ALA OXT HXT  sing N N 12  
ARG N   CA   sing N N 13  
ARG N   H    sing N N 14  
ARG N   H2   sing N N 15  
ARG CA  C    sing N N 16  
ARG CA  CB   sing N N 17  
ARG CA  HA   sing N N 18  
ARG C   O    doub N N 19  
ARG C   OXT  sing N N 20  
ARG CB  CG   sing N N 21  
ARG CB  HB2  sing N N 22  
ARG CB  HB3  sing N N 23  
ARG CG  CD   sing N N 24  
ARG CG  HG2  sing N N 25  
ARG CG  HG3  sing N N 26  
ARG CD  NE   sing N N 27  
ARG CD  HD2  sing N N 28  
ARG CD  HD3  sing N N 29  
ARG NE  CZ   sing N N 30  
ARG NE  HE   sing N N 31  
ARG CZ  NH1  sing N N 32  
ARG CZ  NH2  doub N N 33  
ARG NH1 HH11 sing N N 34  
ARG NH1 HH12 sing N N 35  
ARG NH2 HH21 sing N N 36  
ARG NH2 HH22 sing N N 37  
ARG OXT HXT  sing N N 38  
ASN N   CA   sing N N 39  
ASN N   H    sing N N 40  
ASN N   H2   sing N N 41  
ASN CA  C    sing N N 42  
ASN CA  CB   sing N N 43  
ASN CA  HA   sing N N 44  
ASN C   O    doub N N 45  
ASN C   OXT  sing N N 46  
ASN CB  CG   sing N N 47  
ASN CB  HB2  sing N N 48  
ASN CB  HB3  sing N N 49  
ASN CG  OD1  doub N N 50  
ASN CG  ND2  sing N N 51  
ASN ND2 HD21 sing N N 52  
ASN ND2 HD22 sing N N 53  
ASN OXT HXT  sing N N 54  
ASP N   CA   sing N N 55  
ASP N   H    sing N N 56  
ASP N   H2   sing N N 57  
ASP CA  C    sing N N 58  
ASP CA  CB   sing N N 59  
ASP CA  HA   sing N N 60  
ASP C   O    doub N N 61  
ASP C   OXT  sing N N 62  
ASP CB  CG   sing N N 63  
ASP CB  HB2  sing N N 64  
ASP CB  HB3  sing N N 65  
ASP CG  OD1  doub N N 66  
ASP CG  OD2  sing N N 67  
ASP OD2 HD2  sing N N 68  
ASP OXT HXT  sing N N 69  
GLN N   CA   sing N N 70  
GLN N   H    sing N N 71  
GLN N   H2   sing N N 72  
GLN CA  C    sing N N 73  
GLN CA  CB   sing N N 74  
GLN CA  HA   sing N N 75  
GLN C   O    doub N N 76  
GLN C   OXT  sing N N 77  
GLN CB  CG   sing N N 78  
GLN CB  HB2  sing N N 79  
GLN CB  HB3  sing N N 80  
GLN CG  CD   sing N N 81  
GLN CG  HG2  sing N N 82  
GLN CG  HG3  sing N N 83  
GLN CD  OE1  doub N N 84  
GLN CD  NE2  sing N N 85  
GLN NE2 HE21 sing N N 86  
GLN NE2 HE22 sing N N 87  
GLN OXT HXT  sing N N 88  
GLU N   CA   sing N N 89  
GLU N   H    sing N N 90  
GLU N   H2   sing N N 91  
GLU CA  C    sing N N 92  
GLU CA  CB   sing N N 93  
GLU CA  HA   sing N N 94  
GLU C   O    doub N N 95  
GLU C   OXT  sing N N 96  
GLU CB  CG   sing N N 97  
GLU CB  HB2  sing N N 98  
GLU CB  HB3  sing N N 99  
GLU CG  CD   sing N N 100 
GLU CG  HG2  sing N N 101 
GLU CG  HG3  sing N N 102 
GLU CD  OE1  doub N N 103 
GLU CD  OE2  sing N N 104 
GLU OE2 HE2  sing N N 105 
GLU OXT HXT  sing N N 106 
GLY N   CA   sing N N 107 
GLY N   H    sing N N 108 
GLY N   H2   sing N N 109 
GLY CA  C    sing N N 110 
GLY CA  HA2  sing N N 111 
GLY CA  HA3  sing N N 112 
GLY C   O    doub N N 113 
GLY C   OXT  sing N N 114 
GLY OXT HXT  sing N N 115 
HIS N   CA   sing N N 116 
HIS N   H    sing N N 117 
HIS N   H2   sing N N 118 
HIS CA  C    sing N N 119 
HIS CA  CB   sing N N 120 
HIS CA  HA   sing N N 121 
HIS C   O    doub N N 122 
HIS C   OXT  sing N N 123 
HIS CB  CG   sing N N 124 
HIS CB  HB2  sing N N 125 
HIS CB  HB3  sing N N 126 
HIS CG  ND1  sing Y N 127 
HIS CG  CD2  doub Y N 128 
HIS ND1 CE1  doub Y N 129 
HIS ND1 HD1  sing N N 130 
HIS CD2 NE2  sing Y N 131 
HIS CD2 HD2  sing N N 132 
HIS CE1 NE2  sing Y N 133 
HIS CE1 HE1  sing N N 134 
HIS NE2 HE2  sing N N 135 
HIS OXT HXT  sing N N 136 
HOH O   H1   sing N N 137 
HOH O   H2   sing N N 138 
ILE N   CA   sing N N 139 
ILE N   H    sing N N 140 
ILE N   H2   sing N N 141 
ILE CA  C    sing N N 142 
ILE CA  CB   sing N N 143 
ILE CA  HA   sing N N 144 
ILE C   O    doub N N 145 
ILE C   OXT  sing N N 146 
ILE CB  CG1  sing N N 147 
ILE CB  CG2  sing N N 148 
ILE CB  HB   sing N N 149 
ILE CG1 CD1  sing N N 150 
ILE CG1 HG12 sing N N 151 
ILE CG1 HG13 sing N N 152 
ILE CG2 HG21 sing N N 153 
ILE CG2 HG22 sing N N 154 
ILE CG2 HG23 sing N N 155 
ILE CD1 HD11 sing N N 156 
ILE CD1 HD12 sing N N 157 
ILE CD1 HD13 sing N N 158 
ILE OXT HXT  sing N N 159 
LEU N   CA   sing N N 160 
LEU N   H    sing N N 161 
LEU N   H2   sing N N 162 
LEU CA  C    sing N N 163 
LEU CA  CB   sing N N 164 
LEU CA  HA   sing N N 165 
LEU C   O    doub N N 166 
LEU C   OXT  sing N N 167 
LEU CB  CG   sing N N 168 
LEU CB  HB2  sing N N 169 
LEU CB  HB3  sing N N 170 
LEU CG  CD1  sing N N 171 
LEU CG  CD2  sing N N 172 
LEU CG  HG   sing N N 173 
LEU CD1 HD11 sing N N 174 
LEU CD1 HD12 sing N N 175 
LEU CD1 HD13 sing N N 176 
LEU CD2 HD21 sing N N 177 
LEU CD2 HD22 sing N N 178 
LEU CD2 HD23 sing N N 179 
LEU OXT HXT  sing N N 180 
LYS N   CA   sing N N 181 
LYS N   H    sing N N 182 
LYS N   H2   sing N N 183 
LYS CA  C    sing N N 184 
LYS CA  CB   sing N N 185 
LYS CA  HA   sing N N 186 
LYS C   O    doub N N 187 
LYS C   OXT  sing N N 188 
LYS CB  CG   sing N N 189 
LYS CB  HB2  sing N N 190 
LYS CB  HB3  sing N N 191 
LYS CG  CD   sing N N 192 
LYS CG  HG2  sing N N 193 
LYS CG  HG3  sing N N 194 
LYS CD  CE   sing N N 195 
LYS CD  HD2  sing N N 196 
LYS CD  HD3  sing N N 197 
LYS CE  NZ   sing N N 198 
LYS CE  HE2  sing N N 199 
LYS CE  HE3  sing N N 200 
LYS NZ  HZ1  sing N N 201 
LYS NZ  HZ2  sing N N 202 
LYS NZ  HZ3  sing N N 203 
LYS OXT HXT  sing N N 204 
MET N   CA   sing N N 205 
MET N   H    sing N N 206 
MET N   H2   sing N N 207 
MET CA  C    sing N N 208 
MET CA  CB   sing N N 209 
MET CA  HA   sing N N 210 
MET C   O    doub N N 211 
MET C   OXT  sing N N 212 
MET CB  CG   sing N N 213 
MET CB  HB2  sing N N 214 
MET CB  HB3  sing N N 215 
MET CG  SD   sing N N 216 
MET CG  HG2  sing N N 217 
MET CG  HG3  sing N N 218 
MET SD  CE   sing N N 219 
MET CE  HE1  sing N N 220 
MET CE  HE2  sing N N 221 
MET CE  HE3  sing N N 222 
MET OXT HXT  sing N N 223 
PHE N   CA   sing N N 224 
PHE N   H    sing N N 225 
PHE N   H2   sing N N 226 
PHE CA  C    sing N N 227 
PHE CA  CB   sing N N 228 
PHE CA  HA   sing N N 229 
PHE C   O    doub N N 230 
PHE C   OXT  sing N N 231 
PHE CB  CG   sing N N 232 
PHE CB  HB2  sing N N 233 
PHE CB  HB3  sing N N 234 
PHE CG  CD1  doub Y N 235 
PHE CG  CD2  sing Y N 236 
PHE CD1 CE1  sing Y N 237 
PHE CD1 HD1  sing N N 238 
PHE CD2 CE2  doub Y N 239 
PHE CD2 HD2  sing N N 240 
PHE CE1 CZ   doub Y N 241 
PHE CE1 HE1  sing N N 242 
PHE CE2 CZ   sing Y N 243 
PHE CE2 HE2  sing N N 244 
PHE CZ  HZ   sing N N 245 
PHE OXT HXT  sing N N 246 
PRO N   CA   sing N N 247 
PRO N   CD   sing N N 248 
PRO N   H    sing N N 249 
PRO CA  C    sing N N 250 
PRO CA  CB   sing N N 251 
PRO CA  HA   sing N N 252 
PRO C   O    doub N N 253 
PRO C   OXT  sing N N 254 
PRO CB  CG   sing N N 255 
PRO CB  HB2  sing N N 256 
PRO CB  HB3  sing N N 257 
PRO CG  CD   sing N N 258 
PRO CG  HG2  sing N N 259 
PRO CG  HG3  sing N N 260 
PRO CD  HD2  sing N N 261 
PRO CD  HD3  sing N N 262 
PRO OXT HXT  sing N N 263 
SER N   CA   sing N N 264 
SER N   H    sing N N 265 
SER N   H2   sing N N 266 
SER CA  C    sing N N 267 
SER CA  CB   sing N N 268 
SER CA  HA   sing N N 269 
SER C   O    doub N N 270 
SER C   OXT  sing N N 271 
SER CB  OG   sing N N 272 
SER CB  HB2  sing N N 273 
SER CB  HB3  sing N N 274 
SER OG  HG   sing N N 275 
SER OXT HXT  sing N N 276 
THR N   CA   sing N N 277 
THR N   H    sing N N 278 
THR N   H2   sing N N 279 
THR CA  C    sing N N 280 
THR CA  CB   sing N N 281 
THR CA  HA   sing N N 282 
THR C   O    doub N N 283 
THR C   OXT  sing N N 284 
THR CB  OG1  sing N N 285 
THR CB  CG2  sing N N 286 
THR CB  HB   sing N N 287 
THR OG1 HG1  sing N N 288 
THR CG2 HG21 sing N N 289 
THR CG2 HG22 sing N N 290 
THR CG2 HG23 sing N N 291 
THR OXT HXT  sing N N 292 
TRP N   CA   sing N N 293 
TRP N   H    sing N N 294 
TRP N   H2   sing N N 295 
TRP CA  C    sing N N 296 
TRP CA  CB   sing N N 297 
TRP CA  HA   sing N N 298 
TRP C   O    doub N N 299 
TRP C   OXT  sing N N 300 
TRP CB  CG   sing N N 301 
TRP CB  HB2  sing N N 302 
TRP CB  HB3  sing N N 303 
TRP CG  CD1  doub Y N 304 
TRP CG  CD2  sing Y N 305 
TRP CD1 NE1  sing Y N 306 
TRP CD1 HD1  sing N N 307 
TRP CD2 CE2  doub Y N 308 
TRP CD2 CE3  sing Y N 309 
TRP NE1 CE2  sing Y N 310 
TRP NE1 HE1  sing N N 311 
TRP CE2 CZ2  sing Y N 312 
TRP CE3 CZ3  doub Y N 313 
TRP CE3 HE3  sing N N 314 
TRP CZ2 CH2  doub Y N 315 
TRP CZ2 HZ2  sing N N 316 
TRP CZ3 CH2  sing Y N 317 
TRP CZ3 HZ3  sing N N 318 
TRP CH2 HH2  sing N N 319 
TRP OXT HXT  sing N N 320 
TYR N   CA   sing N N 321 
TYR N   H    sing N N 322 
TYR N   H2   sing N N 323 
TYR CA  C    sing N N 324 
TYR CA  CB   sing N N 325 
TYR CA  HA   sing N N 326 
TYR C   O    doub N N 327 
TYR C   OXT  sing N N 328 
TYR CB  CG   sing N N 329 
TYR CB  HB2  sing N N 330 
TYR CB  HB3  sing N N 331 
TYR CG  CD1  doub Y N 332 
TYR CG  CD2  sing Y N 333 
TYR CD1 CE1  sing Y N 334 
TYR CD1 HD1  sing N N 335 
TYR CD2 CE2  doub Y N 336 
TYR CD2 HD2  sing N N 337 
TYR CE1 CZ   doub Y N 338 
TYR CE1 HE1  sing N N 339 
TYR CE2 CZ   sing Y N 340 
TYR CE2 HE2  sing N N 341 
TYR CZ  OH   sing N N 342 
TYR OH  HH   sing N N 343 
TYR OXT HXT  sing N N 344 
VAL N   CA   sing N N 345 
VAL N   H    sing N N 346 
VAL N   H2   sing N N 347 
VAL CA  C    sing N N 348 
VAL CA  CB   sing N N 349 
VAL CA  HA   sing N N 350 
VAL C   O    doub N N 351 
VAL C   OXT  sing N N 352 
VAL CB  CG1  sing N N 353 
VAL CB  CG2  sing N N 354 
VAL CB  HB   sing N N 355 
VAL CG1 HG11 sing N N 356 
VAL CG1 HG12 sing N N 357 
VAL CG1 HG13 sing N N 358 
VAL CG2 HG21 sing N N 359 
VAL CG2 HG22 sing N N 360 
VAL CG2 HG23 sing N N 361 
VAL OXT HXT  sing N N 362 
# 
loop_
_pdbx_entity_nonpoly.entity_id 
_pdbx_entity_nonpoly.name 
_pdbx_entity_nonpoly.comp_id 
2 'CALCIUM ION' CA  
3 water         HOH 
# 
_pdbx_initial_refinement_model.id               1 
_pdbx_initial_refinement_model.entity_id_list   ? 
_pdbx_initial_refinement_model.type             'experimental model' 
_pdbx_initial_refinement_model.source_name      PDB 
_pdbx_initial_refinement_model.accession_code   1XK4 
_pdbx_initial_refinement_model.details          'PDB ENTRY 1XK4' 
# 
